data_8TOT
#
_entry.id   8TOT
#
_cell.length_a   111.661
_cell.length_b   89.308
_cell.length_c   118.508
_cell.angle_alpha   90.000
_cell.angle_beta   116.930
_cell.angle_gamma   90.000
#
_symmetry.space_group_name_H-M   'P 1 21 1'
#
loop_
_entity.id
_entity.type
_entity.pdbx_description
1 polymer 'Angiotensin-converting enzyme 2'
2 polymer 'Cyclic peptide 2'
3 branched 2-acetamido-2-deoxy-beta-D-glucopyranose-(1-4)-2-acetamido-2-deoxy-beta-D-glucopyranose
4 branched beta-D-mannopyranose-(1-4)-2-acetamido-2-deoxy-beta-D-glucopyranose-(1-4)-2-acetamido-2-deoxy-beta-D-glucopyranose
5 non-polymer 'ZINC ION'
6 non-polymer 2-acetamido-2-deoxy-beta-D-glucopyranose
7 non-polymer 'CHLORIDE ION'
8 water water
#
loop_
_entity_poly.entity_id
_entity_poly.type
_entity_poly.pdbx_seq_one_letter_code
_entity_poly.pdbx_strand_id
1 'polypeptide(L)'
;QSTIEEQAKTFLDKFNHEAEDLFYQSSLASWNYNTNITEENVQNMNNAGDKWSAFLKEQSTLAQMYPLQEIQNLTVKLQL
QALQQNGSSVLSEDKSKRLNTILNTMSTIYSTGKVCNPDNPQECLLLEPGLNEIMANSLDYNERLWAWESWRSEVGKQLR
PLYEEYVVLKNEMARANHYEDYGDYWRGDYEVNGVDGYDYSRGQLIEDVEHTFEEIKPLYEHLHAYVRAKLMNAYPSYIS
PIGCLPAHLLGDMWGRFWTNLYSLTVPFGQKPNIDVTDAMVDQAWDAQRIFKEAEKFFVSVGLPNMTQGFWENSMLTDPG
NVQKAVCHPTAWDLGKGDFRILMCTKVTMDDFLTAHHEMGHIQYDMAYAAQPFLLRNGANEGFHEAVGEIMSLSAATPKH
LKSIGLLSPDFQEDNETEINFLLKQALTIVGTLPFTYMLEKWRWMVFKGEIPKDQWMKKWWEMKREIVGVVEPVPHDETY
CDPASLFHVSNDYSFIRYYTRTLYQFQFQEALCQAAKHEGPLHKCDISNSTEAGQKLFNMLRLGKSEPWTLALENVVGAK
NMNVRPLLNYFEPLFTWLKDQNKNSFVGWSTDWSPYAGSHHHHHHHHHHSGLNDIFEAQKIEWHE
;
A,B
2 'polypeptide(L)' (ACE)YFQRSVRLPYLRC(NH2) C,D
#
loop_
_chem_comp.id
_chem_comp.type
_chem_comp.name
_chem_comp.formula
ACE non-polymer 'ACETYL GROUP' 'C2 H4 O'
BMA D-saccharide, beta linking beta-D-mannopyranose 'C6 H12 O6'
CL non-polymer 'CHLORIDE ION' 'Cl -1'
NAG D-saccharide, beta linking 2-acetamido-2-deoxy-beta-D-glucopyranose 'C8 H15 N O6'
NH2 non-polymer 'AMINO GROUP' 'H2 N'
ZN non-polymer 'ZINC ION' 'Zn 2'
#
# COMPACT_ATOMS: atom_id res chain seq x y z
N SER A 2 25.14 -9.54 -50.28
CA SER A 2 23.89 -9.26 -49.56
C SER A 2 22.91 -8.44 -50.37
N THR A 3 21.65 -8.86 -50.29
CA THR A 3 20.58 -8.14 -50.94
C THR A 3 20.19 -6.91 -50.13
N ILE A 4 19.51 -5.98 -50.79
CA ILE A 4 19.03 -4.78 -50.09
C ILE A 4 18.19 -5.19 -48.88
N GLU A 5 17.31 -6.19 -49.04
CA GLU A 5 16.47 -6.60 -47.92
C GLU A 5 17.27 -7.28 -46.81
N GLU A 6 18.29 -8.07 -47.16
CA GLU A 6 19.10 -8.66 -46.09
C GLU A 6 19.80 -7.58 -45.26
N GLN A 7 20.37 -6.58 -45.93
CA GLN A 7 20.93 -5.43 -45.23
C GLN A 7 19.87 -4.75 -44.36
N ALA A 8 18.66 -4.57 -44.90
CA ALA A 8 17.61 -3.93 -44.14
C ALA A 8 17.28 -4.73 -42.88
N LYS A 9 17.25 -6.06 -43.00
CA LYS A 9 16.96 -6.90 -41.83
C LYS A 9 18.06 -6.75 -40.78
N THR A 10 19.32 -6.74 -41.22
CA THR A 10 20.45 -6.58 -40.30
C THR A 10 20.37 -5.25 -39.60
N PHE A 11 20.07 -4.21 -40.37
CA PHE A 11 19.96 -2.86 -39.81
C PHE A 11 18.85 -2.77 -38.80
N LEU A 12 17.69 -3.35 -39.13
CA LEU A 12 16.54 -3.24 -38.25
C LEU A 12 16.78 -3.98 -36.96
N ASP A 13 17.46 -5.12 -37.02
CA ASP A 13 17.80 -5.81 -35.77
C ASP A 13 18.73 -4.97 -34.91
N LYS A 14 19.74 -4.36 -35.54
CA LYS A 14 20.62 -3.44 -34.81
C LYS A 14 19.82 -2.29 -34.19
N PHE A 15 18.98 -1.64 -35.01
CA PHE A 15 18.22 -0.50 -34.54
C PHE A 15 17.29 -0.89 -33.41
N ASN A 16 16.63 -2.04 -33.53
CA ASN A 16 15.68 -2.42 -32.50
C ASN A 16 16.38 -2.70 -31.19
N HIS A 17 17.56 -3.34 -31.22
CA HIS A 17 18.24 -3.59 -29.96
C HIS A 17 18.63 -2.28 -29.28
N GLU A 18 19.27 -1.39 -30.05
CA GLU A 18 19.68 -0.12 -29.47
C GLU A 18 18.46 0.70 -29.02
N ALA A 19 17.38 0.68 -29.81
CA ALA A 19 16.18 1.43 -29.46
C ALA A 19 15.59 0.92 -28.16
N GLU A 20 15.48 -0.39 -27.99
CA GLU A 20 14.96 -0.90 -26.74
C GLU A 20 15.78 -0.41 -25.56
N ASP A 21 17.10 -0.57 -25.62
CA ASP A 21 17.91 -0.21 -24.46
C ASP A 21 17.84 1.28 -24.17
N LEU A 22 17.88 2.09 -25.22
CA LEU A 22 17.89 3.53 -25.03
C LEU A 22 16.52 4.03 -24.58
N PHE A 23 15.46 3.48 -25.16
CA PHE A 23 14.12 3.87 -24.76
C PHE A 23 13.85 3.48 -23.31
N TYR A 24 14.34 2.31 -22.88
CA TYR A 24 14.15 1.92 -21.50
C TYR A 24 14.81 2.91 -20.57
N GLN A 25 16.06 3.29 -20.91
CA GLN A 25 16.80 4.27 -20.10
C GLN A 25 16.10 5.62 -20.05
N SER A 26 15.66 6.12 -21.20
CA SER A 26 14.96 7.40 -21.22
C SER A 26 13.68 7.33 -20.40
N SER A 27 12.89 6.26 -20.56
CA SER A 27 11.65 6.16 -19.80
C SER A 27 11.92 6.08 -18.31
N LEU A 28 13.05 5.49 -17.90
CA LEU A 28 13.38 5.50 -16.48
C LEU A 28 13.62 6.93 -15.98
N ALA A 29 14.34 7.73 -16.78
CA ALA A 29 14.55 9.12 -16.36
C ALA A 29 13.22 9.89 -16.30
N SER A 30 12.39 9.72 -17.33
CA SER A 30 11.08 10.39 -17.38
C SER A 30 10.20 10.00 -16.19
N TRP A 31 10.16 8.72 -15.86
CA TRP A 31 9.47 8.27 -14.67
C TRP A 31 10.01 8.97 -13.42
N ASN A 32 11.33 9.07 -13.29
CA ASN A 32 11.86 9.75 -12.12
C ASN A 32 11.34 11.17 -12.01
N TYR A 33 11.33 11.89 -13.14
CA TYR A 33 10.86 13.27 -13.08
C TYR A 33 9.36 13.33 -12.77
N ASN A 34 8.55 12.45 -13.38
CA ASN A 34 7.12 12.57 -13.13
C ASN A 34 6.75 12.16 -11.71
N THR A 35 7.49 11.21 -11.14
CA THR A 35 7.21 10.79 -9.77
C THR A 35 7.83 11.74 -8.76
N ASN A 36 8.92 12.40 -9.14
CA ASN A 36 9.73 13.24 -8.25
C ASN A 36 10.19 14.47 -9.02
N ILE A 37 9.49 15.59 -8.86
CA ILE A 37 9.83 16.79 -9.61
C ILE A 37 10.97 17.50 -8.89
N THR A 38 12.19 17.37 -9.40
CA THR A 38 13.37 18.05 -8.89
C THR A 38 14.21 18.52 -10.06
N GLU A 39 15.02 19.57 -9.80
CA GLU A 39 15.91 20.10 -10.85
C GLU A 39 16.82 19.00 -11.38
N GLU A 40 17.43 18.20 -10.50
CA GLU A 40 18.30 17.13 -10.96
C GLU A 40 17.54 16.17 -11.90
N ASN A 41 16.31 15.82 -11.54
CA ASN A 41 15.52 14.91 -12.37
C ASN A 41 15.16 15.56 -13.70
N VAL A 42 14.91 16.87 -13.71
CA VAL A 42 14.66 17.57 -14.97
C VAL A 42 15.89 17.52 -15.84
N GLN A 43 17.06 17.77 -15.25
CA GLN A 43 18.30 17.72 -16.00
C GLN A 43 18.44 16.37 -16.69
N ASN A 44 18.28 15.30 -15.90
CA ASN A 44 18.50 13.97 -16.45
C ASN A 44 17.51 13.68 -17.56
N MET A 45 16.25 14.06 -17.37
CA MET A 45 15.27 13.82 -18.40
C MET A 45 15.55 14.63 -19.68
N ASN A 46 15.95 15.90 -19.54
CA ASN A 46 16.31 16.71 -20.71
C ASN A 46 17.44 16.06 -21.50
N ASN A 47 18.49 15.59 -20.81
CA ASN A 47 19.60 14.93 -21.49
C ASN A 47 19.16 13.63 -22.14
N ALA A 48 18.31 12.86 -21.46
CA ALA A 48 17.77 11.65 -22.07
C ALA A 48 17.01 11.97 -23.34
N GLY A 49 16.22 13.04 -23.32
CA GLY A 49 15.47 13.43 -24.51
C GLY A 49 16.38 13.85 -25.64
N ASP A 50 17.44 14.58 -25.32
CA ASP A 50 18.43 14.96 -26.32
C ASP A 50 19.00 13.72 -26.99
N LYS A 51 19.44 12.75 -26.17
CA LYS A 51 20.00 11.52 -26.70
C LYS A 51 18.99 10.78 -27.55
N TRP A 52 17.74 10.69 -27.07
CA TRP A 52 16.72 9.95 -27.80
C TRP A 52 16.50 10.55 -29.19
N SER A 53 16.34 11.88 -29.24
CA SER A 53 16.06 12.52 -30.53
C SER A 53 17.24 12.41 -31.47
N ALA A 54 18.45 12.56 -30.95
CA ALA A 54 19.62 12.42 -31.80
C ALA A 54 19.73 11.01 -32.34
N PHE A 55 19.46 10.02 -31.48
CA PHE A 55 19.46 8.63 -31.91
C PHE A 55 18.48 8.43 -33.06
N LEU A 56 17.26 8.96 -32.91
CA LEU A 56 16.27 8.73 -33.95
C LEU A 56 16.62 9.48 -35.23
N LYS A 57 17.19 10.68 -35.13
CA LYS A 57 17.63 11.39 -36.33
C LYS A 57 18.65 10.56 -37.09
N GLU A 58 19.66 10.05 -36.39
CA GLU A 58 20.73 9.32 -37.07
C GLU A 58 20.23 8.01 -37.66
N GLN A 59 19.40 7.27 -36.90
CA GLN A 59 18.87 6.02 -37.42
C GLN A 59 17.95 6.25 -38.60
N SER A 60 17.17 7.33 -38.58
CA SER A 60 16.32 7.64 -39.73
C SER A 60 17.17 7.94 -40.95
N THR A 61 18.26 8.70 -40.75
CA THR A 61 19.17 8.98 -41.85
C THR A 61 19.72 7.68 -42.46
N LEU A 62 20.16 6.75 -41.60
CA LEU A 62 20.66 5.46 -42.09
C LEU A 62 19.57 4.69 -42.84
N ALA A 63 18.37 4.61 -42.24
CA ALA A 63 17.26 3.91 -42.86
C ALA A 63 16.85 4.53 -44.18
N GLN A 64 17.26 5.76 -44.45
CA GLN A 64 16.96 6.36 -45.74
C GLN A 64 17.62 5.58 -46.87
N MET A 65 18.77 4.95 -46.60
CA MET A 65 19.51 4.28 -47.67
C MET A 65 18.64 3.24 -48.37
N TYR A 66 17.99 2.36 -47.62
CA TYR A 66 17.34 1.19 -48.19
C TYR A 66 16.03 1.59 -48.87
N PRO A 67 15.94 1.50 -50.18
CA PRO A 67 14.69 1.93 -50.85
C PRO A 67 13.54 0.99 -50.55
N LEU A 68 12.34 1.58 -50.44
CA LEU A 68 11.16 0.78 -50.09
C LEU A 68 10.76 -0.11 -51.27
N GLN A 69 10.90 0.38 -52.49
CA GLN A 69 10.49 -0.40 -53.66
C GLN A 69 11.23 -1.73 -53.74
N GLU A 70 12.46 -1.77 -53.23
CA GLU A 70 13.24 -3.01 -53.27
C GLU A 70 13.05 -3.87 -52.04
N ILE A 71 12.05 -3.59 -51.22
CA ILE A 71 11.76 -4.36 -50.02
C ILE A 71 10.45 -5.11 -50.22
N GLN A 72 10.49 -6.42 -50.03
CA GLN A 72 9.32 -7.25 -50.23
C GLN A 72 8.72 -7.76 -48.93
N ASN A 73 9.44 -7.71 -47.82
CA ASN A 73 8.92 -8.15 -46.54
C ASN A 73 8.16 -6.98 -45.91
N LEU A 74 6.85 -7.16 -45.75
CA LEU A 74 5.95 -6.07 -45.33
C LEU A 74 6.22 -5.61 -43.89
N THR A 75 6.55 -6.54 -42.99
CA THR A 75 6.97 -6.16 -41.64
C THR A 75 8.21 -5.26 -41.69
N VAL A 76 9.20 -5.69 -42.47
CA VAL A 76 10.39 -4.87 -42.68
C VAL A 76 10.00 -3.56 -43.34
N LYS A 77 9.17 -3.62 -44.37
CA LYS A 77 8.80 -2.43 -45.12
C LYS A 77 8.15 -1.41 -44.20
N LEU A 78 7.25 -1.89 -43.33
CA LEU A 78 6.57 -1.00 -42.39
C LEU A 78 7.56 -0.33 -41.45
N GLN A 79 8.44 -1.13 -40.82
CA GLN A 79 9.42 -0.49 -39.95
C GLN A 79 10.20 0.57 -40.71
N LEU A 80 10.66 0.24 -41.92
CA LEU A 80 11.42 1.20 -42.71
C LEU A 80 10.60 2.45 -42.97
N GLN A 81 9.35 2.28 -43.42
CA GLN A 81 8.46 3.39 -43.70
C GLN A 81 8.38 4.32 -42.51
N ALA A 82 8.21 3.74 -41.32
CA ALA A 82 8.10 4.53 -40.10
C ALA A 82 9.39 5.28 -39.81
N LEU A 83 10.52 4.59 -39.97
CA LEU A 83 11.79 5.18 -39.63
C LEU A 83 12.24 6.20 -40.67
N GLN A 84 11.62 6.26 -41.84
CA GLN A 84 12.09 7.19 -42.86
C GLN A 84 11.49 8.59 -42.75
N GLN A 85 10.59 8.85 -41.79
CA GLN A 85 9.97 10.17 -41.70
C GLN A 85 10.89 11.19 -41.05
N ASN A 86 11.05 12.33 -41.73
CA ASN A 86 12.01 13.34 -41.28
C ASN A 86 11.57 14.00 -39.97
N GLY A 87 10.26 14.29 -39.84
CA GLY A 87 9.74 14.88 -38.62
C GLY A 87 10.20 16.32 -38.43
N SER A 88 10.64 16.64 -37.22
CA SER A 88 11.08 18.00 -36.90
C SER A 88 12.55 18.22 -37.23
N SER A 89 13.24 17.20 -37.75
CA SER A 89 14.65 17.34 -38.05
C SER A 89 14.91 18.30 -39.20
N VAL A 90 13.89 18.64 -39.97
CA VAL A 90 14.07 19.50 -41.14
C VAL A 90 14.46 20.92 -40.73
N LEU A 91 14.16 21.34 -39.50
CA LEU A 91 14.48 22.70 -39.12
C LEU A 91 15.97 22.87 -38.85
N SER A 92 16.44 24.12 -38.94
CA SER A 92 17.82 24.43 -38.61
C SER A 92 18.05 24.26 -37.12
N GLU A 93 19.32 24.09 -36.74
CA GLU A 93 19.62 23.86 -35.34
C GLU A 93 19.14 25.03 -34.48
N ASP A 94 19.32 26.25 -34.96
CA ASP A 94 18.83 27.40 -34.21
C ASP A 94 17.31 27.40 -34.13
N LYS A 95 16.65 27.21 -35.28
CA LYS A 95 15.19 27.25 -35.29
C LYS A 95 14.61 26.10 -34.46
N SER A 96 15.17 24.89 -34.58
CA SER A 96 14.72 23.76 -33.79
C SER A 96 14.93 24.02 -32.29
N LYS A 97 16.08 24.60 -31.93
CA LYS A 97 16.32 24.98 -30.53
C LYS A 97 15.28 25.99 -30.06
N ARG A 98 14.98 26.98 -30.90
CA ARG A 98 14.00 28.00 -30.55
C ARG A 98 12.64 27.39 -30.29
N LEU A 99 12.20 26.50 -31.19
CA LEU A 99 10.89 25.89 -31.03
C LEU A 99 10.85 25.05 -29.76
N ASN A 100 11.92 24.28 -29.49
CA ASN A 100 11.98 23.51 -28.26
C ASN A 100 11.87 24.41 -27.04
N THR A 101 12.54 25.55 -27.07
CA THR A 101 12.48 26.48 -25.94
C THR A 101 11.08 27.06 -25.77
N ILE A 102 10.40 27.34 -26.88
CA ILE A 102 9.03 27.84 -26.79
C ILE A 102 8.13 26.79 -26.13
N LEU A 103 8.22 25.53 -26.58
CA LEU A 103 7.38 24.47 -26.01
C LEU A 103 7.67 24.27 -24.53
N ASN A 104 8.95 24.25 -24.16
CA ASN A 104 9.32 24.14 -22.76
C ASN A 104 8.80 25.30 -21.94
N THR A 105 8.93 26.53 -22.46
CA THR A 105 8.43 27.68 -21.74
C THR A 105 6.93 27.59 -21.52
N MET A 106 6.18 27.21 -22.57
CA MET A 106 4.74 27.12 -22.44
C MET A 106 4.38 26.09 -21.37
N SER A 107 5.05 24.93 -21.40
CA SER A 107 4.76 23.91 -20.41
C SER A 107 5.02 24.42 -19.01
N THR A 108 6.13 25.14 -18.82
CA THR A 108 6.48 25.60 -17.48
C THR A 108 5.50 26.65 -17.00
N ILE A 109 5.04 27.50 -17.92
CA ILE A 109 4.07 28.54 -17.59
C ILE A 109 2.78 27.90 -17.10
N TYR A 110 2.29 26.92 -17.85
CA TYR A 110 1.05 26.27 -17.44
C TYR A 110 1.19 25.58 -16.09
N SER A 111 2.28 24.81 -15.90
CA SER A 111 2.43 24.01 -14.66
C SER A 111 2.71 24.87 -13.43
N THR A 112 3.35 26.03 -13.59
CA THR A 112 3.66 26.85 -12.43
C THR A 112 2.73 28.02 -12.30
N GLY A 113 1.81 28.19 -13.26
CA GLY A 113 0.86 29.27 -13.24
C GLY A 113 0.05 29.25 -11.98
N LYS A 114 0.00 30.40 -11.29
CA LYS A 114 -0.79 30.56 -10.09
C LYS A 114 -1.43 31.94 -10.07
N VAL A 115 -2.61 32.04 -9.46
CA VAL A 115 -3.32 33.31 -9.32
C VAL A 115 -3.56 33.56 -7.84
N CYS A 116 -3.51 34.83 -7.44
CA CYS A 116 -3.66 35.18 -6.03
C CYS A 116 -4.94 35.98 -5.80
N ASN A 117 -5.52 35.79 -4.62
CA ASN A 117 -6.75 36.48 -4.27
C ASN A 117 -6.52 37.99 -4.35
N PRO A 118 -7.47 38.75 -4.94
CA PRO A 118 -7.23 40.18 -5.12
C PRO A 118 -6.93 40.91 -3.82
N ASP A 119 -7.63 40.58 -2.75
CA ASP A 119 -7.29 41.06 -1.41
C ASP A 119 -6.76 39.88 -0.59
N ASN A 120 -5.84 40.19 0.32
CA ASN A 120 -4.94 39.20 0.91
C ASN A 120 -4.17 38.45 -0.18
N PRO A 121 -3.41 39.18 -1.05
CA PRO A 121 -2.69 38.50 -2.14
C PRO A 121 -1.34 37.96 -1.70
N GLN A 122 -1.30 37.34 -0.52
CA GLN A 122 -0.14 36.60 -0.06
C GLN A 122 -0.31 35.09 -0.25
N GLU A 123 -1.55 34.63 -0.26
CA GLU A 123 -1.90 33.23 -0.50
C GLU A 123 -2.48 33.08 -1.90
N CYS A 124 -1.94 32.14 -2.66
CA CYS A 124 -2.30 31.94 -4.06
C CYS A 124 -2.77 30.52 -4.30
N LEU A 125 -3.37 30.33 -5.46
CA LEU A 125 -3.93 29.05 -5.84
C LEU A 125 -3.36 28.64 -7.20
N LEU A 126 -3.09 27.35 -7.34
CA LEU A 126 -2.66 26.80 -8.61
C LEU A 126 -3.86 26.25 -9.37
N LEU A 127 -3.60 25.80 -10.61
CA LEU A 127 -4.62 25.04 -11.31
C LEU A 127 -4.89 23.73 -10.57
N GLU A 128 -3.85 22.91 -10.41
CA GLU A 128 -3.98 21.65 -9.70
C GLU A 128 -3.38 21.79 -8.32
N PRO A 129 -4.19 21.74 -7.25
CA PRO A 129 -5.60 21.57 -7.17
C PRO A 129 -6.32 22.86 -6.93
N GLY A 130 -5.74 24.05 -6.74
CA GLY A 130 -6.51 25.12 -6.11
C GLY A 130 -7.71 25.54 -6.94
N LEU A 131 -7.49 25.78 -8.21
CA LEU A 131 -8.54 26.34 -9.04
C LEU A 131 -9.47 25.26 -9.55
N ASN A 132 -8.93 24.05 -9.74
CA ASN A 132 -9.73 22.93 -10.22
C ASN A 132 -10.86 22.62 -9.26
N GLU A 133 -10.60 22.61 -7.95
CA GLU A 133 -11.70 22.32 -7.01
C GLU A 133 -12.73 23.44 -7.02
N ILE A 134 -12.30 24.69 -7.18
CA ILE A 134 -13.29 25.76 -7.34
C ILE A 134 -14.18 25.47 -8.55
N MET A 135 -13.55 25.20 -9.70
CA MET A 135 -14.33 25.00 -10.92
C MET A 135 -15.22 23.76 -10.85
N ALA A 136 -14.81 22.75 -10.08
CA ALA A 136 -15.57 21.50 -9.97
C ALA A 136 -16.73 21.58 -8.96
N ASN A 137 -16.55 22.29 -7.84
CA ASN A 137 -17.54 22.27 -6.75
C ASN A 137 -18.18 23.60 -6.41
N SER A 138 -17.59 24.73 -6.77
CA SER A 138 -18.18 25.99 -6.34
C SER A 138 -19.57 26.13 -6.94
N LEU A 139 -20.51 26.61 -6.11
CA LEU A 139 -21.83 26.97 -6.59
C LEU A 139 -22.04 28.49 -6.57
N ASP A 140 -20.95 29.26 -6.43
CA ASP A 140 -20.98 30.72 -6.36
C ASP A 140 -20.60 31.28 -7.71
N TYR A 141 -21.54 31.95 -8.39
CA TYR A 141 -21.28 32.49 -9.72
C TYR A 141 -20.00 33.33 -9.74
N ASN A 142 -19.81 34.15 -8.69
CA ASN A 142 -18.70 35.11 -8.64
C ASN A 142 -17.36 34.42 -8.40
N GLU A 143 -17.30 33.47 -7.45
CA GLU A 143 -16.07 32.72 -7.24
C GLU A 143 -15.66 31.92 -8.47
N ARG A 144 -16.60 31.21 -9.11
CA ARG A 144 -16.25 30.49 -10.32
C ARG A 144 -15.76 31.45 -11.41
N LEU A 145 -16.50 32.54 -11.61
CA LEU A 145 -16.10 33.50 -12.63
C LEU A 145 -14.71 34.03 -12.32
N TRP A 146 -14.43 34.26 -11.04
CA TRP A 146 -13.10 34.72 -10.65
C TRP A 146 -12.05 33.73 -11.09
N ALA A 147 -12.21 32.46 -10.71
CA ALA A 147 -11.20 31.46 -11.06
C ALA A 147 -11.03 31.35 -12.58
N TRP A 148 -12.14 31.31 -13.33
CA TRP A 148 -12.11 31.21 -14.78
C TRP A 148 -11.36 32.38 -15.43
N GLU A 149 -11.72 33.61 -15.03
CA GLU A 149 -11.14 34.80 -15.66
C GLU A 149 -9.70 35.06 -15.19
N SER A 150 -9.41 34.85 -13.91
CA SER A 150 -8.04 35.00 -13.41
C SER A 150 -7.11 34.02 -14.08
N TRP A 151 -7.54 32.76 -14.22
CA TRP A 151 -6.69 31.78 -14.88
C TRP A 151 -6.45 32.15 -16.33
N ARG A 152 -7.48 32.61 -17.03
CA ARG A 152 -7.26 32.91 -18.46
C ARG A 152 -6.48 34.19 -18.66
N SER A 153 -6.49 35.09 -17.68
CA SER A 153 -5.77 36.37 -17.84
C SER A 153 -4.31 36.26 -17.39
N GLU A 154 -4.09 35.75 -16.17
CA GLU A 154 -2.72 35.62 -15.68
C GLU A 154 -1.88 34.69 -16.55
N VAL A 155 -2.44 33.57 -16.98
CA VAL A 155 -1.68 32.54 -17.67
C VAL A 155 -1.83 32.64 -19.19
N GLY A 156 -3.06 32.81 -19.69
CA GLY A 156 -3.25 32.92 -21.13
C GLY A 156 -2.49 34.08 -21.76
N LYS A 157 -2.54 35.26 -21.14
CA LYS A 157 -1.84 36.38 -21.74
C LYS A 157 -0.34 36.14 -21.81
N GLN A 158 0.22 35.37 -20.87
CA GLN A 158 1.63 35.02 -20.95
C GLN A 158 1.91 34.18 -22.18
N LEU A 159 1.02 33.25 -22.49
CA LEU A 159 1.23 32.29 -23.58
C LEU A 159 0.91 32.88 -24.94
N ARG A 160 0.20 34.01 -25.00
CA ARG A 160 -0.23 34.54 -26.30
C ARG A 160 0.93 34.77 -27.28
N PRO A 161 1.97 35.55 -26.95
CA PRO A 161 3.08 35.70 -27.91
C PRO A 161 3.81 34.38 -28.21
N LEU A 162 4.02 33.56 -27.19
CA LEU A 162 4.65 32.27 -27.40
C LEU A 162 3.83 31.42 -28.36
N TYR A 163 2.49 31.40 -28.19
CA TYR A 163 1.66 30.65 -29.13
C TYR A 163 1.78 31.22 -30.54
N GLU A 164 1.89 32.54 -30.66
CA GLU A 164 1.98 33.15 -31.98
C GLU A 164 3.22 32.66 -32.71
N GLU A 165 4.38 32.66 -32.03
CA GLU A 165 5.59 32.15 -32.68
C GLU A 165 5.51 30.64 -32.88
N TYR A 166 4.85 29.94 -31.97
CA TYR A 166 4.69 28.49 -32.08
C TYR A 166 3.99 28.13 -33.37
N VAL A 167 2.96 28.89 -33.75
CA VAL A 167 2.25 28.62 -34.99
C VAL A 167 3.20 28.73 -36.18
N VAL A 168 4.00 29.80 -36.22
CA VAL A 168 4.92 30.04 -37.34
C VAL A 168 5.94 28.90 -37.48
N LEU A 169 6.56 28.53 -36.36
CA LEU A 169 7.62 27.52 -36.41
C LEU A 169 7.06 26.14 -36.71
N LYS A 170 5.93 25.79 -36.10
CA LYS A 170 5.35 24.48 -36.40
C LYS A 170 4.90 24.43 -37.85
N ASN A 171 4.33 25.52 -38.37
CA ASN A 171 3.91 25.50 -39.76
C ASN A 171 5.11 25.36 -40.67
N GLU A 172 6.23 26.01 -40.33
CA GLU A 172 7.44 25.88 -41.12
C GLU A 172 7.91 24.44 -41.18
N MET A 173 7.97 23.78 -40.02
CA MET A 173 8.36 22.37 -40.01
C MET A 173 7.39 21.53 -40.86
N ALA A 174 6.09 21.72 -40.67
CA ALA A 174 5.12 20.91 -41.40
C ALA A 174 5.23 21.11 -42.91
N ARG A 175 5.34 22.37 -43.34
CA ARG A 175 5.48 22.65 -44.78
C ARG A 175 6.80 22.11 -45.32
N ALA A 176 7.85 22.10 -44.49
CA ALA A 176 9.11 21.53 -44.96
C ALA A 176 8.98 20.04 -45.20
N ASN A 177 8.13 19.35 -44.44
CA ASN A 177 7.84 17.95 -44.71
C ASN A 177 6.74 17.77 -45.75
N HIS A 178 6.47 18.81 -46.55
CA HIS A 178 5.51 18.79 -47.65
C HIS A 178 4.07 18.56 -47.19
N TYR A 179 3.74 18.87 -45.94
CA TYR A 179 2.37 18.97 -45.48
C TYR A 179 1.85 20.39 -45.69
N GLU A 180 0.54 20.54 -45.85
CA GLU A 180 -0.02 21.86 -46.12
C GLU A 180 0.20 22.80 -44.95
N ASP A 181 -0.04 22.32 -43.74
CA ASP A 181 0.19 23.12 -42.53
C ASP A 181 0.38 22.13 -41.39
N TYR A 182 0.60 22.68 -40.19
CA TYR A 182 0.78 21.83 -39.02
C TYR A 182 -0.48 21.02 -38.70
N GLY A 183 -1.67 21.56 -38.96
CA GLY A 183 -2.89 20.78 -38.75
C GLY A 183 -2.94 19.58 -39.67
N ASP A 184 -2.59 19.78 -40.93
CA ASP A 184 -2.46 18.67 -41.86
C ASP A 184 -1.47 17.63 -41.35
N TYR A 185 -0.32 18.09 -40.86
CA TYR A 185 0.68 17.20 -40.28
C TYR A 185 0.09 16.39 -39.13
N TRP A 186 -0.78 17.00 -38.33
CA TRP A 186 -1.41 16.27 -37.23
C TRP A 186 -2.41 15.25 -37.76
N ARG A 187 -3.13 15.60 -38.82
CA ARG A 187 -4.11 14.70 -39.39
C ARG A 187 -3.46 13.50 -40.06
N GLY A 188 -2.18 13.63 -40.40
CA GLY A 188 -1.42 12.52 -40.93
C GLY A 188 -1.57 11.23 -40.15
N ASP A 189 -1.93 11.31 -38.87
CA ASP A 189 -2.04 10.11 -38.05
C ASP A 189 -3.02 9.10 -38.67
N TYR A 190 -4.10 9.58 -39.29
CA TYR A 190 -5.11 8.68 -39.85
C TYR A 190 -4.81 8.27 -41.30
N GLU A 191 -3.68 8.68 -41.85
CA GLU A 191 -3.44 8.44 -43.27
C GLU A 191 -3.09 6.98 -43.50
N VAL A 192 -3.61 6.42 -44.61
CA VAL A 192 -3.29 5.07 -45.05
C VAL A 192 -3.09 5.09 -46.56
N ASN A 193 -2.01 4.45 -47.03
CA ASN A 193 -1.65 4.48 -48.44
C ASN A 193 -1.31 3.10 -48.96
N GLY A 194 -1.77 2.81 -50.18
CA GLY A 194 -1.41 1.58 -50.87
C GLY A 194 -1.80 0.32 -50.14
N VAL A 195 -3.04 0.22 -49.67
CA VAL A 195 -3.50 -1.00 -49.02
C VAL A 195 -4.81 -1.42 -49.68
N ASP A 196 -4.92 -1.15 -50.98
CA ASP A 196 -5.91 -1.77 -51.86
C ASP A 196 -7.32 -1.60 -51.28
N GLY A 197 -7.77 -0.35 -51.25
CA GLY A 197 -9.11 -0.08 -50.80
C GLY A 197 -9.27 0.14 -49.31
N TYR A 198 -8.20 -0.02 -48.53
CA TYR A 198 -8.21 0.38 -47.12
C TYR A 198 -7.53 1.71 -46.91
N ASP A 199 -7.20 2.43 -47.99
CA ASP A 199 -6.51 3.69 -47.86
C ASP A 199 -7.44 4.74 -47.24
N TYR A 200 -6.82 5.74 -46.59
CA TYR A 200 -7.53 6.84 -45.97
C TYR A 200 -6.68 8.09 -46.13
N SER A 201 -7.27 9.18 -46.64
CA SER A 201 -6.52 10.39 -46.93
C SER A 201 -6.70 11.42 -45.82
N ARG A 202 -5.75 12.34 -45.73
CA ARG A 202 -5.77 13.31 -44.64
C ARG A 202 -6.96 14.26 -44.77
N GLY A 203 -7.35 14.61 -45.99
CA GLY A 203 -8.54 15.43 -46.16
C GLY A 203 -9.79 14.70 -45.75
N GLN A 204 -9.77 13.36 -45.84
CA GLN A 204 -10.97 12.60 -45.56
C GLN A 204 -11.40 12.72 -44.10
N LEU A 205 -10.44 12.94 -43.18
CA LEU A 205 -10.78 12.97 -41.76
C LEU A 205 -11.66 14.16 -41.40
N ILE A 206 -11.42 15.31 -42.02
CA ILE A 206 -12.28 16.47 -41.78
C ILE A 206 -13.72 16.16 -42.20
N GLU A 207 -13.89 15.62 -43.41
CA GLU A 207 -15.22 15.29 -43.91
C GLU A 207 -15.91 14.30 -43.00
N ASP A 208 -15.19 13.27 -42.59
CA ASP A 208 -15.78 12.27 -41.70
C ASP A 208 -16.18 12.89 -40.36
N VAL A 209 -15.30 13.71 -39.77
CA VAL A 209 -15.60 14.30 -38.47
C VAL A 209 -16.84 15.18 -38.56
N GLU A 210 -16.93 16.01 -39.60
CA GLU A 210 -18.06 16.94 -39.70
C GLU A 210 -19.35 16.20 -40.04
N HIS A 211 -19.27 15.21 -40.93
CA HIS A 211 -20.45 14.43 -41.28
C HIS A 211 -21.04 13.72 -40.06
N THR A 212 -20.18 13.15 -39.20
CA THR A 212 -20.71 12.50 -37.99
C THR A 212 -21.20 13.54 -36.97
N PHE A 213 -20.52 14.68 -36.87
CA PHE A 213 -20.98 15.72 -35.94
C PHE A 213 -22.39 16.21 -36.29
N GLU A 214 -22.74 16.23 -37.58
CA GLU A 214 -24.12 16.56 -37.94
C GLU A 214 -25.10 15.67 -37.20
N GLU A 215 -24.91 14.36 -37.27
CA GLU A 215 -25.81 13.46 -36.57
C GLU A 215 -25.74 13.63 -35.07
N ILE A 216 -24.59 14.10 -34.55
CA ILE A 216 -24.51 14.33 -33.11
C ILE A 216 -25.37 15.53 -32.70
N LYS A 217 -25.49 16.52 -33.58
CA LYS A 217 -26.03 17.81 -33.19
C LYS A 217 -27.39 17.76 -32.48
N PRO A 218 -28.38 16.97 -32.91
CA PRO A 218 -29.69 17.01 -32.21
C PRO A 218 -29.66 16.53 -30.77
N LEU A 219 -29.05 15.37 -30.52
CA LEU A 219 -28.89 14.90 -29.14
C LEU A 219 -28.17 15.94 -28.29
N TYR A 220 -27.10 16.54 -28.80
CA TYR A 220 -26.43 17.56 -28.00
C TYR A 220 -27.35 18.74 -27.74
N GLU A 221 -28.12 19.16 -28.75
CA GLU A 221 -29.02 20.30 -28.55
C GLU A 221 -29.99 20.03 -27.41
N HIS A 222 -30.58 18.83 -27.40
CA HIS A 222 -31.55 18.54 -26.36
C HIS A 222 -30.88 18.39 -24.99
N LEU A 223 -29.73 17.72 -24.93
CA LEU A 223 -29.00 17.68 -23.67
C LEU A 223 -28.69 19.08 -23.19
N HIS A 224 -28.30 19.96 -24.11
CA HIS A 224 -27.94 21.34 -23.78
C HIS A 224 -29.14 22.08 -23.21
N ALA A 225 -30.30 21.94 -23.86
CA ALA A 225 -31.50 22.63 -23.37
C ALA A 225 -31.88 22.15 -21.98
N TYR A 226 -31.83 20.83 -21.75
CA TYR A 226 -32.11 20.32 -20.42
C TYR A 226 -31.13 20.86 -19.38
N VAL A 227 -29.83 20.86 -19.71
CA VAL A 227 -28.81 21.35 -18.78
C VAL A 227 -29.04 22.82 -18.49
N ARG A 228 -29.34 23.59 -19.52
CA ARG A 228 -29.60 25.01 -19.35
C ARG A 228 -30.74 25.22 -18.37
N ALA A 229 -31.83 24.45 -18.53
CA ALA A 229 -32.97 24.57 -17.61
C ALA A 229 -32.54 24.28 -16.18
N LYS A 230 -31.83 23.18 -15.96
CA LYS A 230 -31.47 22.86 -14.59
C LYS A 230 -30.43 23.81 -14.01
N LEU A 231 -29.63 24.45 -14.87
CA LEU A 231 -28.66 25.44 -14.41
C LEU A 231 -29.35 26.70 -13.96
N MET A 232 -30.47 27.06 -14.62
CA MET A 232 -31.24 28.20 -14.10
C MET A 232 -31.69 27.97 -12.67
N ASN A 233 -32.07 26.73 -12.33
CA ASN A 233 -32.46 26.45 -10.96
C ASN A 233 -31.29 26.61 -9.97
N ALA A 234 -30.04 26.55 -10.46
CA ALA A 234 -28.86 26.56 -9.60
C ALA A 234 -28.13 27.90 -9.60
N TYR A 235 -28.31 28.70 -10.64
CA TYR A 235 -27.76 30.06 -10.71
C TYR A 235 -28.87 31.00 -11.14
N PRO A 236 -29.80 31.29 -10.22
CA PRO A 236 -30.94 32.13 -10.59
C PRO A 236 -30.49 33.53 -11.00
N SER A 237 -31.09 34.05 -12.07
CA SER A 237 -30.91 35.37 -12.67
C SER A 237 -29.71 35.45 -13.60
N TYR A 238 -28.92 34.38 -13.68
CA TYR A 238 -27.64 34.39 -14.38
C TYR A 238 -27.68 33.71 -15.74
N ILE A 239 -28.76 32.99 -16.08
CA ILE A 239 -28.85 32.23 -17.33
C ILE A 239 -30.14 32.60 -18.05
N SER A 240 -30.02 32.95 -19.33
CA SER A 240 -31.15 33.15 -20.21
C SER A 240 -31.68 31.81 -20.71
N PRO A 241 -33.01 31.68 -20.87
CA PRO A 241 -33.56 30.45 -21.43
C PRO A 241 -33.46 30.37 -22.94
N ILE A 242 -32.86 31.35 -23.61
CA ILE A 242 -32.57 31.21 -25.03
C ILE A 242 -31.09 31.28 -25.33
N GLY A 243 -30.24 31.50 -24.32
CA GLY A 243 -28.86 31.87 -24.55
C GLY A 243 -27.92 30.68 -24.45
N CYS A 244 -26.64 30.99 -24.69
CA CYS A 244 -25.59 30.02 -24.47
C CYS A 244 -25.33 29.86 -22.97
N LEU A 245 -24.61 28.80 -22.62
CA LEU A 245 -24.31 28.69 -21.20
C LEU A 245 -23.06 29.50 -20.84
N PRO A 246 -23.01 30.14 -19.67
CA PRO A 246 -21.75 30.77 -19.22
C PRO A 246 -20.63 29.75 -19.08
N ALA A 247 -19.44 30.14 -19.53
CA ALA A 247 -18.31 29.21 -19.63
C ALA A 247 -17.75 28.79 -18.27
N HIS A 248 -18.01 29.57 -17.21
CA HIS A 248 -17.48 29.20 -15.90
C HIS A 248 -18.42 28.33 -15.10
N LEU A 249 -19.58 27.96 -15.63
CA LEU A 249 -20.55 27.19 -14.87
C LEU A 249 -20.80 25.81 -15.47
N LEU A 250 -19.74 25.17 -15.99
CA LEU A 250 -19.89 23.91 -16.69
C LEU A 250 -19.25 22.72 -15.97
N GLY A 251 -18.69 22.91 -14.78
CA GLY A 251 -18.19 21.81 -13.98
C GLY A 251 -16.68 21.62 -13.97
N ASP A 252 -15.94 22.24 -14.90
CA ASP A 252 -14.48 22.27 -14.85
C ASP A 252 -14.00 23.58 -15.48
N MET A 253 -12.66 23.72 -15.61
CA MET A 253 -12.03 24.99 -15.99
C MET A 253 -12.38 25.44 -17.40
N TRP A 254 -12.93 24.56 -18.23
CA TRP A 254 -13.22 24.91 -19.61
C TRP A 254 -14.55 24.37 -20.10
N GLY A 255 -15.22 23.51 -19.33
CA GLY A 255 -16.35 22.79 -19.85
C GLY A 255 -15.99 21.67 -20.80
N ARG A 256 -14.79 21.08 -20.65
CA ARG A 256 -14.39 19.95 -21.48
C ARG A 256 -15.27 18.72 -21.22
N PHE A 257 -15.61 18.50 -19.96
CA PHE A 257 -16.60 17.51 -19.57
C PHE A 257 -17.63 18.20 -18.69
N TRP A 258 -18.89 17.77 -18.79
CA TRP A 258 -19.94 18.30 -17.92
C TRP A 258 -20.19 17.41 -16.72
N THR A 259 -19.28 16.46 -16.45
CA THR A 259 -19.51 15.43 -15.45
C THR A 259 -19.98 16.01 -14.12
N ASN A 260 -19.32 17.08 -13.68
CA ASN A 260 -19.56 17.64 -12.35
C ASN A 260 -20.90 18.33 -12.24
N LEU A 261 -21.62 18.47 -13.35
CA LEU A 261 -22.98 18.98 -13.34
C LEU A 261 -24.02 17.94 -12.95
N TYR A 262 -23.64 16.65 -12.84
CA TYR A 262 -24.64 15.61 -12.57
C TYR A 262 -25.45 15.93 -11.31
N SER A 263 -24.79 16.42 -10.24
CA SER A 263 -25.50 16.71 -8.99
C SER A 263 -26.57 17.78 -9.15
N LEU A 264 -26.37 18.75 -10.05
CA LEU A 264 -27.38 19.74 -10.38
C LEU A 264 -28.35 19.28 -11.47
N THR A 265 -28.07 18.18 -12.17
CA THR A 265 -28.92 17.80 -13.30
C THR A 265 -29.54 16.41 -13.15
N VAL A 266 -29.33 15.73 -12.03
CA VAL A 266 -29.81 14.35 -11.94
C VAL A 266 -31.32 14.35 -12.13
N PRO A 267 -31.86 13.51 -13.03
CA PRO A 267 -33.31 13.57 -13.32
C PRO A 267 -34.19 12.97 -12.25
N PHE A 268 -33.69 11.99 -11.48
CA PHE A 268 -34.51 11.28 -10.48
C PHE A 268 -33.67 11.09 -9.22
N GLY A 269 -33.69 12.09 -8.34
CA GLY A 269 -32.87 12.06 -7.14
C GLY A 269 -33.29 11.02 -6.12
N GLN A 270 -34.57 10.60 -6.15
CA GLN A 270 -35.04 9.62 -5.18
C GLN A 270 -34.40 8.26 -5.38
N LYS A 271 -34.14 7.88 -6.63
CA LYS A 271 -33.60 6.56 -6.90
C LYS A 271 -32.17 6.46 -6.36
N PRO A 272 -31.71 5.26 -6.02
CA PRO A 272 -30.38 5.13 -5.39
C PRO A 272 -29.26 5.59 -6.31
N ASN A 273 -28.18 6.08 -5.70
CA ASN A 273 -27.16 6.80 -6.46
C ASN A 273 -26.32 5.86 -7.30
N ILE A 274 -26.34 6.07 -8.63
CA ILE A 274 -25.44 5.35 -9.52
C ILE A 274 -24.04 5.94 -9.55
N ASP A 275 -23.85 7.08 -8.89
CA ASP A 275 -22.53 7.59 -8.52
C ASP A 275 -22.12 6.91 -7.21
N VAL A 276 -21.12 6.05 -7.27
CA VAL A 276 -20.81 5.14 -6.16
C VAL A 276 -19.69 5.69 -5.26
N THR A 277 -19.38 6.99 -5.37
CA THR A 277 -18.39 7.61 -4.50
C THR A 277 -18.75 7.41 -3.02
N ASP A 278 -19.99 7.71 -2.66
CA ASP A 278 -20.39 7.54 -1.27
C ASP A 278 -20.28 6.08 -0.83
N ALA A 279 -20.63 5.14 -1.72
CA ALA A 279 -20.54 3.73 -1.39
C ALA A 279 -19.08 3.30 -1.18
N MET A 280 -18.19 3.79 -2.03
CA MET A 280 -16.75 3.52 -1.89
C MET A 280 -16.22 4.05 -0.57
N VAL A 281 -16.54 5.29 -0.23
CA VAL A 281 -16.07 5.83 1.03
C VAL A 281 -16.66 5.06 2.21
N ASP A 282 -17.97 4.79 2.17
CA ASP A 282 -18.61 4.09 3.28
C ASP A 282 -18.01 2.71 3.47
N GLN A 283 -17.53 2.10 2.39
CA GLN A 283 -16.92 0.78 2.43
C GLN A 283 -15.40 0.83 2.58
N ALA A 284 -14.82 2.03 2.71
CA ALA A 284 -13.40 2.22 3.04
C ALA A 284 -12.49 1.67 1.94
N TRP A 285 -12.83 1.99 0.69
CA TRP A 285 -11.99 1.65 -0.44
C TRP A 285 -10.81 2.60 -0.50
N ASP A 286 -9.65 2.07 -0.91
CA ASP A 286 -8.46 2.86 -1.24
C ASP A 286 -7.96 2.44 -2.62
N ALA A 287 -6.84 3.03 -3.02
CA ALA A 287 -6.39 2.88 -4.39
C ALA A 287 -5.99 1.43 -4.68
N GLN A 288 -5.48 0.73 -3.68
CA GLN A 288 -5.17 -0.69 -3.83
C GLN A 288 -6.43 -1.46 -4.23
N ARG A 289 -7.52 -1.22 -3.52
CA ARG A 289 -8.79 -1.88 -3.80
C ARG A 289 -9.27 -1.53 -5.21
N ILE A 290 -9.18 -0.25 -5.57
CA ILE A 290 -9.66 0.15 -6.89
C ILE A 290 -8.91 -0.60 -7.98
N PHE A 291 -7.59 -0.63 -7.87
CA PHE A 291 -6.79 -1.26 -8.93
C PHE A 291 -6.94 -2.78 -8.92
N LYS A 292 -7.04 -3.41 -7.75
CA LYS A 292 -7.30 -4.84 -7.74
C LYS A 292 -8.65 -5.15 -8.36
N GLU A 293 -9.65 -4.29 -8.16
CA GLU A 293 -10.92 -4.52 -8.83
C GLU A 293 -10.76 -4.43 -10.35
N ALA A 294 -10.03 -3.41 -10.83
CA ALA A 294 -9.79 -3.32 -12.28
C ALA A 294 -9.05 -4.57 -12.81
N GLU A 295 -8.05 -5.04 -12.07
CA GLU A 295 -7.35 -6.25 -12.45
C GLU A 295 -8.31 -7.43 -12.54
N LYS A 296 -9.19 -7.56 -11.54
CA LYS A 296 -10.18 -8.64 -11.52
C LYS A 296 -11.07 -8.57 -12.74
N PHE A 297 -11.45 -7.35 -13.14
CA PHE A 297 -12.28 -7.20 -14.33
C PHE A 297 -11.58 -7.78 -15.55
N PHE A 298 -10.32 -7.40 -15.74
CA PHE A 298 -9.60 -7.82 -16.94
C PHE A 298 -9.31 -9.33 -16.94
N VAL A 299 -9.13 -9.92 -15.76
CA VAL A 299 -9.03 -11.37 -15.70
C VAL A 299 -10.35 -12.03 -16.10
N SER A 300 -11.49 -11.43 -15.73
CA SER A 300 -12.76 -12.12 -16.00
C SER A 300 -13.03 -12.27 -17.50
N VAL A 301 -12.33 -11.55 -18.37
CA VAL A 301 -12.52 -11.68 -19.80
C VAL A 301 -11.38 -12.46 -20.46
N GLY A 302 -10.50 -13.07 -19.65
CA GLY A 302 -9.43 -13.90 -20.13
C GLY A 302 -8.09 -13.20 -20.24
N LEU A 303 -7.98 -11.93 -19.81
CA LEU A 303 -6.72 -11.20 -20.08
C LEU A 303 -5.75 -11.43 -18.95
N PRO A 304 -4.45 -11.17 -19.14
CA PRO A 304 -3.49 -11.45 -18.06
C PRO A 304 -3.70 -10.47 -16.92
N ASN A 305 -3.50 -10.93 -15.68
CA ASN A 305 -3.44 -9.91 -14.65
C ASN A 305 -2.05 -9.29 -14.52
N MET A 306 -2.01 -8.08 -13.94
CA MET A 306 -0.81 -7.23 -13.91
C MET A 306 0.42 -8.01 -13.43
N THR A 307 1.58 -7.67 -14.01
CA THR A 307 2.83 -8.30 -13.60
C THR A 307 3.22 -7.89 -12.19
N GLN A 308 4.10 -8.69 -11.57
CA GLN A 308 4.64 -8.30 -10.25
C GLN A 308 5.28 -6.93 -10.33
N GLY A 309 5.95 -6.63 -11.45
CA GLY A 309 6.58 -5.34 -11.61
C GLY A 309 5.59 -4.20 -11.57
N PHE A 310 4.35 -4.45 -12.02
CA PHE A 310 3.32 -3.43 -11.96
C PHE A 310 3.03 -3.04 -10.51
N TRP A 311 2.79 -4.03 -9.65
CA TRP A 311 2.47 -3.74 -8.27
C TRP A 311 3.69 -3.29 -7.47
N GLU A 312 4.91 -3.54 -7.96
CA GLU A 312 6.08 -3.07 -7.25
C GLU A 312 6.47 -1.65 -7.65
N ASN A 313 6.41 -1.32 -8.93
CA ASN A 313 6.95 -0.07 -9.41
C ASN A 313 5.89 1.00 -9.66
N SER A 314 4.61 0.65 -9.73
CA SER A 314 3.65 1.69 -10.02
C SER A 314 3.52 2.64 -8.83
N MET A 315 2.96 3.81 -9.13
CA MET A 315 2.68 4.87 -8.17
C MET A 315 1.20 5.16 -8.21
N LEU A 316 0.47 4.69 -7.20
CA LEU A 316 -0.99 4.72 -7.23
C LEU A 316 -1.60 5.75 -6.28
N THR A 317 -0.77 6.52 -5.55
CA THR A 317 -1.26 7.52 -4.62
C THR A 317 -0.30 8.71 -4.58
N ASP A 318 -0.82 9.85 -4.16
CA ASP A 318 -0.01 11.04 -4.06
C ASP A 318 1.07 10.85 -3.00
N PRO A 319 2.35 11.03 -3.36
CA PRO A 319 3.42 10.70 -2.42
C PRO A 319 3.39 11.54 -1.15
N GLY A 320 2.88 12.77 -1.21
CA GLY A 320 2.88 13.64 -0.06
C GLY A 320 3.31 15.07 -0.37
N ASN A 321 3.31 15.92 0.65
CA ASN A 321 3.74 17.30 0.43
C ASN A 321 5.23 17.43 0.16
N VAL A 322 6.02 16.45 0.61
CA VAL A 322 7.47 16.56 0.42
C VAL A 322 7.81 16.60 -1.07
N GLN A 323 7.47 15.55 -1.80
CA GLN A 323 7.82 15.46 -3.21
C GLN A 323 6.59 15.67 -4.08
N LYS A 324 6.68 16.61 -5.00
CA LYS A 324 5.64 16.86 -5.96
C LYS A 324 5.74 15.83 -7.06
N ALA A 325 4.62 15.57 -7.72
CA ALA A 325 4.55 14.65 -8.84
C ALA A 325 3.61 15.20 -9.89
N VAL A 326 3.73 14.69 -11.12
CA VAL A 326 2.80 15.05 -12.19
C VAL A 326 1.63 14.07 -12.13
N CYS A 327 0.52 14.50 -11.54
CA CYS A 327 -0.61 13.62 -11.25
C CYS A 327 -1.55 13.38 -12.44
N HIS A 328 -1.13 13.62 -13.69
CA HIS A 328 -1.95 13.24 -14.84
C HIS A 328 -1.95 11.72 -14.98
N PRO A 329 -3.11 11.07 -14.90
CA PRO A 329 -3.16 9.60 -14.98
C PRO A 329 -2.55 9.08 -16.27
N THR A 330 -1.57 8.19 -16.14
CA THR A 330 -0.75 7.76 -17.27
C THR A 330 -0.39 6.29 -17.13
N ALA A 331 -0.42 5.56 -18.25
CA ALA A 331 -0.06 4.15 -18.28
C ALA A 331 1.26 4.00 -19.04
N TRP A 332 2.29 3.53 -18.34
CA TRP A 332 3.67 3.54 -18.81
C TRP A 332 4.05 2.17 -19.33
N ASP A 333 4.58 2.13 -20.55
CA ASP A 333 5.12 0.93 -21.19
C ASP A 333 6.59 1.21 -21.50
N LEU A 334 7.48 0.82 -20.59
CA LEU A 334 8.89 1.14 -20.75
C LEU A 334 9.67 0.17 -21.63
N GLY A 335 9.11 -0.98 -21.99
CA GLY A 335 9.89 -2.03 -22.61
C GLY A 335 10.54 -2.94 -21.57
N LYS A 336 11.08 -4.05 -22.04
CA LYS A 336 11.70 -5.05 -21.16
C LYS A 336 10.71 -5.58 -20.12
N GLY A 337 9.44 -5.72 -20.51
CA GLY A 337 8.44 -6.25 -19.61
C GLY A 337 8.10 -5.32 -18.47
N ASP A 338 8.42 -4.04 -18.60
CA ASP A 338 8.20 -3.07 -17.55
C ASP A 338 6.94 -2.30 -17.88
N PHE A 339 5.91 -2.45 -17.04
CA PHE A 339 4.64 -1.73 -17.19
C PHE A 339 4.24 -1.11 -15.85
N ARG A 340 3.85 0.17 -15.90
CA ARG A 340 3.54 0.90 -14.69
C ARG A 340 2.29 1.74 -14.92
N ILE A 341 1.71 2.22 -13.82
CA ILE A 341 0.68 3.23 -13.90
C ILE A 341 1.04 4.31 -12.89
N LEU A 342 0.91 5.57 -13.30
CA LEU A 342 1.05 6.72 -12.41
C LEU A 342 -0.32 7.39 -12.29
N MET A 343 -0.87 7.40 -11.08
CA MET A 343 -2.14 8.05 -10.85
C MET A 343 -2.22 8.45 -9.39
N CYS A 344 -2.47 9.74 -9.13
CA CYS A 344 -2.69 10.23 -7.77
C CYS A 344 -4.15 9.95 -7.41
N THR A 345 -4.41 8.70 -7.01
CA THR A 345 -5.75 8.12 -6.99
C THR A 345 -6.54 8.61 -5.77
N LYS A 346 -7.76 9.09 -6.03
CA LYS A 346 -8.71 9.52 -5.01
C LYS A 346 -9.84 8.51 -4.95
N VAL A 347 -10.56 8.50 -3.82
CA VAL A 347 -11.65 7.51 -3.62
C VAL A 347 -12.92 8.12 -4.20
N THR A 348 -13.02 8.06 -5.52
CA THR A 348 -14.14 8.63 -6.26
C THR A 348 -14.51 7.70 -7.41
N MET A 349 -15.73 7.85 -7.93
CA MET A 349 -16.06 7.12 -9.14
C MET A 349 -15.16 7.56 -10.28
N ASP A 350 -14.85 8.85 -10.38
CA ASP A 350 -14.05 9.28 -11.52
C ASP A 350 -12.77 8.49 -11.56
N ASP A 351 -12.14 8.30 -10.39
CA ASP A 351 -10.87 7.59 -10.39
C ASP A 351 -11.07 6.08 -10.55
N PHE A 352 -12.20 5.53 -10.10
CA PHE A 352 -12.50 4.12 -10.35
C PHE A 352 -12.58 3.84 -11.85
N LEU A 353 -13.33 4.68 -12.57
CA LEU A 353 -13.41 4.52 -14.01
C LEU A 353 -12.07 4.82 -14.66
N THR A 354 -11.33 5.81 -14.17
CA THR A 354 -10.03 6.10 -14.78
C THR A 354 -9.06 4.96 -14.56
N ALA A 355 -9.10 4.33 -13.40
CA ALA A 355 -8.24 3.19 -13.16
C ALA A 355 -8.51 2.12 -14.19
N HIS A 356 -9.80 1.82 -14.42
CA HIS A 356 -10.15 0.87 -15.48
C HIS A 356 -9.58 1.33 -16.83
N HIS A 357 -9.70 2.62 -17.14
CA HIS A 357 -9.24 3.14 -18.43
C HIS A 357 -7.71 2.93 -18.60
N GLU A 358 -6.93 3.32 -17.60
CA GLU A 358 -5.48 3.23 -17.71
C GLU A 358 -5.04 1.76 -17.73
N MET A 359 -5.72 0.90 -16.96
CA MET A 359 -5.36 -0.51 -17.04
C MET A 359 -5.70 -1.06 -18.42
N GLY A 360 -6.71 -0.49 -19.08
CA GLY A 360 -6.96 -0.84 -20.46
C GLY A 360 -5.78 -0.50 -21.35
N HIS A 361 -5.25 0.72 -21.19
CA HIS A 361 -4.02 1.11 -21.90
C HIS A 361 -2.95 0.05 -21.68
N ILE A 362 -2.77 -0.36 -20.43
CA ILE A 362 -1.72 -1.32 -20.11
C ILE A 362 -1.97 -2.66 -20.81
N GLN A 363 -3.24 -3.11 -20.85
CA GLN A 363 -3.58 -4.39 -21.48
C GLN A 363 -3.31 -4.33 -22.99
N TYR A 364 -3.67 -3.21 -23.61
CA TYR A 364 -3.26 -2.96 -24.98
C TYR A 364 -1.75 -3.12 -25.14
N ASP A 365 -0.97 -2.46 -24.27
CA ASP A 365 0.50 -2.49 -24.38
C ASP A 365 1.05 -3.90 -24.22
N MET A 366 0.56 -4.63 -23.22
CA MET A 366 1.01 -6.01 -23.02
C MET A 366 0.68 -6.86 -24.23
N ALA A 367 -0.50 -6.66 -24.82
CA ALA A 367 -0.88 -7.46 -25.96
C ALA A 367 0.09 -7.29 -27.13
N TYR A 368 0.57 -6.09 -27.37
CA TYR A 368 1.40 -5.89 -28.55
C TYR A 368 2.90 -5.85 -28.21
N ALA A 369 3.28 -6.33 -27.02
CA ALA A 369 4.68 -6.25 -26.60
C ALA A 369 5.59 -7.01 -27.54
N ALA A 370 5.10 -8.08 -28.15
CA ALA A 370 5.97 -8.90 -28.95
C ALA A 370 6.25 -8.29 -30.33
N GLN A 371 5.63 -7.18 -30.67
CA GLN A 371 5.84 -6.63 -32.00
C GLN A 371 7.20 -5.93 -32.03
N PRO A 372 7.69 -5.62 -33.23
CA PRO A 372 8.92 -4.83 -33.29
C PRO A 372 8.67 -3.41 -32.81
N PHE A 373 9.77 -2.76 -32.38
CA PHE A 373 9.75 -1.52 -31.61
C PHE A 373 8.75 -0.51 -32.16
N LEU A 374 8.97 -0.05 -33.39
CA LEU A 374 8.13 0.99 -33.97
C LEU A 374 6.68 0.54 -34.15
N LEU A 375 6.41 -0.75 -34.13
CA LEU A 375 5.05 -1.27 -34.25
C LEU A 375 4.38 -1.53 -32.90
N ARG A 376 5.07 -1.28 -31.78
CA ARG A 376 4.46 -1.46 -30.46
C ARG A 376 3.67 -0.21 -30.08
N ASN A 377 2.65 0.06 -30.89
CA ASN A 377 1.85 1.28 -30.78
C ASN A 377 0.40 0.95 -31.05
N GLY A 378 -0.49 1.80 -30.54
CA GLY A 378 -1.89 1.72 -30.95
C GLY A 378 -2.06 1.97 -32.44
N ALA A 379 -3.16 1.45 -33.00
CA ALA A 379 -3.32 1.54 -34.45
C ALA A 379 -3.41 3.00 -34.89
N ASN A 380 -4.15 3.84 -34.14
CA ASN A 380 -4.03 5.29 -34.31
C ASN A 380 -4.20 5.98 -32.95
N GLU A 381 -4.10 7.33 -32.97
CA GLU A 381 -4.06 8.09 -31.72
C GLU A 381 -5.34 7.90 -30.91
N GLY A 382 -6.46 7.62 -31.57
CA GLY A 382 -7.70 7.32 -30.88
C GLY A 382 -7.90 5.88 -30.45
N PHE A 383 -7.12 4.93 -30.97
CA PHE A 383 -7.38 3.53 -30.64
C PHE A 383 -7.14 3.26 -29.15
N HIS A 384 -6.06 3.79 -28.60
CA HIS A 384 -5.75 3.59 -27.17
C HIS A 384 -6.82 4.21 -26.28
N GLU A 385 -7.23 5.43 -26.58
CA GLU A 385 -8.27 6.04 -25.77
C GLU A 385 -9.57 5.26 -25.89
N ALA A 386 -9.93 4.81 -27.09
CA ALA A 386 -11.13 3.99 -27.24
C ALA A 386 -11.01 2.71 -26.41
N VAL A 387 -9.81 2.11 -26.41
CA VAL A 387 -9.65 0.85 -25.69
C VAL A 387 -9.91 1.05 -24.20
N GLY A 388 -9.41 2.15 -23.64
CA GLY A 388 -9.67 2.40 -22.22
C GLY A 388 -11.13 2.74 -21.95
N GLU A 389 -11.74 3.48 -22.88
CA GLU A 389 -13.11 3.93 -22.68
C GLU A 389 -14.13 2.79 -22.74
N ILE A 390 -13.90 1.75 -23.55
CA ILE A 390 -14.87 0.65 -23.53
C ILE A 390 -14.83 -0.10 -22.19
N MET A 391 -13.63 -0.21 -21.60
CA MET A 391 -13.51 -0.75 -20.26
C MET A 391 -14.35 0.04 -19.28
N SER A 392 -14.22 1.38 -19.31
CA SER A 392 -15.02 2.13 -18.36
C SER A 392 -16.52 2.05 -18.69
N LEU A 393 -16.87 1.84 -19.96
CA LEU A 393 -18.27 1.70 -20.34
C LEU A 393 -18.90 0.55 -19.57
N SER A 394 -18.23 -0.60 -19.58
CA SER A 394 -18.75 -1.73 -18.81
C SER A 394 -18.67 -1.45 -17.32
N ALA A 395 -17.62 -0.74 -16.87
CA ALA A 395 -17.46 -0.60 -15.43
C ALA A 395 -18.54 0.29 -14.82
N ALA A 396 -19.04 1.25 -15.59
CA ALA A 396 -19.98 2.22 -15.07
C ALA A 396 -21.42 1.68 -14.96
N THR A 397 -21.72 0.58 -15.66
CA THR A 397 -23.09 0.10 -15.71
C THR A 397 -23.56 -0.29 -14.31
N PRO A 398 -24.79 0.05 -13.95
CA PRO A 398 -25.30 -0.33 -12.64
C PRO A 398 -25.24 -1.82 -12.38
N LYS A 399 -25.44 -2.66 -13.41
CA LYS A 399 -25.33 -4.10 -13.22
C LYS A 399 -23.95 -4.48 -12.68
N HIS A 400 -22.90 -3.90 -13.27
CA HIS A 400 -21.53 -4.13 -12.81
C HIS A 400 -21.31 -3.61 -11.38
N LEU A 401 -21.80 -2.40 -11.09
CA LEU A 401 -21.63 -1.85 -9.76
C LEU A 401 -22.29 -2.74 -8.71
N LYS A 402 -23.47 -3.28 -9.03
CA LYS A 402 -24.13 -4.22 -8.15
C LYS A 402 -23.29 -5.48 -7.97
N SER A 403 -22.64 -5.97 -9.05
CA SER A 403 -21.88 -7.21 -8.92
C SER A 403 -20.66 -7.04 -8.02
N ILE A 404 -20.05 -5.85 -8.02
CA ILE A 404 -18.92 -5.64 -7.12
C ILE A 404 -19.32 -5.06 -5.75
N GLY A 405 -20.62 -4.88 -5.50
CA GLY A 405 -21.08 -4.45 -4.17
C GLY A 405 -21.19 -2.96 -3.94
N LEU A 406 -21.04 -2.14 -4.98
CA LEU A 406 -21.18 -0.70 -4.77
C LEU A 406 -22.62 -0.25 -4.84
N LEU A 407 -23.50 -1.11 -5.35
CA LEU A 407 -24.94 -0.99 -5.20
C LEU A 407 -25.42 -2.16 -4.36
N SER A 408 -26.52 -1.95 -3.64
CA SER A 408 -27.00 -2.94 -2.70
C SER A 408 -27.45 -4.21 -3.45
N PRO A 409 -27.29 -5.39 -2.82
CA PRO A 409 -27.78 -6.63 -3.47
C PRO A 409 -29.27 -6.58 -3.78
N ASP A 410 -30.05 -5.86 -2.97
CA ASP A 410 -31.48 -5.65 -3.24
C ASP A 410 -31.72 -4.38 -4.03
N PHE A 411 -31.06 -4.25 -5.17
CA PHE A 411 -31.19 -3.11 -6.05
C PHE A 411 -31.81 -3.57 -7.37
N GLN A 412 -32.76 -2.80 -7.87
CA GLN A 412 -33.49 -3.19 -9.07
C GLN A 412 -33.42 -2.08 -10.10
N GLU A 413 -33.09 -2.44 -11.35
CA GLU A 413 -33.11 -1.46 -12.43
C GLU A 413 -34.55 -1.11 -12.79
N ASP A 414 -34.78 0.16 -13.08
CA ASP A 414 -36.05 0.60 -13.63
C ASP A 414 -35.78 1.72 -14.62
N ASN A 415 -36.83 2.20 -15.29
CA ASN A 415 -36.58 3.17 -16.36
C ASN A 415 -36.03 4.49 -15.81
N GLU A 416 -36.27 4.79 -14.53
CA GLU A 416 -35.78 6.05 -13.97
C GLU A 416 -34.29 5.99 -13.67
N THR A 417 -33.84 4.93 -12.98
CA THR A 417 -32.41 4.68 -12.80
C THR A 417 -31.69 4.57 -14.14
N GLU A 418 -32.36 3.98 -15.12
CA GLU A 418 -31.81 3.97 -16.47
C GLU A 418 -31.59 5.39 -16.97
N ILE A 419 -32.58 6.26 -16.81
CA ILE A 419 -32.44 7.63 -17.30
C ILE A 419 -31.30 8.35 -16.58
N ASN A 420 -31.18 8.13 -15.27
CA ASN A 420 -30.08 8.69 -14.50
C ASN A 420 -28.74 8.26 -15.07
N PHE A 421 -28.57 6.96 -15.32
CA PHE A 421 -27.31 6.42 -15.86
C PHE A 421 -27.00 7.02 -17.21
N LEU A 422 -27.97 7.03 -18.11
CA LEU A 422 -27.72 7.58 -19.44
C LEU A 422 -27.40 9.07 -19.38
N LEU A 423 -28.05 9.83 -18.49
CA LEU A 423 -27.77 11.25 -18.39
C LEU A 423 -26.35 11.50 -17.87
N LYS A 424 -25.95 10.74 -16.85
CA LYS A 424 -24.61 10.91 -16.30
C LYS A 424 -23.58 10.55 -17.36
N GLN A 425 -23.81 9.46 -18.08
CA GLN A 425 -22.94 9.14 -19.20
C GLN A 425 -22.90 10.28 -20.20
N ALA A 426 -24.06 10.82 -20.56
CA ALA A 426 -24.09 11.85 -21.59
C ALA A 426 -23.27 13.05 -21.16
N LEU A 427 -23.32 13.41 -19.87
CA LEU A 427 -22.64 14.62 -19.41
C LEU A 427 -21.16 14.56 -19.75
N THR A 428 -20.51 13.42 -19.52
CA THR A 428 -19.11 13.22 -19.87
C THR A 428 -18.96 13.02 -21.36
N ILE A 429 -19.48 11.88 -21.84
CA ILE A 429 -19.24 11.44 -23.21
C ILE A 429 -19.81 12.44 -24.22
N VAL A 430 -21.12 12.69 -24.21
CA VAL A 430 -21.70 13.51 -25.27
C VAL A 430 -21.30 14.98 -25.12
N GLY A 431 -21.29 15.49 -23.89
CA GLY A 431 -20.82 16.85 -23.67
C GLY A 431 -19.46 17.13 -24.28
N THR A 432 -18.51 16.17 -24.19
CA THR A 432 -17.18 16.53 -24.67
C THR A 432 -17.07 16.65 -26.20
N LEU A 433 -18.05 16.12 -26.97
CA LEU A 433 -17.88 16.10 -28.43
C LEU A 433 -17.88 17.49 -29.06
N PRO A 434 -18.88 18.35 -28.83
CA PRO A 434 -18.82 19.68 -29.47
C PRO A 434 -17.61 20.47 -29.02
N PHE A 435 -17.22 20.31 -27.75
CA PHE A 435 -16.06 21.02 -27.24
C PHE A 435 -14.81 20.60 -27.99
N THR A 436 -14.63 19.28 -28.15
CA THR A 436 -13.41 18.76 -28.77
C THR A 436 -13.37 19.07 -30.25
N TYR A 437 -14.50 18.90 -30.95
CA TYR A 437 -14.53 19.28 -32.36
C TYR A 437 -14.26 20.76 -32.54
N MET A 438 -14.87 21.63 -31.72
CA MET A 438 -14.70 23.06 -31.89
C MET A 438 -13.25 23.48 -31.63
N LEU A 439 -12.64 22.99 -30.54
CA LEU A 439 -11.25 23.38 -30.24
C LEU A 439 -10.34 22.95 -31.38
N GLU A 440 -10.44 21.67 -31.79
CA GLU A 440 -9.55 21.23 -32.85
C GLU A 440 -9.82 21.98 -34.15
N LYS A 441 -11.09 22.34 -34.41
CA LYS A 441 -11.36 23.07 -35.64
C LYS A 441 -10.71 24.44 -35.59
N TRP A 442 -10.77 25.11 -34.43
CA TRP A 442 -10.15 26.42 -34.31
C TRP A 442 -8.64 26.32 -34.55
N ARG A 443 -8.00 25.30 -33.97
CA ARG A 443 -6.58 25.08 -34.22
C ARG A 443 -6.31 24.83 -35.72
N TRP A 444 -7.08 23.93 -36.33
CA TRP A 444 -6.90 23.61 -37.75
C TRP A 444 -6.97 24.86 -38.61
N MET A 445 -7.99 25.71 -38.37
CA MET A 445 -8.12 26.95 -39.15
C MET A 445 -6.97 27.90 -38.89
N VAL A 446 -6.50 27.99 -37.64
CA VAL A 446 -5.40 28.90 -37.32
C VAL A 446 -4.13 28.45 -38.06
N PHE A 447 -3.85 27.15 -38.02
CA PHE A 447 -2.68 26.59 -38.71
C PHE A 447 -2.80 26.80 -40.22
N LYS A 448 -4.02 26.64 -40.76
CA LYS A 448 -4.28 26.87 -42.18
C LYS A 448 -4.17 28.33 -42.56
N GLY A 449 -4.18 29.22 -41.59
CA GLY A 449 -4.13 30.64 -41.86
C GLY A 449 -5.47 31.28 -42.07
N GLU A 450 -6.56 30.58 -41.79
CA GLU A 450 -7.91 31.09 -42.01
C GLU A 450 -8.36 32.09 -40.95
N ILE A 451 -7.69 32.14 -39.81
CA ILE A 451 -8.01 33.10 -38.76
C ILE A 451 -6.81 34.03 -38.53
N PRO A 452 -6.87 35.28 -39.00
CA PRO A 452 -5.80 36.24 -38.69
C PRO A 452 -5.64 36.45 -37.18
N LYS A 453 -4.44 36.90 -36.80
CA LYS A 453 -4.12 37.07 -35.39
C LYS A 453 -5.08 38.04 -34.71
N ASP A 454 -5.34 39.19 -35.33
CA ASP A 454 -6.22 40.21 -34.77
C ASP A 454 -7.65 39.71 -34.55
N GLN A 455 -7.97 38.51 -35.03
CA GLN A 455 -9.29 37.93 -34.86
C GLN A 455 -9.30 36.62 -34.07
N TRP A 456 -8.12 36.16 -33.61
CA TRP A 456 -8.05 34.85 -32.95
C TRP A 456 -9.12 34.69 -31.87
N MET A 457 -9.03 35.50 -30.80
CA MET A 457 -10.00 35.40 -29.71
C MET A 457 -11.40 35.78 -30.15
N LYS A 458 -11.52 36.65 -31.18
CA LYS A 458 -12.82 36.86 -31.79
C LYS A 458 -13.35 35.53 -32.30
N LYS A 459 -12.65 34.96 -33.29
CA LYS A 459 -13.17 33.77 -33.95
C LYS A 459 -13.45 32.68 -32.95
N TRP A 460 -12.47 32.40 -32.08
CA TRP A 460 -12.62 31.32 -31.10
C TRP A 460 -13.94 31.47 -30.38
N TRP A 461 -14.20 32.65 -29.82
CA TRP A 461 -15.42 32.75 -29.02
C TRP A 461 -16.66 32.68 -29.90
N GLU A 462 -16.62 33.28 -31.09
CA GLU A 462 -17.71 33.05 -32.03
C GLU A 462 -17.97 31.55 -32.20
N MET A 463 -16.93 30.78 -32.51
CA MET A 463 -17.13 29.34 -32.69
C MET A 463 -17.71 28.72 -31.43
N LYS A 464 -17.18 29.10 -30.25
CA LYS A 464 -17.70 28.56 -28.98
C LYS A 464 -19.19 28.80 -28.86
N ARG A 465 -19.64 30.01 -29.19
CA ARG A 465 -21.07 30.27 -29.14
C ARG A 465 -21.78 29.44 -30.19
N GLU A 466 -21.27 29.45 -31.42
CA GLU A 466 -22.00 28.87 -32.54
C GLU A 466 -22.05 27.33 -32.43
N ILE A 467 -20.93 26.67 -32.11
CA ILE A 467 -20.86 25.21 -32.09
C ILE A 467 -21.08 24.62 -30.71
N VAL A 468 -20.30 25.06 -29.72
CA VAL A 468 -20.45 24.50 -28.38
C VAL A 468 -21.76 24.96 -27.74
N GLY A 469 -22.23 26.16 -28.08
CA GLY A 469 -23.32 26.75 -27.35
C GLY A 469 -22.92 27.32 -26.01
N VAL A 470 -21.66 27.71 -25.85
CA VAL A 470 -21.13 28.28 -24.61
C VAL A 470 -20.68 29.71 -24.89
N VAL A 471 -20.91 30.61 -23.93
CA VAL A 471 -20.60 32.02 -24.07
C VAL A 471 -19.66 32.45 -22.95
N GLU A 472 -18.69 33.30 -23.30
CA GLU A 472 -17.76 33.83 -22.32
C GLU A 472 -18.46 34.82 -21.38
N PRO A 473 -18.22 34.72 -20.07
CA PRO A 473 -18.82 35.71 -19.15
C PRO A 473 -18.20 37.10 -19.26
N VAL A 474 -16.94 37.19 -19.66
CA VAL A 474 -16.21 38.45 -19.77
C VAL A 474 -15.72 38.60 -21.19
N PRO A 475 -15.83 39.77 -21.82
CA PRO A 475 -15.28 39.94 -23.17
C PRO A 475 -13.75 39.75 -23.17
N HIS A 476 -13.23 39.13 -24.22
CA HIS A 476 -11.80 38.82 -24.27
C HIS A 476 -11.17 39.34 -25.56
N ASP A 477 -10.19 40.24 -25.41
CA ASP A 477 -9.50 40.81 -26.56
C ASP A 477 -8.35 39.89 -26.97
N GLU A 478 -7.47 40.38 -27.85
CA GLU A 478 -6.39 39.58 -28.40
C GLU A 478 -5.14 39.57 -27.52
N THR A 479 -5.20 40.20 -26.33
CA THR A 479 -4.15 39.95 -25.35
C THR A 479 -4.27 38.55 -24.75
N TYR A 480 -5.48 37.98 -24.76
CA TYR A 480 -5.75 36.65 -24.22
C TYR A 480 -5.30 35.56 -25.18
N CYS A 481 -5.01 34.38 -24.63
CA CYS A 481 -4.95 33.13 -25.41
C CYS A 481 -5.74 32.08 -24.64
N ASP A 482 -7.07 32.15 -24.74
CA ASP A 482 -7.87 31.23 -23.95
C ASP A 482 -7.69 29.77 -24.36
N PRO A 483 -7.53 29.40 -25.64
CA PRO A 483 -7.25 27.98 -25.94
C PRO A 483 -6.01 27.46 -25.22
N ALA A 484 -4.96 28.28 -25.14
CA ALA A 484 -3.72 27.80 -24.53
C ALA A 484 -3.87 27.57 -23.03
N SER A 485 -4.99 27.99 -22.43
CA SER A 485 -5.21 27.79 -21.00
C SER A 485 -5.61 26.35 -20.67
N LEU A 486 -5.66 25.49 -21.68
CA LEU A 486 -5.87 24.06 -21.50
C LEU A 486 -4.56 23.31 -21.77
N PHE A 487 -4.30 22.31 -20.92
CA PHE A 487 -3.02 21.58 -20.98
C PHE A 487 -2.67 21.19 -22.40
N HIS A 488 -3.59 20.51 -23.09
CA HIS A 488 -3.29 19.93 -24.40
C HIS A 488 -2.90 20.99 -25.43
N VAL A 489 -3.47 22.20 -25.34
CA VAL A 489 -3.16 23.20 -26.36
C VAL A 489 -1.76 23.77 -26.18
N SER A 490 -1.40 24.10 -24.94
CA SER A 490 -0.12 24.73 -24.64
C SER A 490 0.98 23.71 -24.43
N ASN A 491 0.67 22.41 -24.52
CA ASN A 491 1.68 21.37 -24.47
C ASN A 491 1.80 20.63 -25.79
N ASP A 492 1.21 21.15 -26.86
CA ASP A 492 1.36 20.60 -28.20
C ASP A 492 0.91 19.13 -28.30
N TYR A 493 -0.34 18.88 -27.88
CA TYR A 493 -1.01 17.59 -28.07
C TYR A 493 -2.11 17.76 -29.10
N SER A 494 -2.19 16.84 -30.06
CA SER A 494 -3.32 16.84 -30.97
C SER A 494 -4.55 16.43 -30.17
N PHE A 495 -5.70 17.03 -30.51
CA PHE A 495 -6.91 16.88 -29.72
C PHE A 495 -8.03 16.08 -30.37
N ILE A 496 -8.06 15.99 -31.71
CA ILE A 496 -9.16 15.32 -32.39
C ILE A 496 -9.30 13.85 -31.99
N ARG A 497 -8.24 13.23 -31.46
CA ARG A 497 -8.34 11.86 -30.96
C ARG A 497 -9.50 11.69 -30.00
N TYR A 498 -9.75 12.66 -29.12
CA TYR A 498 -10.83 12.52 -28.14
C TYR A 498 -12.19 12.56 -28.79
N TYR A 499 -12.30 13.12 -30.00
CA TYR A 499 -13.50 12.89 -30.79
C TYR A 499 -13.53 11.48 -31.36
N THR A 500 -12.45 11.06 -32.04
CA THR A 500 -12.52 9.78 -32.77
C THR A 500 -12.59 8.60 -31.81
N ARG A 501 -11.84 8.66 -30.72
CA ARG A 501 -12.02 7.73 -29.61
C ARG A 501 -13.51 7.48 -29.35
N THR A 502 -14.29 8.55 -29.17
CA THR A 502 -15.65 8.34 -28.67
C THR A 502 -16.49 7.54 -29.65
N LEU A 503 -16.29 7.76 -30.94
CA LEU A 503 -17.02 6.92 -31.87
C LEU A 503 -16.48 5.48 -31.84
N TYR A 504 -15.14 5.31 -31.97
CA TYR A 504 -14.60 3.96 -31.93
C TYR A 504 -15.16 3.20 -30.75
N GLN A 505 -15.21 3.85 -29.58
CA GLN A 505 -15.55 3.09 -28.39
C GLN A 505 -16.90 2.43 -28.56
N PHE A 506 -17.90 3.17 -29.02
CA PHE A 506 -19.20 2.53 -29.10
C PHE A 506 -19.22 1.40 -30.14
N GLN A 507 -18.53 1.59 -31.29
CA GLN A 507 -18.41 0.49 -32.24
C GLN A 507 -17.77 -0.72 -31.57
N PHE A 508 -16.63 -0.54 -30.91
CA PHE A 508 -16.04 -1.67 -30.19
C PHE A 508 -17.05 -2.29 -29.24
N GLN A 509 -17.74 -1.46 -28.45
CA GLN A 509 -18.64 -2.01 -27.44
C GLN A 509 -19.75 -2.84 -28.10
N GLU A 510 -20.37 -2.28 -29.15
CA GLU A 510 -21.41 -3.04 -29.83
C GLU A 510 -20.89 -4.41 -30.20
N ALA A 511 -19.73 -4.44 -30.88
CA ALA A 511 -19.16 -5.69 -31.36
C ALA A 511 -18.91 -6.64 -30.21
N LEU A 512 -18.24 -6.14 -29.17
CA LEU A 512 -17.89 -7.03 -28.07
C LEU A 512 -19.14 -7.58 -27.41
N CYS A 513 -20.17 -6.75 -27.28
CA CYS A 513 -21.40 -7.23 -26.64
C CYS A 513 -22.03 -8.33 -27.48
N GLN A 514 -22.01 -8.20 -28.81
CA GLN A 514 -22.46 -9.31 -29.65
C GLN A 514 -21.61 -10.56 -29.40
N ALA A 515 -20.30 -10.39 -29.21
CA ALA A 515 -19.47 -11.53 -28.85
C ALA A 515 -19.88 -12.13 -27.51
N ALA A 516 -20.33 -11.31 -26.57
CA ALA A 516 -20.80 -11.79 -25.28
C ALA A 516 -22.26 -12.22 -25.30
N LYS A 517 -22.91 -12.22 -26.48
CA LYS A 517 -24.31 -12.61 -26.60
C LYS A 517 -25.18 -11.72 -25.71
N HIS A 518 -24.91 -10.42 -25.76
CA HIS A 518 -25.68 -9.48 -24.96
C HIS A 518 -27.06 -9.29 -25.55
N GLU A 519 -28.06 -9.39 -24.70
CA GLU A 519 -29.46 -9.20 -25.05
C GLU A 519 -29.94 -7.96 -24.33
N GLY A 520 -30.45 -6.99 -25.07
CA GLY A 520 -30.95 -5.79 -24.48
C GLY A 520 -30.37 -4.58 -25.18
N PRO A 521 -30.67 -3.39 -24.66
CA PRO A 521 -30.02 -2.19 -25.19
C PRO A 521 -28.52 -2.23 -24.93
N LEU A 522 -27.76 -1.54 -25.77
CA LEU A 522 -26.30 -1.57 -25.65
C LEU A 522 -25.82 -1.00 -24.32
N HIS A 523 -26.56 -0.06 -23.74
CA HIS A 523 -26.15 0.63 -22.53
C HIS A 523 -26.34 -0.21 -21.27
N LYS A 524 -26.91 -1.39 -21.39
CA LYS A 524 -27.01 -2.35 -20.29
C LYS A 524 -25.91 -3.39 -20.34
N CYS A 525 -25.03 -3.27 -21.33
CA CYS A 525 -24.03 -4.28 -21.57
C CYS A 525 -22.78 -4.09 -20.68
N ASP A 526 -22.37 -5.21 -20.08
CA ASP A 526 -21.14 -5.36 -19.30
C ASP A 526 -20.46 -6.61 -19.84
N ILE A 527 -19.18 -6.53 -20.19
CA ILE A 527 -18.52 -7.69 -20.79
C ILE A 527 -17.86 -8.58 -19.73
N SER A 528 -18.03 -8.28 -18.45
CA SER A 528 -17.39 -9.08 -17.43
C SER A 528 -17.75 -10.56 -17.58
N ASN A 529 -16.77 -11.43 -17.37
CA ASN A 529 -16.91 -12.88 -17.37
C ASN A 529 -17.06 -13.45 -18.78
N SER A 530 -16.99 -12.63 -19.82
CA SER A 530 -17.15 -13.08 -21.20
C SER A 530 -15.76 -13.18 -21.84
N THR A 531 -15.13 -14.35 -21.65
CA THR A 531 -13.83 -14.60 -22.27
C THR A 531 -13.92 -14.50 -23.79
N GLU A 532 -15.12 -14.65 -24.36
CA GLU A 532 -15.30 -14.50 -25.80
C GLU A 532 -15.03 -13.07 -26.23
N ALA A 533 -15.63 -12.10 -25.54
CA ALA A 533 -15.38 -10.70 -25.86
C ALA A 533 -13.92 -10.36 -25.65
N GLY A 534 -13.33 -10.87 -24.55
CA GLY A 534 -11.93 -10.62 -24.32
C GLY A 534 -11.08 -11.10 -25.47
N GLN A 535 -11.33 -12.33 -25.93
CA GLN A 535 -10.61 -12.88 -27.08
C GLN A 535 -10.79 -11.99 -28.30
N LYS A 536 -12.03 -11.55 -28.56
CA LYS A 536 -12.28 -10.73 -29.75
C LYS A 536 -11.46 -9.45 -29.70
N LEU A 537 -11.43 -8.80 -28.54
CA LEU A 537 -10.69 -7.56 -28.42
C LEU A 537 -9.18 -7.81 -28.49
N PHE A 538 -8.71 -8.92 -27.89
CA PHE A 538 -7.29 -9.23 -27.91
C PHE A 538 -6.79 -9.44 -29.33
N ASN A 539 -7.59 -10.09 -30.18
CA ASN A 539 -7.15 -10.31 -31.55
C ASN A 539 -6.75 -9.00 -32.23
N MET A 540 -7.36 -7.89 -31.84
CA MET A 540 -6.98 -6.58 -32.35
C MET A 540 -5.87 -5.94 -31.52
N LEU A 541 -5.91 -6.11 -30.19
CA LEU A 541 -4.89 -5.53 -29.33
C LEU A 541 -3.49 -6.04 -29.68
N ARG A 542 -3.32 -7.36 -29.87
CA ARG A 542 -2.03 -7.97 -30.18
C ARG A 542 -1.46 -7.50 -31.51
N LEU A 543 -2.28 -6.89 -32.36
CA LEU A 543 -1.80 -6.42 -33.65
C LEU A 543 -0.78 -5.32 -33.54
N GLY A 544 -0.86 -4.48 -32.50
CA GLY A 544 -0.01 -3.29 -32.45
C GLY A 544 -0.42 -2.36 -33.57
N LYS A 545 0.54 -1.83 -34.34
CA LYS A 545 0.13 -1.15 -35.57
C LYS A 545 0.80 -1.74 -36.81
N SER A 546 0.88 -3.07 -36.83
CA SER A 546 1.27 -3.81 -38.02
C SER A 546 0.21 -3.77 -39.14
N GLU A 547 -1.01 -3.32 -38.87
CA GLU A 547 -2.01 -3.16 -39.92
C GLU A 547 -2.66 -1.80 -39.83
N PRO A 548 -3.08 -1.23 -40.96
CA PRO A 548 -3.68 0.12 -40.94
C PRO A 548 -4.94 0.15 -40.09
N TRP A 549 -5.25 1.33 -39.52
CA TRP A 549 -6.34 1.39 -38.55
C TRP A 549 -7.67 0.98 -39.16
N THR A 550 -7.87 1.22 -40.44
CA THR A 550 -9.12 0.86 -41.09
C THR A 550 -9.36 -0.64 -41.00
N LEU A 551 -8.33 -1.43 -41.35
CA LEU A 551 -8.48 -2.88 -41.31
C LEU A 551 -8.60 -3.38 -39.87
N ALA A 552 -7.81 -2.81 -38.97
CA ALA A 552 -7.87 -3.25 -37.59
C ALA A 552 -9.27 -3.04 -37.03
N LEU A 553 -9.90 -1.90 -37.37
CA LEU A 553 -11.29 -1.63 -36.97
C LEU A 553 -12.24 -2.66 -37.59
N GLU A 554 -12.09 -2.91 -38.90
CA GLU A 554 -12.98 -3.84 -39.59
C GLU A 554 -12.87 -5.26 -39.04
N ASN A 555 -11.73 -5.61 -38.45
CA ASN A 555 -11.57 -6.93 -37.83
C ASN A 555 -12.47 -7.11 -36.61
N VAL A 556 -12.81 -6.04 -35.89
CA VAL A 556 -13.63 -6.16 -34.70
C VAL A 556 -15.08 -5.74 -34.96
N VAL A 557 -15.30 -4.68 -35.73
CA VAL A 557 -16.63 -4.11 -35.88
C VAL A 557 -17.17 -4.26 -37.29
N GLY A 558 -16.40 -4.81 -38.23
CA GLY A 558 -16.87 -4.94 -39.59
C GLY A 558 -17.14 -3.62 -40.30
N ALA A 559 -16.36 -2.59 -40.01
CA ALA A 559 -16.47 -1.29 -40.66
C ALA A 559 -15.08 -0.72 -40.86
N LYS A 560 -14.90 0.01 -41.97
CA LYS A 560 -13.62 0.59 -42.34
C LYS A 560 -13.48 2.05 -41.92
N ASN A 561 -14.43 2.57 -41.14
CA ASN A 561 -14.45 4.01 -40.89
C ASN A 561 -15.17 4.28 -39.57
N MET A 562 -15.05 5.54 -39.13
CA MET A 562 -15.92 6.05 -38.07
C MET A 562 -17.39 5.83 -38.40
N ASN A 563 -18.13 5.30 -37.43
CA ASN A 563 -19.58 5.17 -37.54
C ASN A 563 -20.23 5.75 -36.30
N VAL A 564 -21.26 6.58 -36.48
CA VAL A 564 -21.87 7.27 -35.35
C VAL A 564 -23.11 6.53 -34.83
N ARG A 565 -23.62 5.55 -35.57
CA ARG A 565 -24.88 4.89 -35.19
C ARG A 565 -24.80 4.22 -33.82
N PRO A 566 -23.76 3.46 -33.46
CA PRO A 566 -23.74 2.84 -32.13
C PRO A 566 -23.87 3.84 -30.99
N LEU A 567 -23.25 5.04 -31.12
CA LEU A 567 -23.35 6.08 -30.10
C LEU A 567 -24.79 6.53 -29.90
N LEU A 568 -25.47 6.81 -31.00
CA LEU A 568 -26.88 7.18 -30.93
C LEU A 568 -27.71 6.06 -30.35
N ASN A 569 -27.41 4.81 -30.69
CA ASN A 569 -28.21 3.72 -30.12
C ASN A 569 -27.99 3.64 -28.62
N TYR A 570 -26.76 3.93 -28.20
CA TYR A 570 -26.47 3.94 -26.78
C TYR A 570 -27.36 4.95 -26.06
N PHE A 571 -27.48 6.16 -26.63
CA PHE A 571 -28.16 7.26 -25.95
C PHE A 571 -29.63 7.42 -26.37
N GLU A 572 -30.15 6.51 -27.19
CA GLU A 572 -31.50 6.68 -27.71
C GLU A 572 -32.58 6.87 -26.64
N PRO A 573 -32.66 6.03 -25.58
CA PRO A 573 -33.68 6.29 -24.55
C PRO A 573 -33.56 7.67 -23.92
N LEU A 574 -32.33 8.11 -23.66
CA LEU A 574 -32.14 9.44 -23.09
C LEU A 574 -32.52 10.51 -24.09
N PHE A 575 -32.25 10.29 -25.37
CA PHE A 575 -32.67 11.25 -26.37
C PHE A 575 -34.17 11.45 -26.28
N THR A 576 -34.92 10.34 -26.30
CA THR A 576 -36.37 10.42 -26.25
C THR A 576 -36.84 11.18 -25.01
N TRP A 577 -36.32 10.79 -23.85
CA TRP A 577 -36.73 11.43 -22.61
C TRP A 577 -36.44 12.92 -22.65
N LEU A 578 -35.27 13.32 -23.16
CA LEU A 578 -34.96 14.73 -23.29
C LEU A 578 -35.92 15.44 -24.24
N LYS A 579 -36.25 14.82 -25.37
CA LYS A 579 -37.15 15.48 -26.31
C LYS A 579 -38.48 15.77 -25.63
N ASP A 580 -38.96 14.82 -24.84
CA ASP A 580 -40.21 15.05 -24.11
C ASP A 580 -40.03 16.08 -23.01
N GLN A 581 -38.93 16.01 -22.26
CA GLN A 581 -38.71 16.97 -21.17
C GLN A 581 -38.54 18.39 -21.67
N ASN A 582 -38.03 18.56 -22.89
CA ASN A 582 -37.84 19.89 -23.46
C ASN A 582 -39.06 20.42 -24.21
N LYS A 583 -40.23 19.78 -24.09
CA LYS A 583 -41.35 20.10 -24.97
C LYS A 583 -41.84 21.53 -24.75
N ASN A 584 -41.66 22.06 -23.55
CA ASN A 584 -41.99 23.45 -23.22
C ASN A 584 -40.81 24.39 -23.22
N SER A 585 -39.59 23.87 -23.07
CA SER A 585 -38.37 24.66 -23.13
C SER A 585 -38.06 25.06 -24.58
N PHE A 586 -37.16 26.02 -24.74
CA PHE A 586 -36.56 26.27 -26.04
C PHE A 586 -35.41 25.29 -26.27
N VAL A 587 -35.21 24.88 -27.52
CA VAL A 587 -34.11 24.01 -27.90
C VAL A 587 -33.28 24.69 -28.99
N GLY A 588 -31.98 24.81 -28.76
CA GLY A 588 -31.13 25.70 -29.53
C GLY A 588 -30.63 26.85 -28.66
N TRP A 589 -30.01 27.84 -29.31
CA TRP A 589 -29.52 28.98 -28.56
C TRP A 589 -29.23 30.14 -29.49
N SER A 590 -29.20 31.33 -28.91
CA SER A 590 -28.87 32.54 -29.62
C SER A 590 -27.42 32.89 -29.38
N THR A 591 -26.69 33.15 -30.46
CA THR A 591 -25.31 33.58 -30.34
C THR A 591 -25.17 34.97 -29.75
N ASP A 592 -26.27 35.73 -29.65
CA ASP A 592 -26.17 37.14 -29.28
C ASP A 592 -26.25 37.39 -27.78
N TRP A 593 -26.92 36.53 -27.02
CA TRP A 593 -26.98 36.73 -25.58
C TRP A 593 -25.62 36.46 -24.96
N SER A 594 -25.21 37.35 -24.06
CA SER A 594 -23.99 37.19 -23.28
C SER A 594 -24.26 37.70 -21.87
N PRO A 595 -23.53 37.20 -20.88
CA PRO A 595 -23.72 37.69 -19.51
C PRO A 595 -23.42 39.17 -19.35
N TYR A 596 -22.40 39.69 -20.03
CA TYR A 596 -22.00 41.09 -19.81
C TYR A 596 -22.89 42.06 -20.58
N ALA A 597 -23.39 41.66 -21.75
CA ALA A 597 -24.26 42.55 -22.53
C ALA A 597 -25.66 41.98 -22.68
N SER B 2 33.02 22.29 44.23
CA SER B 2 31.71 21.71 43.93
C SER B 2 31.40 20.48 44.78
N THR B 3 30.11 20.25 45.01
CA THR B 3 29.67 19.20 45.90
C THR B 3 29.55 17.87 45.14
N ILE B 4 29.51 16.75 45.89
CA ILE B 4 29.44 15.42 45.27
C ILE B 4 28.26 15.31 44.34
N GLU B 5 27.10 15.86 44.76
CA GLU B 5 25.95 15.81 43.87
C GLU B 5 26.17 16.67 42.62
N GLU B 6 26.81 17.85 42.79
CA GLU B 6 27.09 18.71 41.63
C GLU B 6 28.04 18.01 40.64
N GLN B 7 29.06 17.33 41.19
CA GLN B 7 29.94 16.48 40.40
C GLN B 7 29.13 15.40 39.66
N ALA B 8 28.24 14.71 40.38
CA ALA B 8 27.46 13.65 39.78
C ALA B 8 26.55 14.20 38.67
N LYS B 9 26.03 15.41 38.87
CA LYS B 9 25.16 16.02 37.87
C LYS B 9 25.95 16.28 36.58
N THR B 10 27.14 16.87 36.72
CA THR B 10 27.97 17.15 35.54
C THR B 10 28.41 15.87 34.85
N PHE B 11 28.73 14.85 35.66
CA PHE B 11 29.12 13.56 35.10
C PHE B 11 27.98 12.93 34.32
N LEU B 12 26.77 12.97 34.87
CA LEU B 12 25.61 12.36 34.23
C LEU B 12 25.21 13.10 32.98
N ASP B 13 25.34 14.42 32.95
CA ASP B 13 25.09 15.13 31.69
C ASP B 13 26.11 14.72 30.64
N LYS B 14 27.39 14.65 31.02
CA LYS B 14 28.43 14.25 30.08
C LYS B 14 28.17 12.83 29.57
N PHE B 15 27.84 11.93 30.49
CA PHE B 15 27.55 10.54 30.14
C PHE B 15 26.34 10.45 29.24
N ASN B 16 25.29 11.21 29.52
CA ASN B 16 24.08 11.10 28.72
C ASN B 16 24.31 11.60 27.30
N HIS B 17 25.05 12.69 27.13
CA HIS B 17 25.35 13.16 25.78
C HIS B 17 26.15 12.13 25.00
N GLU B 18 27.25 11.64 25.61
CA GLU B 18 28.07 10.63 24.95
C GLU B 18 27.25 9.36 24.67
N ALA B 19 26.44 8.93 25.65
CA ALA B 19 25.69 7.69 25.51
C ALA B 19 24.68 7.79 24.40
N GLU B 20 23.95 8.90 24.34
CA GLU B 20 22.96 9.07 23.29
C GLU B 20 23.60 9.09 21.93
N ASP B 21 24.70 9.84 21.80
CA ASP B 21 25.37 9.93 20.50
C ASP B 21 25.88 8.58 20.06
N LEU B 22 26.44 7.80 20.98
CA LEU B 22 27.01 6.51 20.59
C LEU B 22 25.92 5.47 20.35
N PHE B 23 24.88 5.47 21.17
CA PHE B 23 23.79 4.52 21.02
C PHE B 23 23.06 4.73 19.70
N TYR B 24 22.93 5.98 19.23
CA TYR B 24 22.31 6.20 17.93
C TYR B 24 23.11 5.53 16.82
N GLN B 25 24.43 5.69 16.83
CA GLN B 25 25.28 5.03 15.83
C GLN B 25 25.20 3.51 15.93
N SER B 26 25.24 2.98 17.16
CA SER B 26 25.21 1.53 17.30
C SER B 26 23.89 0.98 16.77
N SER B 27 22.77 1.63 17.14
CA SER B 27 21.45 1.23 16.64
C SER B 27 21.35 1.36 15.14
N LEU B 28 22.01 2.36 14.55
CA LEU B 28 22.04 2.44 13.10
C LEU B 28 22.74 1.21 12.49
N ALA B 29 23.88 0.81 13.07
CA ALA B 29 24.60 -0.36 12.55
C ALA B 29 23.79 -1.65 12.71
N SER B 30 23.14 -1.79 13.87
CA SER B 30 22.24 -2.92 14.11
C SER B 30 21.12 -2.94 13.10
N TRP B 31 20.52 -1.78 12.81
CA TRP B 31 19.46 -1.73 11.82
C TRP B 31 19.97 -2.22 10.48
N ASN B 32 21.16 -1.77 10.09
CA ASN B 32 21.67 -2.15 8.78
C ASN B 32 21.87 -3.66 8.68
N TYR B 33 22.38 -4.28 9.74
CA TYR B 33 22.50 -5.74 9.71
C TYR B 33 21.11 -6.41 9.70
N ASN B 34 20.16 -5.91 10.49
CA ASN B 34 18.90 -6.62 10.64
C ASN B 34 18.04 -6.53 9.39
N THR B 35 18.20 -5.47 8.59
CA THR B 35 17.46 -5.31 7.34
C THR B 35 18.24 -5.75 6.11
N ASN B 36 19.55 -5.83 6.22
CA ASN B 36 20.43 -6.27 5.14
C ASN B 36 21.51 -7.16 5.73
N ILE B 37 21.44 -8.45 5.48
CA ILE B 37 22.40 -9.36 6.10
C ILE B 37 23.57 -9.52 5.14
N THR B 38 24.70 -8.87 5.47
CA THR B 38 25.93 -8.95 4.71
C THR B 38 27.07 -9.15 5.68
N GLU B 39 28.18 -9.72 5.17
CA GLU B 39 29.37 -9.83 6.00
C GLU B 39 29.79 -8.48 6.53
N GLU B 40 29.83 -7.47 5.63
CA GLU B 40 30.21 -6.11 6.03
C GLU B 40 29.33 -5.60 7.17
N ASN B 41 28.03 -5.86 7.11
CA ASN B 41 27.15 -5.36 8.15
C ASN B 41 27.39 -6.07 9.47
N VAL B 42 27.65 -7.38 9.43
CA VAL B 42 27.95 -8.07 10.69
C VAL B 42 29.24 -7.54 11.27
N GLN B 43 30.22 -7.25 10.41
CA GLN B 43 31.45 -6.66 10.90
C GLN B 43 31.15 -5.36 11.64
N ASN B 44 30.43 -4.44 10.98
CA ASN B 44 30.21 -3.13 11.57
C ASN B 44 29.41 -3.24 12.86
N MET B 45 28.42 -4.14 12.88
CA MET B 45 27.62 -4.34 14.07
C MET B 45 28.45 -4.88 15.22
N ASN B 46 29.32 -5.88 14.98
CA ASN B 46 30.16 -6.40 16.03
C ASN B 46 31.09 -5.33 16.59
N ASN B 47 31.67 -4.52 15.70
CA ASN B 47 32.52 -3.43 16.16
C ASN B 47 31.73 -2.44 17.02
N ALA B 48 30.52 -2.11 16.57
CA ALA B 48 29.67 -1.23 17.36
C ALA B 48 29.38 -1.84 18.72
N GLY B 49 29.12 -3.15 18.75
CA GLY B 49 28.85 -3.80 20.02
C GLY B 49 30.02 -3.69 20.97
N ASP B 50 31.24 -3.90 20.44
CA ASP B 50 32.44 -3.78 21.26
C ASP B 50 32.58 -2.36 21.81
N LYS B 51 32.38 -1.36 20.94
CA LYS B 51 32.42 0.02 21.36
C LYS B 51 31.43 0.30 22.49
N TRP B 52 30.19 -0.17 22.32
CA TRP B 52 29.14 0.12 23.28
C TRP B 52 29.46 -0.50 24.63
N SER B 53 29.84 -1.78 24.62
CA SER B 53 30.15 -2.43 25.89
C SER B 53 31.34 -1.75 26.56
N ALA B 54 32.38 -1.42 25.79
CA ALA B 54 33.54 -0.77 26.39
C ALA B 54 33.16 0.55 27.01
N PHE B 55 32.37 1.36 26.29
CA PHE B 55 31.91 2.64 26.82
C PHE B 55 31.14 2.45 28.12
N LEU B 56 30.24 1.46 28.16
CA LEU B 56 29.46 1.27 29.37
C LEU B 56 30.34 0.79 30.53
N LYS B 57 31.31 -0.06 30.26
CA LYS B 57 32.23 -0.49 31.32
C LYS B 57 32.99 0.71 31.90
N GLU B 58 33.46 1.59 31.02
CA GLU B 58 34.29 2.73 31.44
C GLU B 58 33.45 3.75 32.22
N GLN B 59 32.25 4.06 31.71
CA GLN B 59 31.37 5.00 32.41
C GLN B 59 30.88 4.42 33.73
N SER B 60 30.64 3.11 33.77
CA SER B 60 30.26 2.47 35.03
C SER B 60 31.37 2.58 36.05
N THR B 61 32.62 2.37 35.59
CA THR B 61 33.78 2.52 36.45
C THR B 61 33.85 3.92 37.05
N LEU B 62 33.70 4.93 36.19
CA LEU B 62 33.70 6.31 36.68
C LEU B 62 32.55 6.54 37.67
N ALA B 63 31.36 6.04 37.34
CA ALA B 63 30.20 6.22 38.19
C ALA B 63 30.37 5.58 39.56
N GLN B 64 31.29 4.64 39.71
CA GLN B 64 31.52 4.08 41.04
C GLN B 64 31.99 5.15 42.03
N MET B 65 32.69 6.19 41.54
CA MET B 65 33.27 7.20 42.43
C MET B 65 32.20 7.86 43.30
N TYR B 66 31.09 8.26 42.71
CA TYR B 66 30.08 9.02 43.44
C TYR B 66 29.22 8.07 44.26
N PRO B 67 29.29 8.13 45.59
CA PRO B 67 28.49 7.22 46.41
C PRO B 67 27.03 7.64 46.48
N LEU B 68 26.14 6.64 46.42
CA LEU B 68 24.70 6.90 46.46
C LEU B 68 24.28 7.50 47.80
N GLN B 69 24.93 7.11 48.89
CA GLN B 69 24.57 7.61 50.21
C GLN B 69 24.67 9.13 50.29
N GLU B 70 25.51 9.73 49.44
CA GLU B 70 25.70 11.17 49.49
C GLU B 70 24.84 11.91 48.47
N ILE B 71 23.98 11.21 47.76
CA ILE B 71 23.12 11.84 46.74
C ILE B 71 21.71 11.95 47.29
N GLN B 72 21.24 13.19 47.41
CA GLN B 72 19.90 13.47 47.89
C GLN B 72 18.89 13.55 46.76
N ASN B 73 19.31 13.78 45.53
CA ASN B 73 18.38 13.90 44.42
C ASN B 73 18.06 12.49 43.94
N LEU B 74 16.79 12.09 44.07
CA LEU B 74 16.38 10.72 43.74
C LEU B 74 16.55 10.44 42.25
N THR B 75 16.20 11.39 41.38
CA THR B 75 16.31 11.20 39.93
C THR B 75 17.76 10.91 39.54
N VAL B 76 18.68 11.73 40.07
CA VAL B 76 20.10 11.52 39.80
C VAL B 76 20.56 10.20 40.43
N LYS B 77 20.11 9.93 41.65
CA LYS B 77 20.54 8.72 42.34
C LYS B 77 20.18 7.48 41.52
N LEU B 78 19.01 7.50 40.87
CA LEU B 78 18.56 6.36 40.09
C LEU B 78 19.52 6.06 38.94
N GLN B 79 19.80 7.08 38.13
CA GLN B 79 20.78 6.92 37.07
C GLN B 79 22.06 6.33 37.63
N LEU B 80 22.56 6.89 38.74
CA LEU B 80 23.80 6.36 39.32
C LEU B 80 23.65 4.89 39.67
N GLN B 81 22.54 4.51 40.31
CA GLN B 81 22.28 3.12 40.67
C GLN B 81 22.41 2.22 39.45
N ALA B 82 21.80 2.64 38.35
CA ALA B 82 21.81 1.82 37.14
C ALA B 82 23.22 1.71 36.59
N LEU B 83 23.95 2.82 36.58
CA LEU B 83 25.27 2.86 35.99
C LEU B 83 26.30 2.10 36.82
N GLN B 84 26.06 1.93 38.11
CA GLN B 84 26.99 1.22 38.98
C GLN B 84 26.88 -0.30 38.88
N GLN B 85 25.91 -0.81 38.12
CA GLN B 85 25.75 -2.25 37.95
C GLN B 85 26.96 -2.87 37.27
N ASN B 86 27.34 -4.07 37.71
CA ASN B 86 28.39 -4.85 37.08
C ASN B 86 27.75 -6.00 36.30
N GLY B 87 28.14 -6.16 35.03
CA GLY B 87 27.59 -7.23 34.22
C GLY B 87 28.57 -8.36 33.99
N SER B 88 28.92 -8.57 32.72
CA SER B 88 29.90 -9.57 32.33
C SER B 88 31.32 -9.02 32.45
N SER B 89 31.47 -7.76 32.84
CA SER B 89 32.80 -7.20 33.02
C SER B 89 33.54 -7.89 34.15
N VAL B 90 32.79 -8.53 35.04
CA VAL B 90 33.39 -9.16 36.21
C VAL B 90 34.34 -10.28 35.79
N LEU B 91 34.00 -10.97 34.70
CA LEU B 91 34.75 -12.15 34.28
C LEU B 91 36.10 -11.75 33.68
N SER B 92 37.01 -12.72 33.65
CA SER B 92 38.32 -12.47 33.03
C SER B 92 38.16 -12.32 31.53
N GLU B 93 39.06 -11.51 30.94
CA GLU B 93 38.90 -11.17 29.54
C GLU B 93 38.82 -12.44 28.68
N ASP B 94 39.62 -13.46 28.98
CA ASP B 94 39.52 -14.70 28.23
C ASP B 94 38.12 -15.30 28.35
N LYS B 95 37.59 -15.35 29.58
CA LYS B 95 36.28 -15.97 29.78
C LYS B 95 35.19 -15.17 29.09
N SER B 96 35.25 -13.84 29.15
CA SER B 96 34.25 -13.03 28.45
C SER B 96 34.32 -13.24 26.94
N LYS B 97 35.54 -13.33 26.37
CA LYS B 97 35.65 -13.64 24.94
C LYS B 97 35.02 -14.98 24.64
N ARG B 98 35.28 -15.99 25.49
CA ARG B 98 34.75 -17.32 25.27
C ARG B 98 33.22 -17.34 25.32
N LEU B 99 32.64 -16.66 26.31
CA LEU B 99 31.20 -16.60 26.42
C LEU B 99 30.59 -15.95 25.20
N ASN B 100 31.19 -14.84 24.74
CA ASN B 100 30.68 -14.20 23.53
C ASN B 100 30.71 -15.13 22.34
N THR B 101 31.81 -15.90 22.21
CA THR B 101 31.89 -16.85 21.11
C THR B 101 30.81 -17.92 21.22
N ILE B 102 30.56 -18.42 22.41
CA ILE B 102 29.53 -19.43 22.58
C ILE B 102 28.17 -18.88 22.17
N LEU B 103 27.84 -17.65 22.63
CA LEU B 103 26.55 -17.07 22.30
C LEU B 103 26.41 -16.81 20.80
N ASN B 104 27.47 -16.28 20.17
CA ASN B 104 27.41 -16.03 18.74
C ASN B 104 27.32 -17.33 17.95
N THR B 105 28.06 -18.37 18.36
CA THR B 105 27.95 -19.65 17.69
C THR B 105 26.53 -20.22 17.82
N MET B 106 25.92 -20.08 19.00
CA MET B 106 24.57 -20.57 19.18
C MET B 106 23.58 -19.83 18.29
N SER B 107 23.72 -18.51 18.22
CA SER B 107 22.84 -17.74 17.36
C SER B 107 23.03 -18.16 15.90
N THR B 108 24.26 -18.43 15.48
CA THR B 108 24.43 -18.76 14.08
C THR B 108 23.89 -20.15 13.79
N ILE B 109 24.13 -21.10 14.70
CA ILE B 109 23.59 -22.46 14.53
C ILE B 109 22.09 -22.39 14.40
N TYR B 110 21.43 -21.59 15.22
CA TYR B 110 19.99 -21.51 15.14
C TYR B 110 19.53 -20.90 13.81
N SER B 111 20.15 -19.81 13.36
CA SER B 111 19.62 -19.09 12.20
C SER B 111 20.07 -19.68 10.87
N THR B 112 21.09 -20.54 10.88
CA THR B 112 21.55 -21.17 9.66
C THR B 112 21.24 -22.66 9.62
N GLY B 113 20.69 -23.21 10.72
CA GLY B 113 20.35 -24.60 10.77
C GLY B 113 19.34 -24.96 9.71
N LYS B 114 19.60 -26.04 8.98
CA LYS B 114 18.66 -26.52 7.97
C LYS B 114 18.62 -28.05 8.02
N VAL B 115 17.49 -28.60 7.55
CA VAL B 115 17.32 -30.05 7.48
C VAL B 115 16.95 -30.38 6.05
N CYS B 116 17.40 -31.52 5.55
CA CYS B 116 17.14 -31.91 4.18
C CYS B 116 16.36 -33.22 4.14
N ASN B 117 15.65 -33.40 3.03
CA ASN B 117 14.85 -34.60 2.83
C ASN B 117 15.74 -35.83 2.94
N PRO B 118 15.35 -36.85 3.73
CA PRO B 118 16.23 -38.02 3.90
C PRO B 118 16.64 -38.67 2.58
N ASP B 119 15.71 -38.78 1.64
CA ASP B 119 15.99 -39.18 0.27
C ASP B 119 15.81 -37.97 -0.64
N ASN B 120 16.66 -37.87 -1.67
CA ASN B 120 16.85 -36.64 -2.43
C ASN B 120 17.28 -35.50 -1.48
N PRO B 121 18.48 -35.62 -0.81
CA PRO B 121 18.91 -34.59 0.14
C PRO B 121 19.63 -33.42 -0.54
N GLN B 122 19.10 -32.97 -1.68
CA GLN B 122 19.57 -31.75 -2.33
C GLN B 122 18.70 -30.55 -2.01
N GLU B 123 17.43 -30.78 -1.71
CA GLU B 123 16.49 -29.72 -1.32
C GLU B 123 16.35 -29.72 0.20
N CYS B 124 16.57 -28.55 0.81
CA CYS B 124 16.61 -28.39 2.26
C CYS B 124 15.67 -27.28 2.72
N LEU B 125 15.36 -27.31 4.00
CA LEU B 125 14.43 -26.36 4.59
C LEU B 125 15.06 -25.73 5.81
N LEU B 126 14.88 -24.42 5.95
CA LEU B 126 15.25 -23.67 7.14
C LEU B 126 14.06 -23.59 8.09
N LEU B 127 14.35 -23.24 9.35
CA LEU B 127 13.25 -23.03 10.28
C LEU B 127 12.32 -21.95 9.77
N GLU B 128 12.88 -20.79 9.38
CA GLU B 128 12.12 -19.70 8.81
C GLU B 128 12.38 -19.61 7.30
N PRO B 129 11.37 -19.83 6.44
CA PRO B 129 9.99 -20.15 6.77
C PRO B 129 9.68 -21.62 6.59
N GLY B 130 10.66 -22.45 6.23
CA GLY B 130 10.41 -23.80 5.77
C GLY B 130 9.75 -24.73 6.76
N LEU B 131 10.41 -25.04 7.87
CA LEU B 131 9.80 -25.93 8.86
C LEU B 131 8.65 -25.24 9.58
N ASN B 132 8.72 -23.91 9.73
CA ASN B 132 7.67 -23.16 10.39
C ASN B 132 6.36 -23.31 9.66
N GLU B 133 6.39 -23.25 8.33
CA GLU B 133 5.18 -23.49 7.56
C GLU B 133 4.62 -24.85 7.90
N ILE B 134 5.45 -25.89 7.85
CA ILE B 134 4.97 -27.25 8.08
C ILE B 134 4.30 -27.35 9.43
N MET B 135 4.98 -26.87 10.48
CA MET B 135 4.40 -26.95 11.82
C MET B 135 3.09 -26.15 11.94
N ALA B 136 2.93 -25.07 11.16
CA ALA B 136 1.72 -24.26 11.23
C ALA B 136 0.58 -24.74 10.34
N ASN B 137 0.87 -25.50 9.28
CA ASN B 137 -0.12 -25.74 8.25
C ASN B 137 -0.31 -27.22 7.96
N SER B 138 0.73 -28.04 8.13
CA SER B 138 0.63 -29.43 7.75
C SER B 138 -0.36 -30.14 8.66
N LEU B 139 -1.14 -31.06 8.08
CA LEU B 139 -2.00 -31.96 8.83
C LEU B 139 -1.50 -33.41 8.85
N ASP B 140 -0.41 -33.71 8.13
CA ASP B 140 0.17 -35.06 8.11
C ASP B 140 0.94 -35.32 9.41
N TYR B 141 0.51 -36.33 10.17
CA TYR B 141 1.21 -36.67 11.41
C TYR B 141 2.69 -36.91 11.15
N ASN B 142 2.99 -37.64 10.07
CA ASN B 142 4.36 -38.05 9.79
C ASN B 142 5.22 -36.90 9.30
N GLU B 143 4.68 -36.04 8.43
CA GLU B 143 5.45 -34.88 7.98
C GLU B 143 5.77 -33.94 9.14
N ARG B 144 4.78 -33.67 10.00
CA ARG B 144 5.03 -32.80 11.15
C ARG B 144 6.03 -33.42 12.11
N LEU B 145 5.91 -34.74 12.36
CA LEU B 145 6.90 -35.42 13.18
C LEU B 145 8.29 -35.29 12.55
N TRP B 146 8.38 -35.42 11.24
CA TRP B 146 9.68 -35.29 10.60
C TRP B 146 10.27 -33.92 10.89
N ALA B 147 9.49 -32.86 10.69
CA ALA B 147 10.03 -31.52 10.89
C ALA B 147 10.44 -31.30 12.35
N TRP B 148 9.60 -31.76 13.29
CA TRP B 148 9.89 -31.59 14.72
C TRP B 148 11.17 -32.31 15.13
N GLU B 149 11.30 -33.59 14.73
CA GLU B 149 12.46 -34.38 15.15
C GLU B 149 13.73 -34.00 14.39
N SER B 150 13.61 -33.67 13.11
CA SER B 150 14.76 -33.22 12.32
C SER B 150 15.35 -31.96 12.92
N TRP B 151 14.49 -30.99 13.24
CA TRP B 151 14.95 -29.75 13.84
C TRP B 151 15.60 -30.00 15.19
N ARG B 152 14.96 -30.81 16.04
CA ARG B 152 15.54 -30.99 17.37
C ARG B 152 16.85 -31.77 17.35
N SER B 153 17.05 -32.63 16.34
CA SER B 153 18.26 -33.45 16.31
C SER B 153 19.42 -32.80 15.54
N GLU B 154 19.16 -32.34 14.31
CA GLU B 154 20.21 -31.72 13.52
C GLU B 154 20.73 -30.43 14.16
N VAL B 155 19.87 -29.68 14.85
CA VAL B 155 20.26 -28.41 15.44
C VAL B 155 20.46 -28.52 16.95
N GLY B 156 19.56 -29.19 17.67
CA GLY B 156 19.70 -29.26 19.11
C GLY B 156 20.98 -29.96 19.57
N LYS B 157 21.34 -31.05 18.89
CA LYS B 157 22.53 -31.79 19.27
C LYS B 157 23.80 -30.96 19.08
N GLN B 158 23.79 -30.03 18.11
CA GLN B 158 24.89 -29.10 17.97
C GLN B 158 25.00 -28.20 19.19
N LEU B 159 23.86 -27.76 19.72
CA LEU B 159 23.82 -26.79 20.78
C LEU B 159 24.02 -27.39 22.16
N ARG B 160 23.92 -28.72 22.31
CA ARG B 160 24.02 -29.32 23.64
C ARG B 160 25.32 -28.95 24.37
N PRO B 161 26.52 -29.33 23.88
CA PRO B 161 27.74 -29.02 24.66
C PRO B 161 27.96 -27.52 24.85
N LEU B 162 27.60 -26.71 23.84
CA LEU B 162 27.70 -25.28 24.00
C LEU B 162 26.83 -24.80 25.16
N TYR B 163 25.61 -25.34 25.30
CA TYR B 163 24.72 -24.93 26.39
C TYR B 163 25.28 -25.36 27.75
N GLU B 164 25.95 -26.50 27.80
CA GLU B 164 26.57 -26.91 29.06
C GLU B 164 27.60 -25.88 29.50
N GLU B 165 28.51 -25.52 28.59
CA GLU B 165 29.53 -24.53 28.91
C GLU B 165 28.91 -23.18 29.23
N TYR B 166 27.85 -22.82 28.51
CA TYR B 166 27.16 -21.55 28.72
C TYR B 166 26.57 -21.45 30.12
N VAL B 167 25.96 -22.54 30.60
CA VAL B 167 25.49 -22.56 31.98
C VAL B 167 26.63 -22.30 32.93
N VAL B 168 27.77 -22.97 32.72
CA VAL B 168 28.90 -22.82 33.65
C VAL B 168 29.37 -21.36 33.69
N LEU B 169 29.56 -20.75 32.52
CA LEU B 169 30.10 -19.40 32.47
C LEU B 169 29.10 -18.37 33.00
N LYS B 170 27.82 -18.48 32.61
CA LYS B 170 26.84 -17.54 33.11
C LYS B 170 26.70 -17.66 34.62
N ASN B 171 26.77 -18.89 35.14
CA ASN B 171 26.67 -19.05 36.58
C ASN B 171 27.87 -18.41 37.27
N GLU B 172 29.06 -18.57 36.69
CA GLU B 172 30.23 -17.93 37.25
C GLU B 172 30.03 -16.42 37.34
N MET B 173 29.53 -15.82 36.26
CA MET B 173 29.35 -14.37 36.28
C MET B 173 28.32 -13.97 37.33
N ALA B 174 27.20 -14.70 37.39
CA ALA B 174 26.15 -14.35 38.33
C ALA B 174 26.65 -14.43 39.77
N ARG B 175 27.39 -15.49 40.11
CA ARG B 175 27.91 -15.61 41.45
C ARG B 175 28.99 -14.57 41.73
N ALA B 176 29.78 -14.20 40.71
CA ALA B 176 30.75 -13.12 40.84
C ALA B 176 30.05 -11.79 41.10
N ASN B 177 28.79 -11.67 40.74
CA ASN B 177 28.04 -10.48 41.09
C ASN B 177 27.19 -10.70 42.35
N HIS B 178 27.49 -11.74 43.13
CA HIS B 178 26.84 -12.02 44.41
C HIS B 178 25.38 -12.43 44.26
N TYR B 179 25.04 -13.03 43.14
CA TYR B 179 23.78 -13.72 42.94
C TYR B 179 23.94 -15.21 43.17
N GLU B 180 22.83 -15.88 43.51
CA GLU B 180 22.88 -17.32 43.78
C GLU B 180 23.25 -18.10 42.53
N ASP B 181 22.66 -17.73 41.40
CA ASP B 181 22.94 -18.36 40.11
C ASP B 181 22.47 -17.41 39.03
N TYR B 182 22.58 -17.85 37.78
CA TYR B 182 22.16 -16.99 36.68
C TYR B 182 20.65 -16.77 36.66
N GLY B 183 19.84 -17.74 37.13
CA GLY B 183 18.41 -17.53 37.18
C GLY B 183 18.03 -16.44 38.17
N ASP B 184 18.65 -16.45 39.35
CA ASP B 184 18.49 -15.36 40.30
C ASP B 184 18.84 -14.04 39.67
N TYR B 185 19.93 -14.02 38.90
CA TYR B 185 20.35 -12.81 38.21
C TYR B 185 19.28 -12.33 37.23
N TRP B 186 18.62 -13.26 36.56
CA TRP B 186 17.54 -12.89 35.65
C TRP B 186 16.34 -12.34 36.41
N ARG B 187 16.01 -12.97 37.55
CA ARG B 187 14.87 -12.52 38.33
C ARG B 187 15.13 -11.17 38.97
N GLY B 188 16.40 -10.75 39.03
CA GLY B 188 16.69 -9.42 39.51
C GLY B 188 15.91 -8.31 38.81
N ASP B 189 15.45 -8.54 37.57
CA ASP B 189 14.70 -7.51 36.86
C ASP B 189 13.49 -7.03 37.65
N TYR B 190 12.87 -7.91 38.45
CA TYR B 190 11.67 -7.54 39.22
C TYR B 190 11.99 -7.01 40.61
N GLU B 191 13.27 -6.80 40.94
CA GLU B 191 13.66 -6.49 42.30
C GLU B 191 13.51 -4.99 42.56
N VAL B 192 12.91 -4.65 43.70
CA VAL B 192 12.74 -3.26 44.10
C VAL B 192 13.21 -3.14 45.54
N ASN B 193 14.13 -2.20 45.78
CA ASN B 193 14.73 -2.00 47.08
C ASN B 193 14.74 -0.53 47.43
N GLY B 194 14.40 -0.24 48.68
CA GLY B 194 14.50 1.12 49.17
C GLY B 194 13.25 1.94 49.07
N VAL B 195 12.14 1.39 48.58
CA VAL B 195 10.87 2.10 48.59
C VAL B 195 9.96 1.37 49.58
N ASP B 196 9.66 2.02 50.69
CA ASP B 196 8.88 1.37 51.72
C ASP B 196 7.46 1.13 51.21
N GLY B 197 7.00 -0.11 51.35
CA GLY B 197 5.68 -0.46 50.89
C GLY B 197 5.59 -0.83 49.44
N TYR B 198 6.66 -0.61 48.67
CA TYR B 198 6.71 -1.01 47.26
C TYR B 198 7.88 -1.93 46.94
N ASP B 199 8.62 -2.39 47.95
CA ASP B 199 9.74 -3.30 47.75
C ASP B 199 9.26 -4.63 47.20
N TYR B 200 10.12 -5.26 46.38
CA TYR B 200 9.90 -6.59 45.82
C TYR B 200 11.23 -7.32 45.76
N SER B 201 11.24 -8.58 46.20
CA SER B 201 12.47 -9.37 46.24
C SER B 201 12.48 -10.44 45.16
N ARG B 202 13.69 -10.91 44.84
CA ARG B 202 13.85 -11.86 43.74
C ARG B 202 13.16 -13.19 44.03
N GLY B 203 13.23 -13.66 45.28
CA GLY B 203 12.52 -14.87 45.64
C GLY B 203 11.01 -14.72 45.55
N GLN B 204 10.51 -13.49 45.75
CA GLN B 204 9.06 -13.30 45.74
C GLN B 204 8.46 -13.59 44.37
N LEU B 205 9.24 -13.41 43.29
CA LEU B 205 8.71 -13.63 41.95
C LEU B 205 8.39 -15.10 41.69
N ILE B 206 9.24 -16.01 42.17
CA ILE B 206 8.94 -17.43 42.02
C ILE B 206 7.63 -17.78 42.73
N GLU B 207 7.47 -17.29 43.96
CA GLU B 207 6.25 -17.56 44.72
C GLU B 207 5.03 -17.00 44.02
N ASP B 208 5.11 -15.77 43.52
CA ASP B 208 3.95 -15.18 42.85
C ASP B 208 3.62 -15.93 41.57
N VAL B 209 4.65 -16.32 40.80
CA VAL B 209 4.40 -17.05 39.56
C VAL B 209 3.71 -18.37 39.83
N GLU B 210 4.23 -19.14 40.79
CA GLU B 210 3.60 -20.41 41.12
C GLU B 210 2.20 -20.23 41.71
N HIS B 211 2.04 -19.23 42.58
CA HIS B 211 0.75 -18.99 43.22
C HIS B 211 -0.32 -18.66 42.18
N THR B 212 0.02 -17.80 41.21
CA THR B 212 -0.96 -17.50 40.17
C THR B 212 -1.16 -18.67 39.21
N PHE B 213 -0.12 -19.46 38.96
CA PHE B 213 -0.28 -20.63 38.10
C PHE B 213 -1.29 -21.62 38.70
N GLU B 214 -1.31 -21.74 40.03
CA GLU B 214 -2.31 -22.59 40.67
C GLU B 214 -3.72 -22.25 40.19
N GLU B 215 -4.07 -20.97 40.21
CA GLU B 215 -5.40 -20.57 39.77
C GLU B 215 -5.55 -20.62 38.26
N ILE B 216 -4.44 -20.62 37.51
CA ILE B 216 -4.55 -20.79 36.06
C ILE B 216 -4.93 -22.23 35.72
N LYS B 217 -4.49 -23.16 36.56
CA LYS B 217 -4.48 -24.57 36.18
C LYS B 217 -5.83 -25.12 35.72
N PRO B 218 -6.96 -24.82 36.37
CA PRO B 218 -8.23 -25.42 35.91
C PRO B 218 -8.65 -25.01 34.52
N LEU B 219 -8.62 -23.72 34.21
CA LEU B 219 -8.96 -23.30 32.86
C LEU B 219 -8.06 -23.97 31.83
N TYR B 220 -6.76 -24.08 32.13
CA TYR B 220 -5.89 -24.77 31.19
C TYR B 220 -6.31 -26.23 31.05
N GLU B 221 -6.63 -26.88 32.16
CA GLU B 221 -6.99 -28.29 32.10
C GLU B 221 -8.17 -28.51 31.17
N HIS B 222 -9.20 -27.68 31.33
CA HIS B 222 -10.39 -27.87 30.50
C HIS B 222 -10.12 -27.51 29.04
N LEU B 223 -9.37 -26.44 28.80
CA LEU B 223 -9.01 -26.10 27.42
C LEU B 223 -8.20 -27.23 26.78
N HIS B 224 -7.26 -27.78 27.52
CA HIS B 224 -6.45 -28.85 26.98
C HIS B 224 -7.33 -30.08 26.70
N ALA B 225 -8.24 -30.43 27.61
CA ALA B 225 -9.09 -31.61 27.38
C ALA B 225 -9.96 -31.44 26.13
N TYR B 226 -10.55 -30.26 25.97
CA TYR B 226 -11.32 -29.97 24.77
C TYR B 226 -10.46 -30.04 23.51
N VAL B 227 -9.25 -29.45 23.57
CA VAL B 227 -8.37 -29.45 22.41
C VAL B 227 -8.00 -30.88 22.07
N ARG B 228 -7.76 -31.71 23.09
CA ARG B 228 -7.41 -33.10 22.89
C ARG B 228 -8.51 -33.81 22.11
N ALA B 229 -9.76 -33.58 22.52
CA ALA B 229 -10.90 -34.16 21.81
C ALA B 229 -10.91 -33.73 20.36
N LYS B 230 -10.69 -32.44 20.11
CA LYS B 230 -10.77 -31.97 18.71
C LYS B 230 -9.58 -32.45 17.89
N LEU B 231 -8.43 -32.65 18.52
CA LEU B 231 -7.28 -33.18 17.81
C LEU B 231 -7.50 -34.64 17.42
N MET B 232 -8.28 -35.37 18.21
CA MET B 232 -8.58 -36.76 17.85
C MET B 232 -9.37 -36.86 16.54
N ASN B 233 -10.28 -35.94 16.29
CA ASN B 233 -11.00 -35.91 15.02
C ASN B 233 -10.08 -35.63 13.82
N ALA B 234 -8.88 -35.05 14.06
CA ALA B 234 -7.99 -34.63 12.99
C ALA B 234 -6.77 -35.53 12.82
N TYR B 235 -6.39 -36.26 13.86
CA TYR B 235 -5.34 -37.27 13.80
C TYR B 235 -5.87 -38.58 14.38
N PRO B 236 -6.77 -39.25 13.68
CA PRO B 236 -7.35 -40.49 14.22
C PRO B 236 -6.28 -41.55 14.48
N SER B 237 -6.41 -42.21 15.64
CA SER B 237 -5.56 -43.30 16.15
C SER B 237 -4.24 -42.80 16.70
N TYR B 238 -3.95 -41.52 16.61
CA TYR B 238 -2.67 -40.97 16.99
C TYR B 238 -2.69 -40.28 18.36
N ILE B 239 -3.87 -40.14 18.99
CA ILE B 239 -3.99 -39.46 20.28
C ILE B 239 -4.85 -40.31 21.20
N SER B 240 -4.37 -40.54 22.45
CA SER B 240 -5.16 -41.18 23.49
C SER B 240 -6.12 -40.19 24.15
N PRO B 241 -7.28 -40.65 24.61
CA PRO B 241 -8.22 -39.78 25.32
C PRO B 241 -7.89 -39.56 26.79
N ILE B 242 -6.78 -40.08 27.32
CA ILE B 242 -6.38 -39.77 28.68
C ILE B 242 -4.99 -39.16 28.76
N GLY B 243 -4.33 -38.92 27.64
CA GLY B 243 -2.93 -38.63 27.65
C GLY B 243 -2.57 -37.21 27.20
N CYS B 244 -1.27 -36.95 27.21
CA CYS B 244 -0.76 -35.67 26.75
C CYS B 244 -0.86 -35.58 25.24
N LEU B 245 -1.10 -34.36 24.74
CA LEU B 245 -1.15 -34.18 23.28
C LEU B 245 0.27 -34.21 22.73
N PRO B 246 0.50 -34.85 21.58
CA PRO B 246 1.87 -34.97 21.07
C PRO B 246 2.45 -33.61 20.68
N ALA B 247 3.75 -33.42 20.98
CA ALA B 247 4.44 -32.15 20.82
C ALA B 247 4.44 -31.61 19.38
N HIS B 248 4.37 -32.46 18.36
CA HIS B 248 4.41 -31.95 17.00
C HIS B 248 3.04 -31.61 16.41
N LEU B 249 1.96 -31.79 17.17
CA LEU B 249 0.63 -31.53 16.65
C LEU B 249 0.00 -30.26 17.24
N LEU B 250 0.83 -29.35 17.77
CA LEU B 250 0.34 -28.22 18.57
C LEU B 250 0.25 -26.90 17.82
N GLY B 251 0.63 -26.84 16.55
CA GLY B 251 0.41 -25.66 15.73
C GLY B 251 1.64 -24.84 15.39
N ASP B 252 2.72 -24.93 16.18
CA ASP B 252 4.01 -24.36 15.81
C ASP B 252 5.10 -25.36 16.21
N MET B 253 6.37 -24.94 16.09
CA MET B 253 7.50 -25.87 16.23
C MET B 253 7.65 -26.41 17.65
N TRP B 254 7.09 -25.72 18.64
CA TRP B 254 7.21 -26.13 20.03
C TRP B 254 5.87 -26.20 20.75
N GLY B 255 4.79 -25.73 20.15
CA GLY B 255 3.57 -25.53 20.89
C GLY B 255 3.66 -24.37 21.86
N ARG B 256 4.48 -23.36 21.55
CA ARG B 256 4.51 -22.16 22.37
C ARG B 256 3.17 -21.45 22.35
N PHE B 257 2.54 -21.35 21.18
CA PHE B 257 1.17 -20.87 21.06
C PHE B 257 0.32 -21.94 20.39
N TRP B 258 -0.98 -21.95 20.70
CA TRP B 258 -1.86 -22.92 20.05
C TRP B 258 -2.67 -22.30 18.94
N THR B 259 -2.27 -21.12 18.46
CA THR B 259 -3.12 -20.32 17.58
C THR B 259 -3.57 -21.10 16.35
N ASN B 260 -2.65 -21.81 15.70
CA ASN B 260 -2.97 -22.51 14.46
C ASN B 260 -3.85 -23.73 14.65
N LEU B 261 -4.19 -24.07 15.89
CA LEU B 261 -5.21 -25.07 16.15
C LEU B 261 -6.63 -24.54 15.99
N TYR B 262 -6.81 -23.22 15.80
CA TYR B 262 -8.16 -22.65 15.83
C TYR B 262 -9.07 -23.33 14.80
N SER B 263 -8.58 -23.54 13.57
CA SER B 263 -9.40 -24.19 12.53
C SER B 263 -9.74 -25.63 12.87
N LEU B 264 -8.84 -26.35 13.55
CA LEU B 264 -9.17 -27.67 14.06
C LEU B 264 -10.12 -27.64 15.25
N THR B 265 -10.25 -26.50 15.95
CA THR B 265 -10.97 -26.48 17.22
C THR B 265 -12.18 -25.55 17.25
N VAL B 266 -12.46 -24.82 16.17
CA VAL B 266 -13.48 -23.77 16.19
C VAL B 266 -14.81 -24.35 16.69
N PRO B 267 -15.39 -23.76 17.75
CA PRO B 267 -16.62 -24.34 18.34
C PRO B 267 -17.84 -24.31 17.44
N PHE B 268 -18.07 -23.21 16.74
CA PHE B 268 -19.26 -23.05 15.92
C PHE B 268 -18.79 -22.53 14.57
N GLY B 269 -18.52 -23.45 13.65
CA GLY B 269 -17.91 -23.10 12.40
C GLY B 269 -18.82 -22.51 11.35
N GLN B 270 -20.15 -22.57 11.53
CA GLN B 270 -21.07 -22.04 10.55
C GLN B 270 -21.31 -20.55 10.75
N LYS B 271 -20.79 -19.99 11.83
CA LYS B 271 -20.95 -18.56 12.15
C LYS B 271 -19.99 -17.74 11.31
N PRO B 272 -20.18 -16.41 11.26
CA PRO B 272 -19.24 -15.59 10.50
C PRO B 272 -17.85 -15.67 11.08
N ASN B 273 -16.86 -15.69 10.20
CA ASN B 273 -15.51 -15.98 10.67
C ASN B 273 -14.90 -14.84 11.49
N ILE B 274 -14.45 -15.17 12.69
CA ILE B 274 -13.73 -14.21 13.54
C ILE B 274 -12.34 -13.91 12.96
N ASP B 275 -11.71 -14.91 12.37
CA ASP B 275 -10.45 -14.68 11.68
C ASP B 275 -10.70 -13.89 10.41
N VAL B 276 -10.24 -12.63 10.37
CA VAL B 276 -10.58 -11.71 9.27
C VAL B 276 -9.52 -11.70 8.17
N THR B 277 -8.57 -12.65 8.20
CA THR B 277 -7.60 -12.79 7.13
C THR B 277 -8.28 -12.82 5.75
N ASP B 278 -9.30 -13.65 5.61
CA ASP B 278 -9.97 -13.74 4.32
C ASP B 278 -10.58 -12.40 3.94
N ALA B 279 -11.14 -11.68 4.94
CA ALA B 279 -11.74 -10.38 4.66
C ALA B 279 -10.69 -9.36 4.24
N MET B 280 -9.52 -9.40 4.90
CA MET B 280 -8.42 -8.52 4.51
C MET B 280 -7.98 -8.77 3.08
N VAL B 281 -7.73 -10.04 2.72
CA VAL B 281 -7.32 -10.29 1.34
C VAL B 281 -8.44 -9.91 0.38
N ASP B 282 -9.70 -10.16 0.73
CA ASP B 282 -10.80 -9.80 -0.15
C ASP B 282 -10.89 -8.31 -0.39
N GLN B 283 -10.58 -7.51 0.63
CA GLN B 283 -10.62 -6.06 0.51
C GLN B 283 -9.29 -5.45 0.08
N ALA B 284 -8.38 -6.26 -0.47
CA ALA B 284 -7.12 -5.79 -1.07
C ALA B 284 -6.22 -5.08 -0.06
N TRP B 285 -6.31 -5.46 1.21
CA TRP B 285 -5.45 -4.85 2.23
C TRP B 285 -3.98 -5.21 2.00
N ASP B 286 -3.11 -4.24 2.27
CA ASP B 286 -1.66 -4.45 2.23
C ASP B 286 -1.04 -3.93 3.53
N ALA B 287 0.26 -4.17 3.69
CA ALA B 287 0.91 -3.88 4.96
C ALA B 287 0.82 -2.41 5.32
N GLN B 288 0.98 -1.53 4.31
CA GLN B 288 0.76 -0.12 4.55
C GLN B 288 -0.61 0.13 5.17
N ARG B 289 -1.66 -0.49 4.60
CA ARG B 289 -3.00 -0.31 5.14
C ARG B 289 -3.10 -0.83 6.56
N ILE B 290 -2.51 -1.99 6.84
CA ILE B 290 -2.51 -2.52 8.20
C ILE B 290 -1.94 -1.48 9.16
N PHE B 291 -0.77 -0.93 8.83
CA PHE B 291 -0.13 -0.01 9.78
C PHE B 291 -0.90 1.30 9.87
N LYS B 292 -1.49 1.76 8.77
CA LYS B 292 -2.30 2.96 8.85
C LYS B 292 -3.48 2.73 9.80
N GLU B 293 -4.09 1.54 9.74
CA GLU B 293 -5.18 1.23 10.65
C GLU B 293 -4.70 1.26 12.10
N ALA B 294 -3.54 0.65 12.38
CA ALA B 294 -3.00 0.66 13.75
C ALA B 294 -2.75 2.09 14.25
N GLU B 295 -2.20 2.95 13.38
CA GLU B 295 -2.04 4.37 13.69
C GLU B 295 -3.39 4.99 14.05
N LYS B 296 -4.40 4.83 13.20
CA LYS B 296 -5.74 5.36 13.45
C LYS B 296 -6.22 4.95 14.84
N PHE B 297 -5.98 3.70 15.20
CA PHE B 297 -6.38 3.23 16.52
C PHE B 297 -5.74 4.08 17.61
N PHE B 298 -4.43 4.29 17.51
CA PHE B 298 -3.75 5.00 18.59
C PHE B 298 -4.15 6.49 18.65
N VAL B 299 -4.46 7.10 17.50
CA VAL B 299 -4.95 8.46 17.55
C VAL B 299 -6.32 8.49 18.24
N SER B 300 -7.17 7.48 18.00
CA SER B 300 -8.52 7.51 18.57
C SER B 300 -8.53 7.63 20.09
N VAL B 301 -7.44 7.26 20.76
CA VAL B 301 -7.35 7.40 22.21
C VAL B 301 -6.56 8.66 22.62
N GLY B 302 -6.20 9.51 21.66
CA GLY B 302 -5.49 10.75 21.95
C GLY B 302 -3.97 10.64 21.95
N LEU B 303 -3.38 9.56 21.36
CA LEU B 303 -1.92 9.38 21.31
C LEU B 303 -1.41 9.88 19.98
N PRO B 304 -0.11 10.12 19.86
CA PRO B 304 0.42 10.81 18.66
C PRO B 304 0.23 10.01 17.39
N ASN B 305 0.33 10.73 16.27
CA ASN B 305 0.59 10.13 14.98
C ASN B 305 1.99 9.54 14.93
N MET B 306 2.17 8.56 14.03
CA MET B 306 3.53 8.07 13.76
C MET B 306 4.39 9.18 13.13
N THR B 307 5.61 9.33 13.63
CA THR B 307 6.47 10.39 13.13
C THR B 307 6.79 10.14 11.66
N GLN B 308 6.96 11.22 10.91
CA GLN B 308 7.37 11.12 9.51
C GLN B 308 8.49 10.10 9.34
N GLY B 309 9.52 10.22 10.18
CA GLY B 309 10.65 9.30 10.06
C GLY B 309 10.23 7.85 10.21
N PHE B 310 9.18 7.59 10.99
CA PHE B 310 8.69 6.22 11.11
C PHE B 310 8.26 5.70 9.75
N TRP B 311 7.47 6.50 9.03
CA TRP B 311 7.00 6.05 7.73
C TRP B 311 8.12 6.01 6.71
N GLU B 312 9.15 6.84 6.88
CA GLU B 312 10.23 6.89 5.89
C GLU B 312 11.25 5.77 6.08
N ASN B 313 11.59 5.43 7.32
CA ASN B 313 12.67 4.49 7.58
C ASN B 313 12.22 3.07 7.90
N SER B 314 10.99 2.87 8.35
CA SER B 314 10.57 1.52 8.76
C SER B 314 10.59 0.59 7.56
N MET B 315 10.77 -0.71 7.85
CA MET B 315 10.65 -1.80 6.87
C MET B 315 9.42 -2.59 7.26
N LEU B 316 8.37 -2.45 6.46
CA LEU B 316 7.10 -3.07 6.76
C LEU B 316 6.81 -4.30 5.92
N THR B 317 7.70 -4.69 5.03
CA THR B 317 7.52 -5.89 4.22
C THR B 317 8.87 -6.56 4.00
N ASP B 318 8.81 -7.82 3.56
CA ASP B 318 10.00 -8.55 3.18
C ASP B 318 10.67 -7.86 2.01
N PRO B 319 11.96 -7.49 2.11
CA PRO B 319 12.62 -6.67 1.07
C PRO B 319 13.11 -7.48 -0.11
N GLY B 320 12.18 -8.16 -0.77
CA GLY B 320 12.55 -8.95 -1.93
C GLY B 320 13.27 -10.22 -1.53
N ASN B 321 13.79 -10.90 -2.55
CA ASN B 321 14.48 -12.16 -2.37
C ASN B 321 16.00 -12.03 -2.40
N VAL B 322 16.52 -11.00 -3.07
CA VAL B 322 17.98 -10.85 -3.15
C VAL B 322 18.55 -10.65 -1.75
N GLN B 323 18.05 -9.65 -1.03
CA GLN B 323 18.59 -9.30 0.27
C GLN B 323 17.73 -9.89 1.38
N LYS B 324 18.38 -10.53 2.34
CA LYS B 324 17.70 -11.17 3.45
C LYS B 324 17.62 -10.22 4.64
N ALA B 325 16.67 -10.49 5.52
CA ALA B 325 16.49 -9.71 6.73
C ALA B 325 16.13 -10.64 7.89
N VAL B 326 16.26 -10.12 9.11
CA VAL B 326 15.79 -10.81 10.31
C VAL B 326 14.32 -10.42 10.49
N CYS B 327 13.40 -11.34 10.14
CA CYS B 327 11.98 -10.99 10.09
C CYS B 327 11.26 -11.09 11.43
N HIS B 328 11.98 -10.99 12.54
CA HIS B 328 11.34 -10.94 13.85
C HIS B 328 10.71 -9.56 14.05
N PRO B 329 9.41 -9.48 14.31
CA PRO B 329 8.78 -8.17 14.53
C PRO B 329 9.42 -7.44 15.70
N THR B 330 9.89 -6.22 15.44
CA THR B 330 10.64 -5.45 16.43
C THR B 330 10.30 -3.97 16.31
N ALA B 331 10.28 -3.27 17.45
CA ALA B 331 10.08 -1.83 17.49
C ALA B 331 11.37 -1.17 17.94
N TRP B 332 11.89 -0.26 17.12
CA TRP B 332 13.21 0.32 17.31
C TRP B 332 13.06 1.74 17.83
N ASP B 333 13.73 2.03 18.95
CA ASP B 333 13.83 3.36 19.54
C ASP B 333 15.31 3.73 19.49
N LEU B 334 15.72 4.35 18.39
CA LEU B 334 17.14 4.67 18.27
C LEU B 334 17.54 5.92 19.05
N GLY B 335 16.59 6.64 19.63
CA GLY B 335 16.89 7.95 20.17
C GLY B 335 16.97 8.98 19.07
N LYS B 336 17.11 10.24 19.50
CA LYS B 336 17.16 11.36 18.59
C LYS B 336 15.88 11.43 17.76
N GLY B 337 14.76 11.15 18.41
CA GLY B 337 13.47 11.24 17.76
C GLY B 337 13.30 10.26 16.64
N ASP B 338 14.06 9.16 16.67
CA ASP B 338 14.02 8.14 15.62
C ASP B 338 13.33 6.88 16.14
N PHE B 339 12.26 6.49 15.44
CA PHE B 339 11.43 5.35 15.81
C PHE B 339 11.07 4.57 14.56
N ARG B 340 11.22 3.24 14.63
CA ARG B 340 11.00 2.40 13.47
C ARG B 340 10.34 1.09 13.85
N ILE B 341 9.74 0.42 12.87
CA ILE B 341 9.28 -0.94 13.05
C ILE B 341 9.91 -1.80 11.96
N LEU B 342 10.43 -2.95 12.35
CA LEU B 342 10.92 -3.96 11.43
C LEU B 342 9.93 -5.12 11.49
N MET B 343 9.27 -5.41 10.38
CA MET B 343 8.26 -6.48 10.36
C MET B 343 8.04 -6.93 8.92
N CYS B 344 8.21 -8.23 8.67
CA CYS B 344 8.00 -8.79 7.34
C CYS B 344 6.52 -9.12 7.16
N THR B 345 5.73 -8.05 7.03
CA THR B 345 4.27 -8.15 7.17
C THR B 345 3.64 -8.94 6.04
N LYS B 346 2.67 -9.77 6.42
CA LYS B 346 1.81 -10.51 5.50
C LYS B 346 0.36 -10.15 5.79
N VAL B 347 -0.51 -10.35 4.80
CA VAL B 347 -1.91 -9.90 4.90
C VAL B 347 -2.67 -11.00 5.63
N THR B 348 -2.58 -10.97 6.96
CA THR B 348 -3.24 -11.93 7.82
C THR B 348 -3.69 -11.22 9.10
N MET B 349 -4.69 -11.80 9.76
CA MET B 349 -5.09 -11.22 11.04
C MET B 349 -3.97 -11.31 12.05
N ASP B 350 -3.16 -12.35 11.97
CA ASP B 350 -2.11 -12.47 12.96
C ASP B 350 -1.17 -11.28 12.87
N ASP B 351 -0.80 -10.88 11.65
CA ASP B 351 0.09 -9.75 11.50
C ASP B 351 -0.62 -8.43 11.73
N PHE B 352 -1.94 -8.40 11.54
CA PHE B 352 -2.74 -7.25 11.97
C PHE B 352 -2.56 -7.02 13.48
N LEU B 353 -2.75 -8.09 14.26
CA LEU B 353 -2.62 -7.93 15.70
C LEU B 353 -1.17 -7.63 16.08
N THR B 354 -0.21 -8.27 15.43
CA THR B 354 1.18 -7.96 15.77
C THR B 354 1.52 -6.53 15.40
N ALA B 355 0.98 -6.02 14.30
CA ALA B 355 1.21 -4.63 13.93
C ALA B 355 0.73 -3.73 15.05
N HIS B 356 -0.48 -3.99 15.57
CA HIS B 356 -0.95 -3.23 16.72
C HIS B 356 0.01 -3.37 17.92
N HIS B 357 0.52 -4.58 18.16
CA HIS B 357 1.35 -4.80 19.33
C HIS B 357 2.67 -4.02 19.25
N GLU B 358 3.35 -4.08 18.11
CA GLU B 358 4.66 -3.43 18.00
C GLU B 358 4.49 -1.92 17.87
N MET B 359 3.39 -1.46 17.28
CA MET B 359 3.16 -0.01 17.36
C MET B 359 2.83 0.40 18.81
N GLY B 360 2.25 -0.49 19.60
CA GLY B 360 2.16 -0.19 21.03
C GLY B 360 3.52 -0.01 21.66
N HIS B 361 4.47 -0.89 21.31
CA HIS B 361 5.84 -0.71 21.78
C HIS B 361 6.32 0.70 21.45
N ILE B 362 6.14 1.08 20.18
CA ILE B 362 6.60 2.38 19.71
C ILE B 362 5.96 3.50 20.53
N GLN B 363 4.66 3.38 20.83
CA GLN B 363 4.00 4.43 21.62
C GLN B 363 4.57 4.50 23.03
N TYR B 364 4.81 3.34 23.66
CA TYR B 364 5.51 3.33 24.95
C TYR B 364 6.85 4.07 24.85
N ASP B 365 7.62 3.78 23.77
CA ASP B 365 8.94 4.39 23.59
C ASP B 365 8.82 5.91 23.43
N MET B 366 7.83 6.36 22.64
CA MET B 366 7.62 7.80 22.43
C MET B 366 7.23 8.49 23.73
N ALA B 367 6.41 7.83 24.55
CA ALA B 367 5.94 8.44 25.78
C ALA B 367 7.08 8.80 26.73
N TYR B 368 8.12 7.95 26.82
CA TYR B 368 9.16 8.16 27.80
C TYR B 368 10.45 8.72 27.18
N ALA B 369 10.32 9.30 25.98
CA ALA B 369 11.48 9.80 25.25
C ALA B 369 12.20 10.90 26.02
N ALA B 370 11.50 11.67 26.85
CA ALA B 370 12.12 12.82 27.52
C ALA B 370 12.82 12.45 28.83
N GLN B 371 12.74 11.19 29.22
CA GLN B 371 13.42 10.75 30.41
C GLN B 371 14.93 10.64 30.16
N PRO B 372 15.74 10.63 31.21
CA PRO B 372 17.18 10.39 31.03
C PRO B 372 17.42 9.04 30.38
N PHE B 373 18.63 8.90 29.82
CA PHE B 373 18.94 7.77 28.93
C PHE B 373 18.64 6.45 29.63
N LEU B 374 19.29 6.19 30.76
CA LEU B 374 19.12 4.90 31.42
C LEU B 374 17.68 4.68 31.88
N LEU B 375 16.89 5.74 32.02
CA LEU B 375 15.51 5.60 32.45
C LEU B 375 14.53 5.50 31.28
N ARG B 376 15.03 5.47 30.04
CA ARG B 376 14.17 5.33 28.86
C ARG B 376 13.95 3.83 28.64
N ASN B 377 13.03 3.28 29.43
CA ASN B 377 12.80 1.85 29.48
C ASN B 377 11.43 1.56 30.07
N GLY B 378 10.94 0.34 29.84
CA GLY B 378 9.75 -0.12 30.53
C GLY B 378 10.02 -0.35 32.01
N ALA B 379 8.95 -0.34 32.81
CA ALA B 379 9.15 -0.49 34.25
C ALA B 379 9.81 -1.83 34.58
N ASN B 380 9.44 -2.90 33.84
CA ASN B 380 10.15 -4.17 33.86
C ASN B 380 10.01 -4.83 32.48
N GLU B 381 10.62 -6.02 32.35
CA GLU B 381 10.63 -6.74 31.08
C GLU B 381 9.21 -7.07 30.59
N GLY B 382 8.28 -7.31 31.53
CA GLY B 382 6.92 -7.59 31.13
C GLY B 382 6.11 -6.37 30.74
N PHE B 383 6.56 -5.16 31.11
CA PHE B 383 5.69 -4.00 30.92
C PHE B 383 5.51 -3.71 29.44
N HIS B 384 6.59 -3.76 28.66
CA HIS B 384 6.50 -3.46 27.24
C HIS B 384 5.59 -4.45 26.54
N GLU B 385 5.81 -5.73 26.78
CA GLU B 385 4.99 -6.72 26.10
C GLU B 385 3.53 -6.62 26.55
N ALA B 386 3.27 -6.35 27.84
CA ALA B 386 1.90 -6.14 28.27
C ALA B 386 1.28 -4.95 27.56
N VAL B 387 2.09 -3.91 27.31
CA VAL B 387 1.56 -2.73 26.65
C VAL B 387 1.15 -3.05 25.23
N GLY B 388 1.94 -3.88 24.54
CA GLY B 388 1.54 -4.31 23.21
C GLY B 388 0.29 -5.17 23.24
N GLU B 389 0.23 -6.09 24.21
CA GLU B 389 -0.86 -7.06 24.26
C GLU B 389 -2.21 -6.39 24.50
N ILE B 390 -2.27 -5.37 25.36
CA ILE B 390 -3.59 -4.77 25.61
C ILE B 390 -4.14 -4.12 24.33
N MET B 391 -3.25 -3.53 23.53
CA MET B 391 -3.64 -3.08 22.20
C MET B 391 -4.23 -4.23 21.37
N SER B 392 -3.54 -5.37 21.36
CA SER B 392 -4.08 -6.50 20.61
C SER B 392 -5.48 -6.87 21.11
N LEU B 393 -5.70 -6.76 22.41
CA LEU B 393 -6.97 -7.16 22.99
C LEU B 393 -8.10 -6.37 22.40
N SER B 394 -7.93 -5.04 22.35
CA SER B 394 -9.03 -4.26 21.77
C SER B 394 -9.12 -4.49 20.26
N ALA B 395 -7.98 -4.64 19.57
CA ALA B 395 -8.07 -4.75 18.10
C ALA B 395 -8.69 -6.07 17.64
N ALA B 396 -8.73 -7.08 18.51
CA ALA B 396 -9.23 -8.39 18.10
C ALA B 396 -10.75 -8.54 18.31
N THR B 397 -11.38 -7.63 19.06
CA THR B 397 -12.78 -7.81 19.41
C THR B 397 -13.65 -7.74 18.16
N PRO B 398 -14.68 -8.56 18.07
CA PRO B 398 -15.55 -8.48 16.89
C PRO B 398 -16.18 -7.10 16.71
N LYS B 399 -16.48 -6.38 17.80
CA LYS B 399 -17.00 -5.02 17.66
C LYS B 399 -16.03 -4.12 16.90
N HIS B 400 -14.73 -4.19 17.27
CA HIS B 400 -13.70 -3.41 16.57
C HIS B 400 -13.57 -3.83 15.11
N LEU B 401 -13.61 -5.14 14.85
CA LEU B 401 -13.49 -5.62 13.48
C LEU B 401 -14.65 -5.14 12.62
N LYS B 402 -15.87 -5.13 13.18
CA LYS B 402 -17.00 -4.57 12.47
C LYS B 402 -16.79 -3.08 12.21
N SER B 403 -16.19 -2.35 13.17
CA SER B 403 -16.00 -0.92 13.01
C SER B 403 -15.07 -0.56 11.85
N ILE B 404 -14.09 -1.40 11.54
CA ILE B 404 -13.17 -1.11 10.46
C ILE B 404 -13.52 -1.87 9.18
N GLY B 405 -14.71 -2.46 9.12
CA GLY B 405 -15.17 -3.09 7.91
C GLY B 405 -14.65 -4.47 7.66
N LEU B 406 -14.07 -5.14 8.65
CA LEU B 406 -13.62 -6.50 8.43
C LEU B 406 -14.66 -7.53 8.81
N LEU B 407 -15.66 -7.14 9.60
CA LEU B 407 -16.90 -7.88 9.74
C LEU B 407 -18.00 -7.08 9.06
N SER B 408 -19.02 -7.79 8.61
CA SER B 408 -20.08 -7.15 7.86
C SER B 408 -20.87 -6.18 8.74
N PRO B 409 -21.42 -5.12 8.16
CA PRO B 409 -22.23 -4.18 8.96
C PRO B 409 -23.39 -4.83 9.68
N ASP B 410 -23.99 -5.88 9.11
CA ASP B 410 -25.11 -6.59 9.72
C ASP B 410 -24.68 -7.71 10.67
N PHE B 411 -23.37 -7.92 10.85
CA PHE B 411 -22.88 -8.92 11.79
C PHE B 411 -23.43 -8.66 13.19
N GLN B 412 -23.88 -9.73 13.87
CA GLN B 412 -24.51 -9.62 15.18
C GLN B 412 -23.77 -10.50 16.18
N GLU B 413 -23.29 -9.89 17.27
CA GLU B 413 -22.64 -10.63 18.35
C GLU B 413 -23.69 -11.48 19.08
N ASP B 414 -23.54 -12.79 19.06
CA ASP B 414 -24.41 -13.72 19.76
C ASP B 414 -23.55 -14.64 20.60
N ASN B 415 -24.18 -15.45 21.45
CA ASN B 415 -23.39 -16.20 22.42
C ASN B 415 -22.43 -17.19 21.73
N GLU B 416 -22.78 -17.65 20.52
CA GLU B 416 -21.95 -18.62 19.82
C GLU B 416 -20.68 -17.95 19.26
N THR B 417 -20.85 -16.80 18.60
CA THR B 417 -19.71 -16.03 18.14
C THR B 417 -18.83 -15.61 19.31
N GLU B 418 -19.46 -15.26 20.44
CA GLU B 418 -18.70 -14.94 21.64
C GLU B 418 -17.82 -16.12 22.04
N ILE B 419 -18.36 -17.34 22.01
CA ILE B 419 -17.54 -18.51 22.36
C ILE B 419 -16.40 -18.69 21.36
N ASN B 420 -16.69 -18.46 20.07
CA ASN B 420 -15.65 -18.58 19.05
C ASN B 420 -14.47 -17.64 19.37
N PHE B 421 -14.79 -16.36 19.62
CA PHE B 421 -13.75 -15.36 19.91
C PHE B 421 -12.98 -15.71 21.17
N LEU B 422 -13.69 -16.12 22.22
CA LEU B 422 -12.98 -16.45 23.45
C LEU B 422 -12.06 -17.65 23.26
N LEU B 423 -12.47 -18.65 22.47
CA LEU B 423 -11.64 -19.84 22.24
C LEU B 423 -10.37 -19.50 21.46
N LYS B 424 -10.52 -18.67 20.41
CA LYS B 424 -9.32 -18.25 19.67
C LYS B 424 -8.38 -17.47 20.58
N GLN B 425 -8.93 -16.57 21.40
CA GLN B 425 -8.08 -15.86 22.35
C GLN B 425 -7.39 -16.84 23.28
N ALA B 426 -8.13 -17.82 23.78
CA ALA B 426 -7.53 -18.73 24.74
C ALA B 426 -6.42 -19.57 24.12
N LEU B 427 -6.50 -19.83 22.81
CA LEU B 427 -5.50 -20.70 22.21
C LEU B 427 -4.11 -20.06 22.27
N THR B 428 -4.04 -18.76 22.01
CA THR B 428 -2.79 -18.01 22.11
C THR B 428 -2.46 -17.69 23.57
N ILE B 429 -3.35 -16.95 24.24
CA ILE B 429 -3.03 -16.33 25.52
C ILE B 429 -2.91 -17.37 26.64
N VAL B 430 -3.78 -18.38 26.63
CA VAL B 430 -3.82 -19.32 27.74
C VAL B 430 -2.94 -20.52 27.49
N GLY B 431 -2.89 -20.98 26.23
CA GLY B 431 -2.02 -22.10 25.90
C GLY B 431 -0.57 -21.83 26.23
N THR B 432 -0.12 -20.57 26.06
CA THR B 432 1.29 -20.25 26.21
C THR B 432 1.73 -20.24 27.68
N LEU B 433 0.80 -20.16 28.62
CA LEU B 433 1.19 -19.95 30.02
C LEU B 433 1.88 -21.17 30.62
N PRO B 434 1.32 -22.39 30.57
CA PRO B 434 2.07 -23.53 31.10
C PRO B 434 3.37 -23.77 30.34
N PHE B 435 3.37 -23.52 29.03
CA PHE B 435 4.60 -23.64 28.24
C PHE B 435 5.70 -22.75 28.83
N THR B 436 5.37 -21.47 29.05
CA THR B 436 6.35 -20.48 29.47
C THR B 436 6.79 -20.69 30.91
N TYR B 437 5.84 -20.96 31.80
CA TYR B 437 6.20 -21.29 33.17
C TYR B 437 7.11 -22.52 33.22
N MET B 438 6.79 -23.57 32.47
CA MET B 438 7.59 -24.79 32.54
C MET B 438 9.00 -24.55 31.98
N LEU B 439 9.10 -23.88 30.82
CA LEU B 439 10.42 -23.63 30.24
C LEU B 439 11.30 -22.85 31.21
N GLU B 440 10.77 -21.73 31.75
CA GLU B 440 11.60 -20.93 32.63
C GLU B 440 11.88 -21.68 33.92
N LYS B 441 10.97 -22.56 34.35
CA LYS B 441 11.24 -23.34 35.55
C LYS B 441 12.40 -24.29 35.31
N TRP B 442 12.44 -24.91 34.14
CA TRP B 442 13.53 -25.82 33.79
C TRP B 442 14.87 -25.08 33.79
N ARG B 443 14.91 -23.91 33.14
CA ARG B 443 16.12 -23.11 33.14
C ARG B 443 16.51 -22.71 34.57
N TRP B 444 15.55 -22.23 35.37
CA TRP B 444 15.86 -21.82 36.74
C TRP B 444 16.48 -22.98 37.53
N MET B 445 15.90 -24.17 37.38
CA MET B 445 16.40 -25.33 38.10
C MET B 445 17.80 -25.73 37.62
N VAL B 446 18.04 -25.65 36.30
CA VAL B 446 19.36 -25.98 35.77
C VAL B 446 20.41 -25.03 36.30
N PHE B 447 20.11 -23.73 36.30
CA PHE B 447 21.07 -22.74 36.82
C PHE B 447 21.31 -22.92 38.31
N LYS B 448 20.28 -23.29 39.09
CA LYS B 448 20.49 -23.56 40.50
C LYS B 448 21.24 -24.88 40.74
N GLY B 449 21.33 -25.73 39.73
CA GLY B 449 21.99 -27.00 39.88
C GLY B 449 21.12 -28.12 40.39
N GLU B 450 19.79 -28.01 40.23
CA GLU B 450 18.88 -29.05 40.68
C GLU B 450 18.73 -30.17 39.66
N ILE B 451 19.16 -29.95 38.42
CA ILE B 451 19.08 -30.94 37.35
C ILE B 451 20.46 -31.25 36.80
N PRO B 452 21.02 -32.41 37.12
CA PRO B 452 22.31 -32.82 36.55
C PRO B 452 22.23 -32.96 35.03
N LYS B 453 23.38 -32.77 34.38
CA LYS B 453 23.41 -32.86 32.93
C LYS B 453 22.85 -34.18 32.44
N ASP B 454 23.17 -35.30 33.13
CA ASP B 454 22.72 -36.62 32.70
C ASP B 454 21.22 -36.81 32.82
N GLN B 455 20.51 -35.82 33.36
CA GLN B 455 19.07 -35.86 33.44
C GLN B 455 18.41 -34.68 32.75
N TRP B 456 19.18 -33.80 32.09
CA TRP B 456 18.59 -32.58 31.54
C TRP B 456 17.36 -32.88 30.71
N MET B 457 17.53 -33.61 29.61
CA MET B 457 16.42 -33.98 28.73
C MET B 457 15.44 -34.94 29.41
N LYS B 458 15.89 -35.72 30.40
CA LYS B 458 14.95 -36.50 31.17
C LYS B 458 14.02 -35.58 31.96
N LYS B 459 14.56 -34.55 32.60
CA LYS B 459 13.69 -33.70 33.42
C LYS B 459 12.77 -32.86 32.56
N TRP B 460 13.31 -32.20 31.54
CA TRP B 460 12.52 -31.40 30.63
C TRP B 460 11.23 -32.11 30.25
N TRP B 461 11.36 -33.26 29.59
CA TRP B 461 10.17 -33.96 29.10
C TRP B 461 9.29 -34.42 30.24
N GLU B 462 9.89 -34.90 31.34
CA GLU B 462 9.09 -35.17 32.52
C GLU B 462 8.26 -33.93 32.87
N MET B 463 8.93 -32.79 33.06
CA MET B 463 8.20 -31.57 33.41
C MET B 463 7.17 -31.22 32.33
N LYS B 464 7.55 -31.39 31.06
CA LYS B 464 6.63 -31.11 29.95
C LYS B 464 5.34 -31.92 30.09
N ARG B 465 5.47 -33.22 30.39
CA ARG B 465 4.27 -34.02 30.56
C ARG B 465 3.47 -33.50 31.76
N GLU B 466 4.14 -33.28 32.89
CA GLU B 466 3.40 -33.02 34.10
C GLU B 466 2.73 -31.65 34.06
N ILE B 467 3.46 -30.62 33.63
CA ILE B 467 3.00 -29.23 33.73
C ILE B 467 2.28 -28.79 32.45
N VAL B 468 2.86 -29.06 31.28
CA VAL B 468 2.24 -28.61 30.04
C VAL B 468 1.20 -29.61 29.52
N GLY B 469 1.17 -30.83 30.04
CA GLY B 469 0.34 -31.86 29.43
C GLY B 469 0.72 -32.16 27.99
N VAL B 470 2.02 -32.16 27.69
CA VAL B 470 2.52 -32.44 26.34
C VAL B 470 3.56 -33.56 26.43
N VAL B 471 3.56 -34.47 25.46
CA VAL B 471 4.44 -35.63 25.45
C VAL B 471 5.20 -35.67 24.13
N GLU B 472 6.48 -36.00 24.22
CA GLU B 472 7.34 -36.10 23.05
C GLU B 472 6.99 -37.35 22.26
N PRO B 473 6.93 -37.25 20.92
CA PRO B 473 6.60 -38.44 20.12
C PRO B 473 7.76 -39.40 19.97
N VAL B 474 9.00 -38.97 20.22
CA VAL B 474 10.18 -39.82 20.09
C VAL B 474 10.97 -39.67 21.38
N PRO B 475 11.49 -40.74 21.96
CA PRO B 475 12.34 -40.60 23.15
C PRO B 475 13.60 -39.79 22.82
N HIS B 476 14.08 -39.00 23.79
CA HIS B 476 15.23 -38.15 23.55
C HIS B 476 16.28 -38.32 24.65
N ASP B 477 17.46 -38.83 24.27
CA ASP B 477 18.56 -38.98 25.22
C ASP B 477 19.23 -37.63 25.46
N GLU B 478 20.37 -37.65 26.15
CA GLU B 478 21.05 -36.42 26.55
C GLU B 478 21.99 -35.89 25.48
N THR B 479 21.97 -36.48 24.28
CA THR B 479 22.62 -35.85 23.14
C THR B 479 21.79 -34.69 22.57
N TYR B 480 20.51 -34.58 22.96
CA TYR B 480 19.58 -33.54 22.52
C TYR B 480 19.70 -32.30 23.39
N CYS B 481 19.28 -31.18 22.82
CA CYS B 481 19.08 -29.94 23.59
C CYS B 481 17.78 -29.27 23.17
N ASP B 482 16.69 -30.03 23.22
CA ASP B 482 15.37 -29.53 22.80
C ASP B 482 15.03 -28.11 23.24
N PRO B 483 15.31 -27.68 24.49
CA PRO B 483 15.03 -26.26 24.82
C PRO B 483 15.75 -25.28 23.92
N ALA B 484 17.02 -25.54 23.61
CA ALA B 484 17.77 -24.62 22.77
C ALA B 484 17.21 -24.56 21.34
N SER B 485 16.31 -25.48 20.98
CA SER B 485 15.67 -25.41 19.67
C SER B 485 14.72 -24.23 19.55
N LEU B 486 14.48 -23.50 20.64
CA LEU B 486 13.70 -22.28 20.63
C LEU B 486 14.63 -21.06 20.72
N PHE B 487 14.37 -20.09 19.84
CA PHE B 487 15.24 -18.94 19.66
C PHE B 487 15.60 -18.29 20.98
N HIS B 488 14.62 -18.07 21.85
CA HIS B 488 14.89 -17.40 23.11
C HIS B 488 15.88 -18.18 23.98
N VAL B 489 15.91 -19.50 23.89
CA VAL B 489 16.79 -20.26 24.78
C VAL B 489 18.24 -20.25 24.31
N SER B 490 18.45 -20.43 23.00
CA SER B 490 19.77 -20.46 22.42
C SER B 490 20.29 -19.09 22.06
N ASN B 491 19.54 -18.03 22.37
CA ASN B 491 20.02 -16.67 22.21
C ASN B 491 20.06 -15.92 23.52
N ASP B 492 19.96 -16.62 24.66
CA ASP B 492 20.14 -16.02 25.98
C ASP B 492 19.13 -14.89 26.25
N TYR B 493 17.84 -15.21 26.13
CA TYR B 493 16.75 -14.31 26.52
C TYR B 493 16.06 -14.89 27.73
N SER B 494 15.78 -14.05 28.72
CA SER B 494 14.93 -14.51 29.81
C SER B 494 13.54 -14.70 29.23
N PHE B 495 12.83 -15.75 29.69
CA PHE B 495 11.51 -16.07 29.14
C PHE B 495 10.32 -15.75 30.04
N ILE B 496 10.51 -15.62 31.35
CA ILE B 496 9.37 -15.46 32.27
C ILE B 496 8.56 -14.20 31.96
N ARG B 497 9.16 -13.23 31.26
CA ARG B 497 8.45 -12.01 30.91
C ARG B 497 7.17 -12.27 30.13
N TYR B 498 7.05 -13.41 29.44
CA TYR B 498 5.83 -13.69 28.69
C TYR B 498 4.72 -14.27 29.55
N TYR B 499 5.06 -14.75 30.75
CA TYR B 499 4.07 -15.10 31.76
C TYR B 499 3.56 -13.84 32.46
N THR B 500 4.48 -13.05 33.04
CA THR B 500 4.06 -11.87 33.79
C THR B 500 3.35 -10.87 32.88
N ARG B 501 3.81 -10.75 31.63
CA ARG B 501 3.12 -9.91 30.67
C ARG B 501 1.64 -10.27 30.64
N THR B 502 1.32 -11.56 30.46
CA THR B 502 -0.05 -11.99 30.27
C THR B 502 -0.93 -11.59 31.44
N LEU B 503 -0.35 -11.57 32.64
CA LEU B 503 -1.20 -11.16 33.75
C LEU B 503 -1.38 -9.64 33.72
N TYR B 504 -0.28 -8.89 33.57
CA TYR B 504 -0.39 -7.44 33.55
C TYR B 504 -1.43 -7.01 32.53
N GLN B 505 -1.36 -7.61 31.33
CA GLN B 505 -2.17 -7.13 30.22
C GLN B 505 -3.66 -7.12 30.59
N PHE B 506 -4.11 -8.05 31.42
CA PHE B 506 -5.55 -8.04 31.68
C PHE B 506 -5.89 -7.04 32.78
N GLN B 507 -5.01 -6.94 33.79
CA GLN B 507 -5.14 -5.90 34.80
C GLN B 507 -5.23 -4.53 34.14
N PHE B 508 -4.23 -4.20 33.33
CA PHE B 508 -4.23 -2.96 32.56
C PHE B 508 -5.56 -2.77 31.84
N GLN B 509 -6.02 -3.82 31.14
CA GLN B 509 -7.21 -3.67 30.31
C GLN B 509 -8.42 -3.38 31.18
N GLU B 510 -8.57 -4.14 32.28
CA GLU B 510 -9.60 -3.84 33.27
C GLU B 510 -9.61 -2.35 33.58
N ALA B 511 -8.44 -1.84 33.99
CA ALA B 511 -8.33 -0.45 34.44
C ALA B 511 -8.71 0.51 33.32
N LEU B 512 -8.27 0.22 32.09
CA LEU B 512 -8.56 1.14 31.00
C LEU B 512 -10.05 1.09 30.67
N CYS B 513 -10.65 -0.10 30.74
CA CYS B 513 -12.03 -0.22 30.34
C CYS B 513 -12.94 0.52 31.32
N GLN B 514 -12.62 0.46 32.62
CA GLN B 514 -13.34 1.32 33.57
C GLN B 514 -13.13 2.78 33.24
N ALA B 515 -11.92 3.14 32.82
CA ALA B 515 -11.70 4.50 32.34
C ALA B 515 -12.56 4.79 31.12
N ALA B 516 -12.80 3.81 30.28
CA ALA B 516 -13.67 4.00 29.13
C ALA B 516 -15.14 3.87 29.50
N LYS B 517 -15.44 3.63 30.78
CA LYS B 517 -16.81 3.40 31.25
C LYS B 517 -17.46 2.29 30.42
N HIS B 518 -16.81 1.14 30.38
CA HIS B 518 -17.30 0.03 29.58
C HIS B 518 -18.34 -0.76 30.35
N GLU B 519 -19.37 -1.22 29.63
CA GLU B 519 -20.46 -1.98 30.22
C GLU B 519 -20.41 -3.40 29.68
N GLY B 520 -20.45 -4.37 30.58
CA GLY B 520 -20.52 -5.75 30.18
C GLY B 520 -19.25 -6.47 30.49
N PRO B 521 -19.12 -7.71 30.01
CA PRO B 521 -17.91 -8.49 30.30
C PRO B 521 -16.67 -7.84 29.69
N LEU B 522 -15.51 -8.14 30.30
CA LEU B 522 -14.25 -7.50 29.91
C LEU B 522 -13.85 -7.82 28.46
N HIS B 523 -14.17 -9.02 27.98
CA HIS B 523 -13.75 -9.45 26.64
C HIS B 523 -14.52 -8.76 25.53
N LYS B 524 -15.56 -7.98 25.86
CA LYS B 524 -16.29 -7.22 24.86
C LYS B 524 -15.79 -5.78 24.76
N CYS B 525 -14.74 -5.46 25.53
CA CYS B 525 -14.23 -4.09 25.64
C CYS B 525 -13.27 -3.75 24.50
N ASP B 526 -13.51 -2.59 23.89
CA ASP B 526 -12.59 -1.95 22.94
C ASP B 526 -12.40 -0.52 23.44
N ILE B 527 -11.14 -0.10 23.61
CA ILE B 527 -10.86 1.24 24.11
C ILE B 527 -10.84 2.31 23.02
N SER B 528 -11.15 1.96 21.78
CA SER B 528 -11.09 2.95 20.71
C SER B 528 -12.03 4.13 21.02
N ASN B 529 -11.57 5.32 20.66
CA ASN B 529 -12.33 6.56 20.81
C ASN B 529 -12.43 7.03 22.26
N SER B 530 -11.73 6.41 23.19
CA SER B 530 -11.84 6.74 24.61
C SER B 530 -10.56 7.43 25.05
N THR B 531 -10.51 8.75 24.83
CA THR B 531 -9.31 9.48 25.16
C THR B 531 -9.03 9.44 26.65
N GLU B 532 -10.05 9.16 27.48
CA GLU B 532 -9.81 8.99 28.90
C GLU B 532 -8.88 7.80 29.16
N ALA B 533 -9.16 6.65 28.52
CA ALA B 533 -8.28 5.49 28.69
C ALA B 533 -6.88 5.79 28.19
N GLY B 534 -6.78 6.48 27.05
CA GLY B 534 -5.48 6.85 26.54
C GLY B 534 -4.70 7.67 27.54
N GLN B 535 -5.36 8.70 28.12
CA GLN B 535 -4.72 9.54 29.13
C GLN B 535 -4.24 8.72 30.32
N LYS B 536 -5.09 7.79 30.79
CA LYS B 536 -4.74 6.97 31.94
C LYS B 536 -3.52 6.11 31.64
N LEU B 537 -3.46 5.54 30.45
CA LEU B 537 -2.33 4.72 30.08
C LEU B 537 -1.07 5.57 29.89
N PHE B 538 -1.23 6.77 29.32
CA PHE B 538 -0.09 7.64 29.05
C PHE B 538 0.59 8.03 30.34
N ASN B 539 -0.21 8.31 31.37
CA ASN B 539 0.36 8.69 32.65
C ASN B 539 1.39 7.66 33.13
N MET B 540 1.20 6.38 32.80
CA MET B 540 2.19 5.39 33.19
C MET B 540 3.28 5.22 32.15
N LEU B 541 2.93 5.31 30.86
CA LEU B 541 3.94 5.18 29.83
C LEU B 541 5.04 6.25 29.99
N ARG B 542 4.64 7.51 30.23
CA ARG B 542 5.61 8.60 30.29
C ARG B 542 6.58 8.45 31.46
N LEU B 543 6.26 7.60 32.42
CA LEU B 543 7.15 7.39 33.56
C LEU B 543 8.46 6.76 33.13
N GLY B 544 8.42 5.83 32.17
CA GLY B 544 9.59 5.05 31.85
C GLY B 544 10.00 4.18 33.03
N LYS B 545 11.29 4.22 33.37
CA LYS B 545 11.82 3.41 34.46
C LYS B 545 12.09 4.26 35.70
N SER B 546 11.61 5.50 35.73
CA SER B 546 11.86 6.37 36.87
C SER B 546 11.16 5.92 38.13
N GLU B 547 10.15 5.06 38.04
CA GLU B 547 9.44 4.62 39.23
C GLU B 547 9.33 3.10 39.23
N PRO B 548 9.39 2.47 40.41
CA PRO B 548 9.44 1.00 40.47
C PRO B 548 8.21 0.37 39.83
N TRP B 549 8.38 -0.84 39.27
CA TRP B 549 7.29 -1.43 38.50
C TRP B 549 6.04 -1.61 39.38
N THR B 550 6.23 -1.98 40.65
CA THR B 550 5.08 -2.16 41.53
C THR B 550 4.25 -0.91 41.60
N LEU B 551 4.91 0.22 41.81
CA LEU B 551 4.18 1.47 41.93
C LEU B 551 3.61 1.89 40.60
N ALA B 552 4.35 1.67 39.51
CA ALA B 552 3.83 2.05 38.20
C ALA B 552 2.54 1.31 37.93
N LEU B 553 2.53 0.02 38.26
CA LEU B 553 1.35 -0.82 38.10
C LEU B 553 0.20 -0.30 38.96
N GLU B 554 0.50 0.01 40.22
CA GLU B 554 -0.54 0.51 41.12
C GLU B 554 -1.10 1.85 40.67
N ASN B 555 -0.28 2.67 40.01
CA ASN B 555 -0.79 3.91 39.43
C ASN B 555 -1.97 3.65 38.50
N VAL B 556 -1.90 2.59 37.70
CA VAL B 556 -2.93 2.36 36.70
C VAL B 556 -4.03 1.46 37.23
N VAL B 557 -3.66 0.29 37.76
CA VAL B 557 -4.67 -0.70 38.11
C VAL B 557 -5.04 -0.70 39.59
N GLY B 558 -4.25 -0.08 40.46
CA GLY B 558 -4.55 -0.11 41.87
C GLY B 558 -4.07 -1.36 42.59
N ALA B 559 -2.98 -1.98 42.12
CA ALA B 559 -2.37 -3.11 42.82
C ALA B 559 -0.86 -3.03 42.63
N LYS B 560 -0.10 -3.44 43.66
CA LYS B 560 1.36 -3.40 43.61
C LYS B 560 1.98 -4.74 43.20
N ASN B 561 1.22 -5.60 42.54
CA ASN B 561 1.73 -6.93 42.26
C ASN B 561 0.91 -7.53 41.14
N MET B 562 1.42 -8.61 40.56
CA MET B 562 0.63 -9.28 39.55
C MET B 562 -0.59 -9.94 40.20
N ASN B 563 -1.71 -9.91 39.50
CA ASN B 563 -2.98 -10.45 39.96
C ASN B 563 -3.60 -11.30 38.87
N VAL B 564 -4.15 -12.45 39.25
CA VAL B 564 -4.64 -13.37 38.23
C VAL B 564 -6.14 -13.24 37.95
N ARG B 565 -6.88 -12.48 38.77
CA ARG B 565 -8.33 -12.43 38.62
C ARG B 565 -8.78 -11.88 37.28
N PRO B 566 -8.26 -10.75 36.78
CA PRO B 566 -8.78 -10.22 35.50
C PRO B 566 -8.70 -11.21 34.35
N LEU B 567 -7.62 -12.01 34.26
CA LEU B 567 -7.51 -13.05 33.23
C LEU B 567 -8.66 -14.06 33.31
N LEU B 568 -8.87 -14.60 34.50
CA LEU B 568 -9.97 -15.55 34.71
C LEU B 568 -11.30 -14.91 34.35
N ASN B 569 -11.49 -13.64 34.69
CA ASN B 569 -12.78 -13.02 34.37
C ASN B 569 -12.93 -12.88 32.86
N TYR B 570 -11.85 -12.54 32.17
CA TYR B 570 -11.91 -12.50 30.72
C TYR B 570 -12.44 -13.82 30.17
N PHE B 571 -11.88 -14.94 30.66
CA PHE B 571 -12.15 -16.23 30.03
C PHE B 571 -13.31 -16.99 30.70
N GLU B 572 -13.97 -16.41 31.70
CA GLU B 572 -14.99 -17.16 32.42
C GLU B 572 -16.11 -17.72 31.55
N PRO B 573 -16.71 -16.98 30.61
CA PRO B 573 -17.72 -17.62 29.74
C PRO B 573 -17.20 -18.84 29.01
N LEU B 574 -15.96 -18.76 28.51
CA LEU B 574 -15.35 -19.90 27.84
C LEU B 574 -15.05 -21.01 28.84
N PHE B 575 -14.62 -20.64 30.05
CA PHE B 575 -14.43 -21.66 31.09
C PHE B 575 -15.72 -22.45 31.31
N THR B 576 -16.84 -21.73 31.45
CA THR B 576 -18.11 -22.40 31.68
C THR B 576 -18.47 -23.34 30.53
N TRP B 577 -18.39 -22.82 29.30
CA TRP B 577 -18.72 -23.64 28.12
C TRP B 577 -17.82 -24.88 28.05
N LEU B 578 -16.51 -24.72 28.28
CA LEU B 578 -15.57 -25.83 28.29
C LEU B 578 -15.96 -26.87 29.33
N LYS B 579 -16.26 -26.43 30.55
CA LYS B 579 -16.66 -27.36 31.59
C LYS B 579 -17.84 -28.19 31.13
N ASP B 580 -18.80 -27.55 30.46
CA ASP B 580 -19.92 -28.35 29.96
C ASP B 580 -19.46 -29.32 28.86
N GLN B 581 -18.64 -28.87 27.92
CA GLN B 581 -18.23 -29.74 26.82
C GLN B 581 -17.49 -30.96 27.31
N ASN B 582 -16.72 -30.84 28.39
CA ASN B 582 -15.91 -31.95 28.87
C ASN B 582 -16.65 -32.86 29.86
N LYS B 583 -17.99 -32.76 29.93
CA LYS B 583 -18.72 -33.48 30.97
C LYS B 583 -18.61 -34.98 30.80
N ASN B 584 -18.49 -35.44 29.55
CA ASN B 584 -18.28 -36.84 29.23
C ASN B 584 -16.82 -37.19 28.93
N SER B 585 -16.01 -36.22 28.51
CA SER B 585 -14.59 -36.44 28.29
C SER B 585 -13.86 -36.65 29.62
N PHE B 586 -12.58 -37.03 29.52
CA PHE B 586 -11.68 -36.97 30.67
C PHE B 586 -11.06 -35.57 30.74
N VAL B 587 -10.76 -35.12 31.95
CA VAL B 587 -10.06 -33.84 32.16
C VAL B 587 -8.82 -34.12 32.99
N GLY B 588 -7.65 -33.70 32.47
CA GLY B 588 -6.35 -34.09 32.99
C GLY B 588 -5.62 -34.98 31.99
N TRP B 589 -4.46 -35.50 32.43
CA TRP B 589 -3.66 -36.32 31.53
C TRP B 589 -2.83 -37.33 32.33
N SER B 590 -2.40 -38.36 31.63
CA SER B 590 -1.56 -39.40 32.19
C SER B 590 -0.15 -39.21 31.65
N THR B 591 0.79 -39.02 32.58
CA THR B 591 2.18 -38.84 32.19
C THR B 591 2.75 -40.09 31.56
N ASP B 592 2.20 -41.26 31.89
CA ASP B 592 2.80 -42.52 31.42
C ASP B 592 2.54 -42.76 29.92
N TRP B 593 1.38 -42.33 29.43
CA TRP B 593 1.06 -42.55 28.03
C TRP B 593 1.95 -41.71 27.13
N SER B 594 2.52 -42.33 26.10
CA SER B 594 3.38 -41.69 25.11
C SER B 594 3.09 -42.29 23.74
N PRO B 595 3.39 -41.55 22.66
CA PRO B 595 3.12 -42.10 21.31
C PRO B 595 4.00 -43.28 20.95
N TYR B 596 5.30 -43.21 21.26
CA TYR B 596 6.21 -44.30 20.86
C TYR B 596 5.96 -45.56 21.67
N ALA B 597 5.76 -45.44 22.97
CA ALA B 597 5.50 -46.64 23.78
C ALA B 597 4.03 -47.04 23.75
C ACE C 1 7.75 13.14 -20.38
O ACE C 1 8.08 12.32 -19.52
CH3 ACE C 1 7.90 14.63 -20.22
N TYR C 2 7.23 12.81 -21.55
CA TYR C 2 6.97 11.42 -21.89
C TYR C 2 7.69 11.01 -23.18
N PHE C 3 8.45 9.93 -23.09
CA PHE C 3 9.16 9.40 -24.24
C PHE C 3 8.26 8.43 -24.98
N GLN C 4 8.47 8.36 -26.28
CA GLN C 4 7.52 7.67 -27.13
C GLN C 4 8.29 6.83 -28.15
N ARG C 5 7.74 5.65 -28.46
CA ARG C 5 8.20 4.82 -29.56
C ARG C 5 7.69 5.37 -30.89
N SER C 6 8.17 6.56 -31.24
CA SER C 6 7.74 7.25 -32.45
C SER C 6 8.90 8.06 -33.02
N VAL C 7 9.22 7.82 -34.27
CA VAL C 7 10.27 8.63 -34.89
C VAL C 7 9.75 10.03 -35.12
N ARG C 8 8.48 10.14 -35.49
CA ARG C 8 7.91 11.45 -35.81
C ARG C 8 7.73 12.31 -34.56
N LEU C 9 7.34 11.68 -33.44
CA LEU C 9 7.07 12.39 -32.20
C LEU C 9 7.78 11.69 -31.03
N PRO C 10 9.10 11.88 -30.91
CA PRO C 10 9.83 11.11 -29.87
C PRO C 10 9.48 11.52 -28.46
N TYR C 11 9.15 12.78 -28.24
CA TYR C 11 9.03 13.30 -26.87
C TYR C 11 7.79 14.16 -26.73
N LEU C 12 7.01 13.89 -25.68
CA LEU C 12 5.82 14.68 -25.35
C LEU C 12 6.10 15.51 -24.12
N ARG C 13 5.59 16.74 -24.09
CA ARG C 13 5.79 17.60 -22.92
C ARG C 13 5.00 17.05 -21.73
N CYS C 14 5.65 16.91 -20.57
CA CYS C 14 4.91 16.41 -19.39
C CYS C 14 4.22 17.57 -18.70
N NH2 C 15 4.07 17.01 -17.38
C ACE D 1 20.99 -6.76 17.37
O ACE D 1 20.58 -6.00 16.49
CH3 ACE D 1 21.78 -8.02 17.08
N TYR D 2 20.79 -6.51 18.66
CA TYR D 2 20.04 -5.35 19.14
C TYR D 2 20.78 -4.63 20.27
N PHE D 3 20.92 -3.30 20.18
CA PHE D 3 21.56 -2.57 21.24
C PHE D 3 20.50 -2.02 22.19
N GLN D 4 20.87 -1.93 23.46
CA GLN D 4 19.94 -1.59 24.54
C GLN D 4 20.49 -0.49 25.41
N ARG D 5 19.58 0.33 25.95
CA ARG D 5 19.92 1.29 26.99
C ARG D 5 19.94 0.58 28.33
N SER D 6 20.95 -0.27 28.52
CA SER D 6 21.11 -1.03 29.74
C SER D 6 22.59 -1.28 30.03
N VAL D 7 23.01 -0.99 31.25
CA VAL D 7 24.39 -1.24 31.62
C VAL D 7 24.58 -2.73 31.89
N ARG D 8 23.61 -3.32 32.57
CA ARG D 8 23.72 -4.72 32.95
C ARG D 8 23.73 -5.62 31.71
N LEU D 9 22.91 -5.29 30.71
CA LEU D 9 22.85 -6.13 29.51
C LEU D 9 22.77 -5.28 28.25
N PRO D 10 23.91 -4.77 27.76
CA PRO D 10 23.85 -3.74 26.71
C PRO D 10 23.51 -4.27 25.34
N TYR D 11 23.75 -5.56 25.05
CA TYR D 11 23.62 -6.04 23.68
C TYR D 11 22.89 -7.36 23.64
N LEU D 12 22.00 -7.52 22.67
CA LEU D 12 21.11 -8.66 22.57
C LEU D 12 21.35 -9.38 21.26
N ARG D 13 21.51 -10.69 21.30
CA ARG D 13 21.81 -11.40 20.06
C ARG D 13 20.60 -11.31 19.13
N CYS D 14 20.85 -11.04 17.84
CA CYS D 14 19.76 -10.98 16.86
C CYS D 14 19.46 -12.36 16.28
N NH2 D 15 19.05 -11.93 14.98
C1 NAG E . 13.45 12.63 -4.94
C2 NAG E . 14.25 11.42 -4.56
C3 NAG E . 14.87 11.62 -3.19
C4 NAG E . 15.68 12.92 -3.14
C5 NAG E . 14.87 14.12 -3.68
C6 NAG E . 15.70 15.38 -3.84
C7 NAG E . 12.40 9.91 -3.82
C8 NAG E . 11.74 8.59 -4.03
N2 NAG E . 13.46 10.18 -4.59
O3 NAG E . 15.72 10.52 -2.93
O4 NAG E . 15.99 13.25 -1.79
O5 NAG E . 14.31 13.79 -4.95
O6 NAG E . 14.96 16.58 -3.67
O7 NAG E . 12.01 10.70 -2.95
C1 NAG E . 17.32 12.88 -1.44
C2 NAG E . 17.50 13.41 -0.01
C3 NAG E . 18.88 13.00 0.54
C4 NAG E . 19.14 11.50 0.36
C5 NAG E . 18.91 11.07 -1.09
C6 NAG E . 19.00 9.57 -1.31
C7 NAG E . 16.21 15.48 0.29
C8 NAG E . 16.27 16.98 0.28
N2 NAG E . 17.36 14.85 0.04
O3 NAG E . 18.97 13.34 1.92
O4 NAG E . 20.46 11.17 0.76
O5 NAG E . 17.58 11.46 -1.49
O6 NAG E . 18.57 9.17 -2.61
O7 NAG E . 15.16 14.89 0.57
C1 NAG F . 10.19 -10.74 -42.44
C2 NAG F . 9.43 -12.05 -42.61
C3 NAG F . 9.32 -12.82 -41.27
C4 NAG F . 10.67 -12.89 -40.53
C5 NAG F . 11.26 -11.49 -40.46
C6 NAG F . 12.59 -11.43 -39.75
C7 NAG F . 7.75 -12.35 -44.40
C8 NAG F . 6.36 -12.01 -44.86
N2 NAG F . 8.13 -11.83 -43.22
O3 NAG F . 8.78 -14.13 -41.48
O4 NAG F . 10.53 -13.36 -39.18
O5 NAG F . 11.45 -10.97 -41.78
O6 NAG F . 12.85 -10.12 -39.24
O7 NAG F . 8.50 -13.03 -45.09
C1 NAG F . 10.85 -14.76 -38.97
C2 NAG F . 11.06 -15.22 -37.51
C3 NAG F . 11.16 -16.76 -37.48
C4 NAG F . 9.95 -17.46 -38.11
C5 NAG F . 9.70 -17.02 -39.56
C6 NAG F . 8.33 -17.47 -40.08
C7 NAG F . 12.47 -13.35 -36.60
C8 NAG F . 13.78 -13.05 -35.95
N2 NAG F . 12.26 -14.64 -36.88
O3 NAG F . 11.36 -17.14 -36.14
O4 NAG F . 10.12 -18.87 -38.07
O5 NAG F . 9.72 -15.58 -39.61
O6 NAG F . 7.37 -17.66 -39.05
O7 NAG F . 11.59 -12.49 -36.75
C1 NAG G . -18.68 -13.05 -12.79
C2 NAG G . -19.80 -12.26 -12.19
C3 NAG G . -19.67 -12.22 -10.69
C4 NAG G . -19.61 -13.65 -10.17
C5 NAG G . -18.52 -14.48 -10.86
C6 NAG G . -18.63 -15.96 -10.53
C7 NAG G . -21.07 -10.39 -13.16
C8 NAG G . -21.00 -9.00 -13.72
N2 NAG G . -19.90 -10.93 -12.77
O3 NAG G . -20.75 -11.51 -10.09
O4 NAG G . -19.46 -13.62 -8.75
O5 NAG G . -18.69 -14.39 -12.28
O6 NAG G . -19.72 -16.62 -11.16
O7 NAG G . -22.13 -11.02 -13.09
C1 NAG G . -20.64 -14.29 -8.32
C2 NAG G . -20.29 -14.48 -6.87
C3 NAG G . -21.45 -15.18 -6.12
C4 NAG G . -22.81 -14.55 -6.48
C5 NAG G . -22.95 -14.31 -7.99
C6 NAG G . -24.17 -13.51 -8.40
C7 NAG G . -17.96 -14.92 -6.05
C8 NAG G . -16.74 -15.80 -6.20
N2 NAG G . -19.02 -15.24 -6.81
O3 NAG G . -21.24 -15.23 -4.71
O4 NAG G . -23.91 -15.28 -5.94
O5 NAG G . -21.84 -13.54 -8.43
O6 NAG G . -23.93 -13.07 -9.73
O7 NAG G . -17.94 -13.91 -5.33
C1 NAG H . 17.51 16.34 40.27
C2 NAG H . 16.44 17.34 40.64
C3 NAG H . 15.65 17.80 39.41
C4 NAG H . 16.58 18.27 38.29
C5 NAG H . 17.69 17.22 38.03
C6 NAG H . 18.79 17.74 37.13
C7 NAG H . 15.12 17.56 42.73
C8 NAG H . 14.26 16.85 43.74
N2 NAG H . 15.58 16.83 41.70
O3 NAG H . 14.63 18.75 39.70
O4 NAG H . 15.87 18.56 37.07
O5 NAG H . 18.36 16.90 39.26
O6 NAG H . 19.51 16.64 36.57
O7 NAG H . 15.46 18.74 42.89
C1 NAG H . 15.73 19.98 36.91
C2 NAG H . 15.56 20.30 35.44
C3 NAG H . 15.33 21.79 35.24
C4 NAG H . 14.09 22.22 36.02
C5 NAG H . 14.22 21.80 37.50
C6 NAG H . 12.92 21.95 38.24
C7 NAG H . 16.61 18.70 33.89
C8 NAG H . 17.85 18.33 33.12
N2 NAG H . 16.68 19.81 34.64
O3 NAG H . 15.16 22.08 33.86
O4 NAG H . 13.86 23.62 35.91
O5 NAG H . 14.58 20.41 37.62
O6 NAG H . 12.09 20.82 38.02
O7 NAG H . 15.58 18.02 33.82
C1 NAG I . -14.89 5.74 16.55
C2 NAG I . -15.63 4.50 16.10
C3 NAG I . -15.92 4.60 14.62
C4 NAG I . -16.71 5.88 14.32
C5 NAG I . -16.00 7.13 14.84
C6 NAG I . -16.85 8.39 14.74
C7 NAG I . -15.28 2.45 17.39
C8 NAG I . -14.41 1.24 17.60
N2 NAG I . -14.91 3.29 16.41
O3 NAG I . -16.69 3.48 14.21
O4 NAG I . -16.79 5.97 12.91
O5 NAG I . -15.66 6.95 16.22
O6 NAG I . -16.41 9.47 15.57
O7 NAG I . -16.29 2.65 18.06
C1 NAG I . -18.13 6.12 12.50
C2 NAG I . -17.94 6.78 11.14
C3 NAG I . -19.28 7.08 10.53
C4 NAG I . -20.16 5.83 10.52
C5 NAG I . -20.17 5.07 11.87
C6 NAG I . -20.81 3.71 11.76
C7 NAG I . -16.17 8.35 10.39
C8 NAG I . -15.96 7.44 9.21
N2 NAG I . -17.11 7.97 11.28
O3 NAG I . -19.16 7.66 9.24
O4 NAG I . -21.52 6.16 10.19
O5 NAG I . -18.83 4.88 12.34
O6 NAG I . -20.11 2.86 10.85
O7 NAG I . -15.49 9.36 10.56
C1 BMA I . -21.82 5.95 8.78
C2 BMA I . -23.26 5.33 8.65
C3 BMA I . -23.77 5.44 7.20
C4 BMA I . -23.59 6.88 6.67
C5 BMA I . -22.10 7.30 6.77
C6 BMA I . -21.81 8.73 6.30
O2 BMA I . -24.18 6.03 9.49
O3 BMA I . -25.15 4.99 7.08
O4 BMA I . -24.03 6.96 5.30
O5 BMA I . -21.70 7.21 8.15
O6 BMA I . -20.49 9.09 6.69
ZN ZN J . -6.51 7.50 -22.19
C1 NAG K . 13.85 13.52 -45.63
C2 NAG K . 13.20 12.82 -46.81
C3 NAG K . 14.26 12.38 -47.82
C4 NAG K . 15.17 13.54 -48.20
C5 NAG K . 15.69 14.27 -46.95
C6 NAG K . 16.42 15.55 -47.28
C7 NAG K . 11.00 11.74 -46.44
C8 NAG K . 10.29 10.49 -45.99
N2 NAG K . 12.35 11.71 -46.39
O3 NAG K . 13.62 11.82 -48.98
O4 NAG K . 16.24 13.12 -49.05
O5 NAG K . 14.60 14.63 -46.10
O6 NAG K . 15.54 16.67 -47.28
O7 NAG K . 10.39 12.75 -46.78
C1 NAG L . -3.35 -13.54 -11.12
C2 NAG L . -3.73 -13.80 -9.61
C3 NAG L . -3.96 -15.33 -9.31
C4 NAG L . -4.67 -16.07 -10.43
C5 NAG L . -3.94 -15.76 -11.73
C6 NAG L . -4.36 -16.55 -12.96
C7 NAG L . -2.65 -13.42 -7.37
C8 NAG L . -1.52 -12.72 -6.64
N2 NAG L . -2.72 -13.24 -8.72
O3 NAG L . -4.78 -15.50 -8.14
O4 NAG L . -4.57 -17.46 -10.20
O5 NAG L . -4.16 -14.39 -12.00
O6 NAG L . -3.83 -15.99 -14.16
O7 NAG L . -3.40 -14.18 -6.78
CL CL M . -11.79 28.92 -22.96
C1 NAG N . 22.63 -4.42 1.08
C2 NAG N . 22.79 -3.08 0.41
C3 NAG N . 22.97 -3.27 -1.10
C4 NAG N . 24.13 -4.22 -1.38
C5 NAG N . 23.93 -5.54 -0.63
C6 NAG N . 25.08 -6.52 -0.78
C7 NAG N . 20.43 -2.30 0.31
C8 NAG N . 19.46 -1.23 0.75
N2 NAG N . 21.69 -2.16 0.72
O3 NAG N . 23.19 -2.02 -1.73
O4 NAG N . 24.25 -4.45 -2.78
O5 NAG N . 23.77 -5.27 0.77
O6 NAG N . 24.68 -7.89 -0.72
O7 NAG N . 20.05 -3.26 -0.36
C1 NAG O . 31.21 -3.44 40.84
C2 NAG O . 30.59 -3.34 42.23
C3 NAG O . 31.48 -2.48 43.14
C4 NAG O . 32.95 -2.91 43.09
C5 NAG O . 33.42 -3.09 41.64
C6 NAG O . 34.82 -3.68 41.52
C7 NAG O . 28.11 -3.49 42.21
C8 NAG O . 26.82 -2.71 42.11
N2 NAG O . 29.25 -2.77 42.15
O3 NAG O . 31.01 -2.58 44.49
O4 NAG O . 33.79 -1.97 43.77
O5 NAG O . 32.52 -3.97 40.95
O6 NAG O . 34.89 -5.02 41.99
O7 NAG O . 28.10 -4.70 42.35
C1 NAG P . -2.67 13.02 12.52
C2 NAG P . -2.89 14.43 13.16
C3 NAG P . -3.98 15.23 12.39
C4 NAG P . -3.69 15.22 10.88
C5 NAG P . -3.57 13.78 10.41
C6 NAG P . -3.33 13.60 8.93
C7 NAG P . -2.38 14.34 15.59
C8 NAG P . -2.97 14.18 16.97
N2 NAG P . -3.25 14.31 14.57
O3 NAG P . -4.07 16.57 12.87
O4 NAG P . -4.70 15.90 10.15
O5 NAG P . -2.46 13.17 11.08
O6 NAG P . -2.82 12.29 8.64
O7 NAG P . -1.17 14.50 15.43
C1 NAG Q . -27.07 -19.59 23.69
C2 NAG Q . -26.70 -20.93 24.33
C3 NAG Q . -27.85 -21.94 24.15
C4 NAG Q . -29.16 -21.34 24.67
C5 NAG Q . -29.41 -19.95 24.07
C6 NAG Q . -30.61 -19.25 24.67
C7 NAG Q . -24.27 -21.42 24.44
C8 NAG Q . -23.10 -22.04 23.72
N2 NAG Q . -25.45 -21.47 23.78
O3 NAG Q . -27.55 -23.12 24.88
O4 NAG Q . -30.28 -22.18 24.40
O5 NAG Q . -28.27 -19.09 24.29
O6 NAG Q . -30.40 -18.83 26.01
O7 NAG Q . -24.14 -20.89 25.54
ZN ZN R . 6.69 -7.24 21.07
CL CL S . 10.77 -29.10 22.57
#